data_2GLW
#
_entry.id   2GLW
#
_cell.length_a   1.000
_cell.length_b   1.000
_cell.length_c   1.000
_cell.angle_alpha   90.00
_cell.angle_beta   90.00
_cell.angle_gamma   90.00
#
_symmetry.space_group_name_H-M   'P 1'
#
_entity_poly.entity_id   1
_entity_poly.type   'polypeptide(L)'
_entity_poly.pdbx_seq_one_letter_code
;MDVLAKFHTTVHRIGRIIIPAGTRKFYGIEQGDFVEIKIVKYEGEEPKEGTFTARVGEQGSVIIPKALRDVIGIKPGEVI
EVLLLGHYKPRN
;
_entity_poly.pdbx_strand_id   A
#
# COMPACT_ATOMS: atom_id res chain seq x y z
N MET A 1 -2.65 6.04 14.16
CA MET A 1 -2.47 7.47 13.77
C MET A 1 -3.55 7.90 12.78
N ASP A 2 -3.40 9.06 12.20
CA ASP A 2 -4.41 9.55 11.21
C ASP A 2 -4.27 8.78 9.89
N VAL A 3 -5.38 8.52 9.24
CA VAL A 3 -5.34 7.81 7.93
C VAL A 3 -6.12 8.61 6.89
N LEU A 4 -5.59 8.72 5.70
CA LEU A 4 -6.31 9.48 4.63
C LEU A 4 -7.31 8.56 3.88
N ALA A 5 -7.14 7.27 4.00
CA ALA A 5 -8.10 6.31 3.35
C ALA A 5 -7.78 4.89 3.82
N LYS A 6 -8.76 4.02 3.84
CA LYS A 6 -8.54 2.65 4.36
C LYS A 6 -9.16 1.62 3.40
N PHE A 7 -8.37 0.66 2.94
CA PHE A 7 -8.91 -0.36 2.00
C PHE A 7 -8.17 -1.69 2.14
N HIS A 8 -8.73 -2.76 1.66
CA HIS A 8 -8.10 -4.10 1.82
C HIS A 8 -7.66 -4.65 0.46
N THR A 9 -6.50 -5.26 0.40
CA THR A 9 -6.02 -5.87 -0.87
C THR A 9 -5.11 -7.07 -0.55
N THR A 10 -4.87 -7.94 -1.52
CA THR A 10 -3.94 -9.09 -1.26
C THR A 10 -2.65 -8.90 -2.07
N VAL A 11 -1.59 -9.53 -1.65
CA VAL A 11 -0.27 -9.35 -2.32
C VAL A 11 -0.22 -10.17 -3.61
N HIS A 12 0.25 -9.58 -4.67
CA HIS A 12 0.46 -10.34 -5.93
C HIS A 12 1.96 -10.42 -6.25
N ARG A 13 2.32 -11.19 -7.24
CA ARG A 13 3.78 -11.41 -7.56
C ARG A 13 4.57 -10.08 -7.58
N ILE A 14 5.85 -10.17 -7.29
CA ILE A 14 6.73 -8.93 -7.16
C ILE A 14 6.29 -8.02 -6.00
N GLY A 15 5.34 -8.43 -5.18
CA GLY A 15 4.91 -7.55 -4.04
C GLY A 15 3.98 -6.43 -4.54
N ARG A 16 3.44 -6.55 -5.74
CA ARG A 16 2.60 -5.46 -6.30
C ARG A 16 1.15 -5.61 -5.83
N ILE A 17 0.48 -4.51 -5.56
CA ILE A 17 -0.98 -4.57 -5.24
C ILE A 17 -1.73 -3.49 -6.04
N ILE A 18 -3.00 -3.67 -6.23
CA ILE A 18 -3.80 -2.61 -6.95
C ILE A 18 -4.87 -2.03 -6.02
N ILE A 19 -4.93 -0.74 -5.92
CA ILE A 19 -6.01 -0.09 -5.11
C ILE A 19 -7.31 -0.06 -5.94
N PRO A 20 -8.44 -0.18 -5.27
CA PRO A 20 -9.74 -0.05 -5.98
C PRO A 20 -9.88 1.35 -6.55
N ALA A 21 -10.46 1.47 -7.71
CA ALA A 21 -10.61 2.81 -8.36
C ALA A 21 -11.38 3.77 -7.43
N GLY A 22 -12.23 3.23 -6.58
CA GLY A 22 -13.02 4.10 -5.66
C GLY A 22 -12.10 4.85 -4.70
N THR A 23 -11.12 4.16 -4.14
CA THR A 23 -10.18 4.82 -3.18
C THR A 23 -9.29 5.81 -3.94
N ARG A 24 -8.85 5.45 -5.12
CA ARG A 24 -8.00 6.42 -5.93
C ARG A 24 -8.77 7.73 -6.13
N LYS A 25 -10.04 7.62 -6.42
CA LYS A 25 -10.87 8.83 -6.70
C LYS A 25 -11.02 9.69 -5.45
N PHE A 26 -11.40 9.07 -4.35
CA PHE A 26 -11.54 9.82 -3.06
C PHE A 26 -10.21 10.47 -2.67
N TYR A 27 -9.12 9.80 -2.95
CA TYR A 27 -7.78 10.29 -2.50
C TYR A 27 -7.17 11.28 -3.51
N GLY A 28 -7.71 11.35 -4.72
CA GLY A 28 -7.19 12.34 -5.72
C GLY A 28 -5.85 11.85 -6.28
N ILE A 29 -5.72 10.57 -6.53
CA ILE A 29 -4.40 10.01 -6.99
C ILE A 29 -4.34 9.97 -8.51
N GLU A 30 -3.26 10.44 -9.07
CA GLU A 30 -3.01 10.29 -10.53
C GLU A 30 -1.62 9.71 -10.76
N GLN A 31 -1.36 9.16 -11.92
CA GLN A 31 -0.02 8.58 -12.21
C GLN A 31 1.08 9.64 -12.02
N GLY A 32 2.18 9.26 -11.42
CA GLY A 32 3.30 10.22 -11.22
C GLY A 32 3.21 10.87 -9.82
N ASP A 33 2.08 10.78 -9.15
CA ASP A 33 1.97 11.35 -7.77
C ASP A 33 2.65 10.42 -6.76
N PHE A 34 2.98 10.93 -5.60
CA PHE A 34 3.56 10.06 -4.53
C PHE A 34 2.57 9.96 -3.37
N VAL A 35 2.42 8.78 -2.81
CA VAL A 35 1.59 8.64 -1.58
C VAL A 35 2.37 7.86 -0.53
N GLU A 36 2.05 8.04 0.74
CA GLU A 36 2.80 7.33 1.81
C GLU A 36 1.82 6.44 2.56
N ILE A 37 2.12 5.17 2.64
CA ILE A 37 1.09 4.20 3.11
C ILE A 37 1.71 3.14 4.02
N LYS A 38 0.91 2.51 4.83
CA LYS A 38 1.41 1.42 5.71
C LYS A 38 0.48 0.20 5.64
N ILE A 39 1.03 -0.99 5.73
CA ILE A 39 0.18 -2.23 5.71
C ILE A 39 0.25 -2.95 7.05
N VAL A 40 -0.80 -3.65 7.39
CA VAL A 40 -0.80 -4.46 8.64
C VAL A 40 -1.47 -5.82 8.39
N LYS A 41 -0.78 -6.88 8.67
CA LYS A 41 -1.37 -8.24 8.55
C LYS A 41 -1.07 -9.04 9.82
N TYR A 42 -1.98 -9.88 10.24
CA TYR A 42 -1.75 -10.65 11.51
C TYR A 42 -1.36 -12.09 11.20
N GLU A 43 -0.30 -12.57 11.80
CA GLU A 43 0.11 -14.00 11.60
C GLU A 43 0.39 -14.65 12.95
N GLY A 44 -0.19 -15.80 13.19
CA GLY A 44 0.02 -16.50 14.50
C GLY A 44 -0.49 -15.61 15.64
N GLU A 45 0.35 -15.40 16.64
CA GLU A 45 -0.04 -14.50 17.76
C GLU A 45 0.68 -13.13 17.68
N GLU A 46 1.28 -12.81 16.56
CA GLU A 46 2.03 -11.52 16.46
C GLU A 46 1.63 -10.76 15.16
N PRO A 47 1.28 -9.49 15.30
CA PRO A 47 0.98 -8.67 14.10
C PRO A 47 2.27 -8.28 13.37
N LYS A 48 2.27 -8.32 12.07
CA LYS A 48 3.43 -7.80 11.28
C LYS A 48 3.02 -6.51 10.55
N GLU A 49 3.87 -5.52 10.55
CA GLU A 49 3.52 -4.22 9.90
C GLU A 49 4.68 -3.71 9.03
N GLY A 50 4.38 -2.79 8.15
CA GLY A 50 5.44 -2.20 7.27
C GLY A 50 4.98 -0.85 6.74
N THR A 51 5.85 0.13 6.76
CA THR A 51 5.48 1.48 6.20
C THR A 51 6.48 1.88 5.13
N PHE A 52 6.01 2.44 4.03
CA PHE A 52 6.97 2.92 2.97
C PHE A 52 6.33 4.02 2.11
N THR A 53 7.10 4.61 1.23
CA THR A 53 6.52 5.59 0.26
C THR A 53 6.48 4.96 -1.14
N ALA A 54 5.44 5.22 -1.89
CA ALA A 54 5.29 4.56 -3.22
C ALA A 54 4.74 5.54 -4.26
N ARG A 55 5.16 5.39 -5.50
CA ARG A 55 4.62 6.25 -6.59
C ARG A 55 3.44 5.53 -7.26
N VAL A 56 2.47 6.28 -7.70
CA VAL A 56 1.29 5.65 -8.39
C VAL A 56 1.66 5.32 -9.84
N GLY A 57 1.48 4.08 -10.20
CA GLY A 57 1.77 3.65 -11.61
C GLY A 57 0.47 3.47 -12.38
N GLU A 58 0.54 2.85 -13.52
CA GLU A 58 -0.68 2.64 -14.36
C GLU A 58 -1.69 1.78 -13.61
N GLN A 59 -2.95 1.94 -13.91
CA GLN A 59 -4.03 1.15 -13.23
C GLN A 59 -3.95 1.28 -11.69
N GLY A 60 -3.30 2.31 -11.18
CA GLY A 60 -3.37 2.57 -9.70
C GLY A 60 -2.52 1.55 -8.94
N SER A 61 -1.58 0.92 -9.59
CA SER A 61 -0.76 -0.13 -8.91
C SER A 61 0.30 0.51 -8.02
N VAL A 62 0.65 -0.13 -6.94
CA VAL A 62 1.75 0.37 -6.06
C VAL A 62 2.61 -0.81 -5.58
N ILE A 63 3.89 -0.61 -5.43
CA ILE A 63 4.80 -1.76 -5.08
C ILE A 63 5.32 -1.62 -3.65
N ILE A 64 5.08 -2.60 -2.82
CA ILE A 64 5.70 -2.62 -1.45
C ILE A 64 7.17 -3.09 -1.56
N PRO A 65 8.03 -2.53 -0.73
CA PRO A 65 9.47 -2.92 -0.78
C PRO A 65 9.66 -4.39 -0.40
N LYS A 66 10.43 -5.12 -1.17
CA LYS A 66 10.67 -6.57 -0.89
C LYS A 66 11.19 -6.77 0.54
N ALA A 67 11.97 -5.83 1.02
CA ALA A 67 12.55 -5.96 2.40
C ALA A 67 11.43 -6.07 3.44
N LEU A 68 10.37 -5.34 3.24
CA LEU A 68 9.22 -5.43 4.19
C LEU A 68 8.40 -6.70 3.95
N ARG A 69 8.32 -7.16 2.72
CA ARG A 69 7.56 -8.43 2.43
C ARG A 69 8.15 -9.58 3.26
N ASP A 70 9.46 -9.68 3.28
CA ASP A 70 10.12 -10.83 3.96
C ASP A 70 9.96 -10.71 5.47
N VAL A 71 10.23 -9.54 6.02
CA VAL A 71 10.13 -9.36 7.50
C VAL A 71 8.70 -9.64 7.97
N ILE A 72 7.74 -9.25 7.20
CA ILE A 72 6.31 -9.42 7.61
C ILE A 72 5.81 -10.84 7.29
N GLY A 73 6.50 -11.56 6.43
CA GLY A 73 6.11 -12.99 6.16
C GLY A 73 4.88 -13.02 5.23
N ILE A 74 4.81 -12.10 4.30
CA ILE A 74 3.58 -11.99 3.44
C ILE A 74 3.72 -12.86 2.19
N LYS A 75 2.64 -13.48 1.77
CA LYS A 75 2.70 -14.40 0.59
C LYS A 75 1.60 -14.04 -0.44
N PRO A 76 1.80 -14.43 -1.69
CA PRO A 76 0.78 -14.16 -2.73
C PRO A 76 -0.59 -14.72 -2.33
N GLY A 77 -1.63 -13.94 -2.50
CA GLY A 77 -3.02 -14.44 -2.22
C GLY A 77 -3.44 -14.14 -0.77
N GLU A 78 -2.59 -13.52 0.01
CA GLU A 78 -2.97 -13.19 1.43
C GLU A 78 -3.47 -11.76 1.54
N VAL A 79 -4.55 -11.55 2.23
CA VAL A 79 -5.16 -10.19 2.29
C VAL A 79 -4.63 -9.41 3.49
N ILE A 80 -4.25 -8.18 3.26
CA ILE A 80 -3.81 -7.28 4.37
C ILE A 80 -4.69 -6.03 4.38
N GLU A 81 -4.73 -5.34 5.49
CA GLU A 81 -5.48 -4.05 5.56
C GLU A 81 -4.50 -2.90 5.39
N VAL A 82 -4.83 -1.97 4.52
CA VAL A 82 -3.84 -0.92 4.14
C VAL A 82 -4.34 0.46 4.58
N LEU A 83 -3.50 1.20 5.24
CA LEU A 83 -3.87 2.57 5.71
C LEU A 83 -2.99 3.61 5.01
N LEU A 84 -3.56 4.64 4.46
CA LEU A 84 -2.74 5.76 3.90
C LEU A 84 -2.27 6.68 5.04
N LEU A 85 -1.06 7.16 4.96
CA LEU A 85 -0.52 8.02 6.06
C LEU A 85 -0.34 9.47 5.56
N GLY A 86 -0.01 9.65 4.30
CA GLY A 86 0.24 11.04 3.79
C GLY A 86 0.33 11.06 2.26
N HIS A 87 0.58 12.21 1.69
CA HIS A 87 0.67 12.32 0.20
C HIS A 87 1.67 13.43 -0.20
N TYR A 88 2.30 13.29 -1.35
CA TYR A 88 3.20 14.38 -1.86
C TYR A 88 2.90 14.65 -3.33
N LYS A 89 2.88 15.91 -3.72
CA LYS A 89 2.58 16.25 -5.15
C LYS A 89 3.73 17.06 -5.76
N PRO A 90 3.93 16.93 -7.06
CA PRO A 90 5.00 17.70 -7.76
C PRO A 90 4.81 19.21 -7.53
N ARG A 91 5.89 19.95 -7.50
CA ARG A 91 5.79 21.43 -7.30
C ARG A 91 6.44 22.17 -8.46
N ASN A 92 5.85 23.26 -8.88
CA ASN A 92 6.41 24.04 -10.03
C ASN A 92 6.68 25.49 -9.61
N MET A 1 -3.08 8.60 14.94
CA MET A 1 -2.58 8.35 13.56
C MET A 1 -3.65 8.73 12.53
N ASP A 2 -3.46 9.83 11.85
CA ASP A 2 -4.44 10.26 10.80
C ASP A 2 -4.25 9.43 9.53
N VAL A 3 -5.33 9.06 8.88
CA VAL A 3 -5.20 8.29 7.62
C VAL A 3 -6.00 8.98 6.50
N LEU A 4 -5.48 8.99 5.32
CA LEU A 4 -6.18 9.69 4.19
C LEU A 4 -7.17 8.74 3.49
N ALA A 5 -7.03 7.45 3.69
CA ALA A 5 -8.01 6.47 3.11
C ALA A 5 -7.72 5.07 3.64
N LYS A 6 -8.71 4.20 3.64
CA LYS A 6 -8.50 2.80 4.12
C LYS A 6 -9.11 1.80 3.15
N PHE A 7 -8.35 0.83 2.70
CA PHE A 7 -8.89 -0.20 1.77
C PHE A 7 -8.19 -1.55 1.97
N HIS A 8 -8.79 -2.61 1.51
CA HIS A 8 -8.20 -3.98 1.72
C HIS A 8 -7.71 -4.56 0.39
N THR A 9 -6.56 -5.17 0.38
CA THR A 9 -6.04 -5.82 -0.86
C THR A 9 -5.13 -7.01 -0.49
N THR A 10 -4.88 -7.90 -1.42
CA THR A 10 -3.95 -9.03 -1.12
C THR A 10 -2.66 -8.87 -1.93
N VAL A 11 -1.60 -9.51 -1.50
CA VAL A 11 -0.28 -9.36 -2.20
C VAL A 11 -0.25 -10.21 -3.47
N HIS A 12 0.25 -9.65 -4.54
CA HIS A 12 0.43 -10.44 -5.79
C HIS A 12 1.92 -10.57 -6.10
N ARG A 13 2.26 -11.36 -7.08
CA ARG A 13 3.70 -11.64 -7.40
C ARG A 13 4.54 -10.34 -7.44
N ILE A 14 5.82 -10.45 -7.14
CA ILE A 14 6.73 -9.25 -7.06
C ILE A 14 6.30 -8.26 -5.94
N GLY A 15 5.35 -8.61 -5.10
CA GLY A 15 4.93 -7.69 -4.00
C GLY A 15 4.03 -6.57 -4.55
N ARG A 16 3.50 -6.73 -5.75
CA ARG A 16 2.68 -5.64 -6.36
C ARG A 16 1.24 -5.72 -5.86
N ILE A 17 0.61 -4.59 -5.65
CA ILE A 17 -0.84 -4.58 -5.29
C ILE A 17 -1.58 -3.54 -6.13
N ILE A 18 -2.86 -3.71 -6.35
CA ILE A 18 -3.65 -2.68 -7.08
C ILE A 18 -4.73 -2.11 -6.18
N ILE A 19 -4.81 -0.81 -6.06
CA ILE A 19 -5.91 -0.19 -5.26
C ILE A 19 -7.19 -0.15 -6.10
N PRO A 20 -8.33 -0.34 -5.48
CA PRO A 20 -9.62 -0.21 -6.21
C PRO A 20 -9.79 1.22 -6.70
N ALA A 21 -10.36 1.40 -7.86
CA ALA A 21 -10.52 2.77 -8.43
C ALA A 21 -11.33 3.65 -7.47
N GLY A 22 -12.18 3.04 -6.66
CA GLY A 22 -13.00 3.85 -5.71
C GLY A 22 -12.09 4.54 -4.69
N THR A 23 -11.12 3.83 -4.16
CA THR A 23 -10.21 4.45 -3.15
C THR A 23 -9.31 5.49 -3.82
N ARG A 24 -8.85 5.22 -5.03
CA ARG A 24 -8.02 6.24 -5.77
C ARG A 24 -8.80 7.56 -5.88
N LYS A 25 -10.08 7.45 -6.13
CA LYS A 25 -10.93 8.67 -6.31
C LYS A 25 -11.01 9.45 -4.99
N PHE A 26 -11.32 8.79 -3.92
CA PHE A 26 -11.41 9.47 -2.59
C PHE A 26 -10.09 10.17 -2.24
N TYR A 27 -8.99 9.53 -2.55
CA TYR A 27 -7.65 10.10 -2.17
C TYR A 27 -7.13 11.06 -3.26
N GLY A 28 -7.73 11.06 -4.45
CA GLY A 28 -7.27 12.00 -5.52
C GLY A 28 -5.95 11.49 -6.12
N ILE A 29 -5.84 10.20 -6.37
CA ILE A 29 -4.56 9.64 -6.89
C ILE A 29 -4.53 9.71 -8.43
N GLU A 30 -3.48 10.28 -8.96
CA GLU A 30 -3.25 10.23 -10.43
C GLU A 30 -1.82 9.73 -10.70
N GLN A 31 -1.57 9.22 -11.88
CA GLN A 31 -0.19 8.69 -12.19
C GLN A 31 0.86 9.78 -11.98
N GLY A 32 1.98 9.43 -11.40
CA GLY A 32 3.07 10.43 -11.17
C GLY A 32 2.97 11.03 -9.76
N ASP A 33 1.85 10.88 -9.08
CA ASP A 33 1.75 11.41 -7.68
C ASP A 33 2.48 10.48 -6.71
N PHE A 34 2.88 11.00 -5.57
CA PHE A 34 3.50 10.13 -4.53
C PHE A 34 2.56 10.03 -3.33
N VAL A 35 2.42 8.85 -2.77
CA VAL A 35 1.62 8.72 -1.52
C VAL A 35 2.43 7.92 -0.49
N GLU A 36 2.18 8.14 0.78
CA GLU A 36 2.92 7.40 1.84
C GLU A 36 1.95 6.53 2.60
N ILE A 37 2.19 5.25 2.65
CA ILE A 37 1.14 4.31 3.12
C ILE A 37 1.72 3.22 4.03
N LYS A 38 0.89 2.63 4.84
CA LYS A 38 1.36 1.54 5.75
C LYS A 38 0.41 0.34 5.67
N ILE A 39 0.93 -0.86 5.74
CA ILE A 39 0.06 -2.08 5.72
C ILE A 39 0.14 -2.82 7.05
N VAL A 40 -0.91 -3.51 7.41
CA VAL A 40 -0.90 -4.32 8.66
C VAL A 40 -1.61 -5.66 8.42
N LYS A 41 -0.95 -6.74 8.75
CA LYS A 41 -1.60 -8.08 8.68
C LYS A 41 -1.32 -8.86 9.96
N TYR A 42 -2.24 -9.71 10.36
CA TYR A 42 -2.00 -10.51 11.60
C TYR A 42 -1.60 -11.94 11.21
N GLU A 43 -0.53 -12.43 11.78
CA GLU A 43 -0.07 -13.82 11.45
C GLU A 43 0.37 -14.55 12.72
N GLY A 44 -0.05 -15.78 12.89
CA GLY A 44 0.29 -16.54 14.13
C GLY A 44 -0.27 -15.81 15.35
N GLU A 45 0.56 -15.57 16.33
CA GLU A 45 0.10 -14.82 17.55
C GLU A 45 0.62 -13.37 17.56
N GLU A 46 1.25 -12.91 16.50
CA GLU A 46 1.79 -11.52 16.49
C GLU A 46 1.39 -10.77 15.20
N PRO A 47 1.00 -9.51 15.34
CA PRO A 47 0.75 -8.68 14.13
C PRO A 47 2.09 -8.26 13.49
N LYS A 48 2.13 -8.17 12.18
CA LYS A 48 3.32 -7.59 11.50
C LYS A 48 2.90 -6.40 10.64
N GLU A 49 3.76 -5.42 10.50
CA GLU A 49 3.39 -4.19 9.74
C GLU A 49 4.54 -3.74 8.83
N GLY A 50 4.27 -2.81 7.95
CA GLY A 50 5.35 -2.28 7.06
C GLY A 50 4.92 -0.90 6.54
N THR A 51 5.83 0.06 6.54
CA THR A 51 5.49 1.42 6.04
C THR A 51 6.50 1.85 4.99
N PHE A 52 6.05 2.44 3.90
CA PHE A 52 7.01 2.96 2.87
C PHE A 52 6.36 4.07 2.03
N THR A 53 7.14 4.69 1.17
CA THR A 53 6.56 5.68 0.21
C THR A 53 6.54 5.08 -1.19
N ALA A 54 5.49 5.32 -1.94
CA ALA A 54 5.36 4.68 -3.28
C ALA A 54 4.76 5.66 -4.29
N ARG A 55 5.17 5.55 -5.53
CA ARG A 55 4.58 6.40 -6.60
C ARG A 55 3.43 5.65 -7.28
N VAL A 56 2.41 6.35 -7.68
CA VAL A 56 1.24 5.70 -8.35
C VAL A 56 1.60 5.43 -9.82
N GLY A 57 1.46 4.20 -10.23
CA GLY A 57 1.74 3.84 -11.65
C GLY A 57 0.43 3.63 -12.41
N GLU A 58 0.51 3.03 -13.56
CA GLU A 58 -0.71 2.81 -14.40
C GLU A 58 -1.70 1.92 -13.63
N GLN A 59 -2.97 2.08 -13.92
CA GLN A 59 -4.03 1.27 -13.22
C GLN A 59 -3.91 1.35 -11.70
N GLY A 60 -3.28 2.38 -11.17
CA GLY A 60 -3.31 2.59 -9.69
C GLY A 60 -2.42 1.56 -8.97
N SER A 61 -1.48 0.96 -9.67
CA SER A 61 -0.63 -0.10 -9.04
C SER A 61 0.45 0.54 -8.16
N VAL A 62 0.78 -0.12 -7.08
CA VAL A 62 1.91 0.36 -6.22
C VAL A 62 2.75 -0.82 -5.75
N ILE A 63 4.03 -0.63 -5.56
CA ILE A 63 4.93 -1.79 -5.20
C ILE A 63 5.39 -1.68 -3.75
N ILE A 64 5.13 -2.70 -2.96
CA ILE A 64 5.70 -2.74 -1.57
C ILE A 64 7.17 -3.17 -1.62
N PRO A 65 8.00 -2.60 -0.76
CA PRO A 65 9.46 -2.95 -0.78
C PRO A 65 9.67 -4.42 -0.42
N LYS A 66 10.50 -5.11 -1.16
CA LYS A 66 10.79 -6.55 -0.87
C LYS A 66 11.26 -6.74 0.57
N ALA A 67 12.00 -5.78 1.08
CA ALA A 67 12.54 -5.91 2.48
C ALA A 67 11.40 -6.07 3.48
N LEU A 68 10.31 -5.37 3.27
CA LEU A 68 9.15 -5.48 4.19
C LEU A 68 8.38 -6.78 3.93
N ARG A 69 8.33 -7.24 2.70
CA ARG A 69 7.61 -8.53 2.41
C ARG A 69 8.21 -9.66 3.23
N ASP A 70 9.52 -9.74 3.25
CA ASP A 70 10.21 -10.87 3.94
C ASP A 70 10.05 -10.75 5.45
N VAL A 71 10.28 -9.57 5.99
CA VAL A 71 10.17 -9.38 7.48
C VAL A 71 8.74 -9.72 7.94
N ILE A 72 7.76 -9.34 7.17
CA ILE A 72 6.34 -9.57 7.57
C ILE A 72 5.88 -11.00 7.24
N GLY A 73 6.60 -11.71 6.39
CA GLY A 73 6.23 -13.13 6.10
C GLY A 73 5.01 -13.18 5.18
N ILE A 74 4.92 -12.24 4.26
CA ILE A 74 3.69 -12.15 3.41
C ILE A 74 3.84 -13.00 2.14
N LYS A 75 2.75 -13.57 1.68
CA LYS A 75 2.79 -14.45 0.48
C LYS A 75 1.63 -14.10 -0.49
N PRO A 76 1.73 -14.54 -1.73
CA PRO A 76 0.65 -14.25 -2.71
C PRO A 76 -0.70 -14.77 -2.23
N GLY A 77 -1.74 -13.96 -2.33
CA GLY A 77 -3.11 -14.43 -1.95
C GLY A 77 -3.45 -14.08 -0.49
N GLU A 78 -2.54 -13.44 0.23
CA GLU A 78 -2.83 -13.07 1.65
C GLU A 78 -3.39 -11.65 1.73
N VAL A 79 -4.49 -11.46 2.41
CA VAL A 79 -5.15 -10.13 2.43
C VAL A 79 -4.66 -9.28 3.62
N ILE A 80 -4.32 -8.05 3.36
CA ILE A 80 -3.91 -7.11 4.44
C ILE A 80 -4.79 -5.86 4.40
N GLU A 81 -4.86 -5.14 5.49
CA GLU A 81 -5.58 -3.84 5.49
C GLU A 81 -4.58 -2.71 5.31
N VAL A 82 -4.86 -1.80 4.42
CA VAL A 82 -3.87 -0.76 4.04
C VAL A 82 -4.36 0.62 4.45
N LEU A 83 -3.54 1.36 5.15
CA LEU A 83 -3.92 2.74 5.59
C LEU A 83 -2.99 3.75 4.91
N LEU A 84 -3.53 4.76 4.28
CA LEU A 84 -2.67 5.86 3.75
C LEU A 84 -2.29 6.81 4.88
N LEU A 85 -1.07 7.28 4.89
CA LEU A 85 -0.59 8.14 6.01
C LEU A 85 -0.40 9.59 5.54
N GLY A 86 -0.03 9.78 4.30
CA GLY A 86 0.25 11.18 3.82
C GLY A 86 0.38 11.23 2.30
N HIS A 87 0.64 12.39 1.74
CA HIS A 87 0.72 12.53 0.25
C HIS A 87 1.82 13.53 -0.13
N TYR A 88 2.42 13.35 -1.29
CA TYR A 88 3.43 14.34 -1.78
C TYR A 88 3.18 14.66 -3.25
N LYS A 89 3.32 15.91 -3.63
CA LYS A 89 3.10 16.31 -5.04
C LYS A 89 4.45 16.56 -5.74
N PRO A 90 4.53 16.22 -7.03
CA PRO A 90 5.79 16.46 -7.79
C PRO A 90 6.21 17.94 -7.73
N ARG A 91 7.49 18.20 -7.68
CA ARG A 91 7.99 19.61 -7.62
C ARG A 91 9.17 19.81 -8.57
N ASN A 92 9.42 21.03 -8.97
CA ASN A 92 10.57 21.32 -9.91
C ASN A 92 10.48 20.44 -11.17
N MET A 1 -2.85 7.05 14.36
CA MET A 1 -2.50 8.32 13.66
C MET A 1 -3.58 8.70 12.65
N ASP A 2 -3.37 9.78 11.94
CA ASP A 2 -4.37 10.20 10.90
C ASP A 2 -4.20 9.34 9.64
N VAL A 3 -5.30 9.00 9.00
CA VAL A 3 -5.21 8.22 7.73
C VAL A 3 -6.01 8.92 6.63
N LEU A 4 -5.49 8.92 5.43
CA LEU A 4 -6.20 9.63 4.31
C LEU A 4 -7.21 8.69 3.65
N ALA A 5 -7.06 7.39 3.82
CA ALA A 5 -8.07 6.43 3.26
C ALA A 5 -7.75 5.02 3.76
N LYS A 6 -8.73 4.14 3.77
CA LYS A 6 -8.51 2.74 4.23
C LYS A 6 -9.11 1.75 3.24
N PHE A 7 -8.33 0.81 2.77
CA PHE A 7 -8.88 -0.22 1.82
C PHE A 7 -8.14 -1.55 1.99
N HIS A 8 -8.72 -2.63 1.50
CA HIS A 8 -8.10 -3.98 1.69
C HIS A 8 -7.65 -4.55 0.34
N THR A 9 -6.49 -5.16 0.31
CA THR A 9 -5.99 -5.79 -0.94
C THR A 9 -5.07 -6.98 -0.60
N THR A 10 -4.82 -7.86 -1.53
CA THR A 10 -3.89 -9.01 -1.24
C THR A 10 -2.59 -8.85 -2.04
N VAL A 11 -1.55 -9.51 -1.62
CA VAL A 11 -0.23 -9.36 -2.30
C VAL A 11 -0.20 -10.19 -3.59
N HIS A 12 0.32 -9.61 -4.65
CA HIS A 12 0.50 -10.36 -5.92
C HIS A 12 1.99 -10.44 -6.25
N ARG A 13 2.34 -11.21 -7.25
CA ARG A 13 3.79 -11.44 -7.59
C ARG A 13 4.59 -10.13 -7.60
N ILE A 14 5.88 -10.21 -7.34
CA ILE A 14 6.76 -8.99 -7.22
C ILE A 14 6.34 -8.08 -6.05
N GLY A 15 5.41 -8.48 -5.21
CA GLY A 15 5.00 -7.61 -4.06
C GLY A 15 4.07 -6.48 -4.55
N ARG A 16 3.53 -6.60 -5.75
CA ARG A 16 2.66 -5.50 -6.29
C ARG A 16 1.23 -5.66 -5.78
N ILE A 17 0.56 -4.55 -5.54
CA ILE A 17 -0.90 -4.61 -5.20
C ILE A 17 -1.65 -3.56 -6.04
N ILE A 18 -2.92 -3.76 -6.26
CA ILE A 18 -3.72 -2.74 -7.01
C ILE A 18 -4.79 -2.16 -6.09
N ILE A 19 -4.86 -0.86 -6.00
CA ILE A 19 -5.94 -0.21 -5.20
C ILE A 19 -7.24 -0.18 -6.02
N PRO A 20 -8.37 -0.37 -5.36
CA PRO A 20 -9.67 -0.24 -6.07
C PRO A 20 -9.85 1.17 -6.59
N ALA A 21 -10.43 1.33 -7.75
CA ALA A 21 -10.61 2.69 -8.34
C ALA A 21 -11.41 3.58 -7.38
N GLY A 22 -12.23 3.00 -6.55
CA GLY A 22 -13.04 3.82 -5.60
C GLY A 22 -12.13 4.52 -4.60
N THR A 23 -11.15 3.82 -4.07
CA THR A 23 -10.22 4.45 -3.10
C THR A 23 -9.33 5.48 -3.80
N ARG A 24 -8.89 5.19 -5.00
CA ARG A 24 -8.07 6.20 -5.77
C ARG A 24 -8.85 7.52 -5.87
N LYS A 25 -10.13 7.41 -6.13
CA LYS A 25 -10.98 8.62 -6.31
C LYS A 25 -11.05 9.43 -5.00
N PHE A 26 -11.36 8.77 -3.92
CA PHE A 26 -11.46 9.47 -2.60
C PHE A 26 -10.14 10.18 -2.25
N TYR A 27 -9.04 9.54 -2.55
CA TYR A 27 -7.71 10.11 -2.18
C TYR A 27 -7.18 11.05 -3.29
N GLY A 28 -7.76 11.01 -4.47
CA GLY A 28 -7.29 11.92 -5.56
C GLY A 28 -5.97 11.42 -6.14
N ILE A 29 -5.85 10.13 -6.34
CA ILE A 29 -4.56 9.56 -6.85
C ILE A 29 -4.52 9.58 -8.38
N GLU A 30 -3.50 10.17 -8.93
CA GLU A 30 -3.27 10.10 -10.40
C GLU A 30 -1.85 9.62 -10.68
N GLN A 31 -1.59 9.11 -11.86
CA GLN A 31 -0.21 8.60 -12.18
C GLN A 31 0.84 9.70 -11.98
N GLY A 32 1.96 9.36 -11.40
CA GLY A 32 3.04 10.36 -11.19
C GLY A 32 2.95 10.98 -9.79
N ASP A 33 1.84 10.84 -9.10
CA ASP A 33 1.74 11.38 -7.70
C ASP A 33 2.48 10.44 -6.74
N PHE A 34 2.91 10.95 -5.61
CA PHE A 34 3.51 10.08 -4.57
C PHE A 34 2.58 10.02 -3.36
N VAL A 35 2.43 8.85 -2.78
CA VAL A 35 1.63 8.74 -1.53
C VAL A 35 2.43 7.95 -0.49
N GLU A 36 2.16 8.17 0.77
CA GLU A 36 2.90 7.44 1.85
C GLU A 36 1.90 6.56 2.59
N ILE A 37 2.17 5.28 2.63
CA ILE A 37 1.12 4.34 3.08
C ILE A 37 1.72 3.25 3.99
N LYS A 38 0.90 2.63 4.79
CA LYS A 38 1.40 1.52 5.67
C LYS A 38 0.46 0.32 5.60
N ILE A 39 0.99 -0.87 5.69
CA ILE A 39 0.13 -2.10 5.66
C ILE A 39 0.20 -2.83 7.01
N VAL A 40 -0.85 -3.54 7.35
CA VAL A 40 -0.84 -4.35 8.60
C VAL A 40 -1.53 -5.70 8.34
N LYS A 41 -0.87 -6.78 8.67
CA LYS A 41 -1.49 -8.13 8.54
C LYS A 41 -1.15 -8.97 9.76
N TYR A 42 -2.05 -9.84 10.15
CA TYR A 42 -1.82 -10.64 11.39
C TYR A 42 -1.38 -12.07 11.02
N GLU A 43 -0.30 -12.53 11.60
CA GLU A 43 0.15 -13.93 11.33
C GLU A 43 0.46 -14.64 12.65
N GLY A 44 -0.03 -15.85 12.82
CA GLY A 44 0.19 -16.59 14.10
C GLY A 44 -0.40 -15.80 15.27
N GLU A 45 0.38 -15.57 16.29
CA GLU A 45 -0.11 -14.76 17.45
C GLU A 45 0.50 -13.35 17.46
N GLU A 46 1.13 -12.93 16.37
CA GLU A 46 1.78 -11.58 16.36
C GLU A 46 1.38 -10.79 15.09
N PRO A 47 0.90 -9.56 15.26
CA PRO A 47 0.62 -8.70 14.09
C PRO A 47 1.94 -8.16 13.52
N LYS A 48 2.07 -8.10 12.22
CA LYS A 48 3.25 -7.45 11.59
C LYS A 48 2.82 -6.27 10.73
N GLU A 49 3.67 -5.28 10.59
CA GLU A 49 3.30 -4.07 9.79
C GLU A 49 4.50 -3.60 8.96
N GLY A 50 4.25 -2.69 8.04
CA GLY A 50 5.35 -2.14 7.21
C GLY A 50 4.94 -0.79 6.63
N THR A 51 5.82 0.18 6.68
CA THR A 51 5.48 1.53 6.12
C THR A 51 6.49 1.92 5.03
N PHE A 52 6.03 2.47 3.94
CA PHE A 52 6.97 2.94 2.88
C PHE A 52 6.33 4.05 2.02
N THR A 53 7.10 4.65 1.14
CA THR A 53 6.53 5.63 0.17
C THR A 53 6.49 5.01 -1.22
N ALA A 54 5.43 5.27 -1.96
CA ALA A 54 5.29 4.62 -3.30
C ALA A 54 4.71 5.61 -4.32
N ARG A 55 5.12 5.50 -5.56
CA ARG A 55 4.53 6.35 -6.63
C ARG A 55 3.39 5.61 -7.31
N VAL A 56 2.39 6.32 -7.73
CA VAL A 56 1.22 5.67 -8.40
C VAL A 56 1.56 5.35 -9.85
N GLY A 57 1.41 4.11 -10.24
CA GLY A 57 1.68 3.71 -11.64
C GLY A 57 0.36 3.52 -12.40
N GLU A 58 0.43 2.93 -13.56
CA GLU A 58 -0.81 2.71 -14.37
C GLU A 58 -1.79 1.82 -13.61
N GLN A 59 -3.06 1.96 -13.89
CA GLN A 59 -4.11 1.15 -13.18
C GLN A 59 -3.99 1.24 -11.66
N GLY A 60 -3.36 2.28 -11.14
CA GLY A 60 -3.39 2.49 -9.66
C GLY A 60 -2.48 1.48 -8.94
N SER A 61 -1.54 0.90 -9.63
CA SER A 61 -0.68 -0.16 -9.00
C SER A 61 0.38 0.49 -8.11
N VAL A 62 0.71 -0.16 -7.02
CA VAL A 62 1.81 0.35 -6.13
C VAL A 62 2.66 -0.84 -5.65
N ILE A 63 3.94 -0.64 -5.47
CA ILE A 63 4.85 -1.78 -5.10
C ILE A 63 5.34 -1.63 -3.65
N ILE A 64 5.09 -2.63 -2.83
CA ILE A 64 5.68 -2.65 -1.46
C ILE A 64 7.16 -3.09 -1.54
N PRO A 65 8.01 -2.53 -0.71
CA PRO A 65 9.45 -2.90 -0.73
C PRO A 65 9.64 -4.38 -0.36
N LYS A 66 10.45 -5.09 -1.11
CA LYS A 66 10.69 -6.54 -0.82
C LYS A 66 11.20 -6.73 0.62
N ALA A 67 11.96 -5.79 1.11
CA ALA A 67 12.52 -5.91 2.50
C ALA A 67 11.38 -6.03 3.51
N LEU A 68 10.30 -5.32 3.30
CA LEU A 68 9.14 -5.41 4.24
C LEU A 68 8.35 -6.70 3.99
N ARG A 69 8.29 -7.16 2.76
CA ARG A 69 7.55 -8.44 2.48
C ARG A 69 8.14 -9.58 3.30
N ASP A 70 9.45 -9.67 3.31
CA ASP A 70 10.13 -10.81 4.01
C ASP A 70 9.98 -10.68 5.52
N VAL A 71 10.22 -9.50 6.04
CA VAL A 71 10.11 -9.32 7.54
C VAL A 71 8.69 -9.63 8.00
N ILE A 72 7.71 -9.24 7.23
CA ILE A 72 6.29 -9.44 7.65
C ILE A 72 5.81 -10.88 7.33
N GLY A 73 6.51 -11.60 6.48
CA GLY A 73 6.12 -13.02 6.21
C GLY A 73 4.91 -13.06 5.28
N ILE A 74 4.81 -12.13 4.37
CA ILE A 74 3.59 -12.03 3.50
C ILE A 74 3.75 -12.87 2.23
N LYS A 75 2.70 -13.50 1.79
CA LYS A 75 2.77 -14.36 0.58
C LYS A 75 1.64 -14.01 -0.41
N PRO A 76 1.78 -14.44 -1.66
CA PRO A 76 0.72 -14.12 -2.67
C PRO A 76 -0.63 -14.69 -2.24
N GLY A 77 -1.68 -13.90 -2.39
CA GLY A 77 -3.05 -14.39 -2.06
C GLY A 77 -3.43 -14.05 -0.60
N GLU A 78 -2.55 -13.42 0.15
CA GLU A 78 -2.90 -13.05 1.57
C GLU A 78 -3.43 -11.62 1.62
N VAL A 79 -4.55 -11.42 2.26
CA VAL A 79 -5.18 -10.06 2.26
C VAL A 79 -4.70 -9.24 3.47
N ILE A 80 -4.27 -8.04 3.22
CA ILE A 80 -3.84 -7.12 4.32
C ILE A 80 -4.73 -5.87 4.31
N GLU A 81 -4.78 -5.18 5.42
CA GLU A 81 -5.52 -3.88 5.47
C GLU A 81 -4.53 -2.73 5.30
N VAL A 82 -4.84 -1.82 4.43
CA VAL A 82 -3.85 -0.76 4.04
C VAL A 82 -4.35 0.62 4.47
N LEU A 83 -3.52 1.35 5.14
CA LEU A 83 -3.89 2.74 5.60
C LEU A 83 -2.98 3.75 4.90
N LEU A 84 -3.56 4.78 4.31
CA LEU A 84 -2.70 5.89 3.77
C LEU A 84 -2.30 6.84 4.90
N LEU A 85 -1.08 7.30 4.88
CA LEU A 85 -0.58 8.17 6.00
C LEU A 85 -0.36 9.60 5.53
N GLY A 86 0.02 9.80 4.29
CA GLY A 86 0.31 11.19 3.81
C GLY A 86 0.46 11.22 2.28
N HIS A 87 0.81 12.38 1.75
CA HIS A 87 0.91 12.52 0.26
C HIS A 87 2.07 13.47 -0.11
N TYR A 88 2.63 13.31 -1.30
CA TYR A 88 3.70 14.24 -1.76
C TYR A 88 3.53 14.55 -3.25
N LYS A 89 3.91 15.73 -3.67
CA LYS A 89 3.81 16.09 -5.12
C LYS A 89 5.19 16.53 -5.65
N PRO A 90 5.41 16.39 -6.94
CA PRO A 90 6.70 16.81 -7.55
C PRO A 90 7.00 18.28 -7.25
N ARG A 91 8.25 18.60 -6.98
CA ARG A 91 8.62 20.02 -6.71
C ARG A 91 8.61 20.83 -8.00
N ASN A 92 8.25 22.09 -7.93
CA ASN A 92 8.22 22.94 -9.15
C ASN A 92 9.37 23.95 -9.13
N MET A 1 -3.08 8.63 14.83
CA MET A 1 -2.55 8.44 13.45
C MET A 1 -3.63 8.81 12.43
N ASP A 2 -3.44 9.90 11.72
CA ASP A 2 -4.44 10.30 10.68
C ASP A 2 -4.28 9.43 9.43
N VAL A 3 -5.37 9.12 8.77
CA VAL A 3 -5.29 8.29 7.54
C VAL A 3 -6.04 9.00 6.40
N LEU A 4 -5.48 8.99 5.22
CA LEU A 4 -6.15 9.69 4.07
C LEU A 4 -7.14 8.74 3.38
N ALA A 5 -7.02 7.44 3.59
CA ALA A 5 -8.01 6.48 3.02
C ALA A 5 -7.73 5.08 3.57
N LYS A 6 -8.72 4.23 3.59
CA LYS A 6 -8.53 2.85 4.16
C LYS A 6 -9.17 1.81 3.23
N PHE A 7 -8.40 0.84 2.80
CA PHE A 7 -8.96 -0.21 1.88
C PHE A 7 -8.23 -1.55 2.06
N HIS A 8 -8.81 -2.62 1.57
CA HIS A 8 -8.19 -3.97 1.77
C HIS A 8 -7.74 -4.55 0.43
N THR A 9 -6.59 -5.16 0.39
CA THR A 9 -6.10 -5.80 -0.87
C THR A 9 -5.17 -6.98 -0.51
N THR A 10 -4.92 -7.88 -1.43
CA THR A 10 -3.99 -9.01 -1.14
C THR A 10 -2.68 -8.84 -1.94
N VAL A 11 -1.63 -9.49 -1.52
CA VAL A 11 -0.32 -9.34 -2.20
C VAL A 11 -0.28 -10.18 -3.48
N HIS A 12 0.24 -9.61 -4.54
CA HIS A 12 0.44 -10.38 -5.80
C HIS A 12 1.93 -10.48 -6.12
N ARG A 13 2.27 -11.26 -7.11
CA ARG A 13 3.71 -11.50 -7.46
C ARG A 13 4.53 -10.19 -7.48
N ILE A 14 5.82 -10.28 -7.22
CA ILE A 14 6.70 -9.07 -7.11
C ILE A 14 6.29 -8.13 -5.96
N GLY A 15 5.35 -8.51 -5.12
CA GLY A 15 4.94 -7.62 -3.99
C GLY A 15 4.02 -6.50 -4.50
N ARG A 16 3.48 -6.63 -5.69
CA ARG A 16 2.62 -5.54 -6.25
C ARG A 16 1.18 -5.67 -5.75
N ILE A 17 0.52 -4.56 -5.52
CA ILE A 17 -0.93 -4.60 -5.20
C ILE A 17 -1.67 -3.55 -6.04
N ILE A 18 -2.94 -3.75 -6.29
CA ILE A 18 -3.73 -2.72 -7.05
C ILE A 18 -4.83 -2.15 -6.16
N ILE A 19 -4.90 -0.85 -6.05
CA ILE A 19 -6.01 -0.23 -5.27
C ILE A 19 -7.28 -0.18 -6.13
N PRO A 20 -8.44 -0.36 -5.52
CA PRO A 20 -9.71 -0.21 -6.28
C PRO A 20 -9.86 1.22 -6.76
N ALA A 21 -10.41 1.40 -7.93
CA ALA A 21 -10.56 2.78 -8.49
C ALA A 21 -11.36 3.66 -7.53
N GLY A 22 -12.22 3.07 -6.73
CA GLY A 22 -13.03 3.88 -5.77
C GLY A 22 -12.13 4.56 -4.75
N THR A 23 -11.17 3.83 -4.22
CA THR A 23 -10.26 4.43 -3.20
C THR A 23 -9.34 5.46 -3.86
N ARG A 24 -8.87 5.20 -5.06
CA ARG A 24 -8.03 6.21 -5.79
C ARG A 24 -8.80 7.54 -5.89
N LYS A 25 -10.07 7.45 -6.16
CA LYS A 25 -10.91 8.67 -6.33
C LYS A 25 -10.98 9.45 -5.01
N PHE A 26 -11.29 8.78 -3.93
CA PHE A 26 -11.38 9.47 -2.60
C PHE A 26 -10.06 10.15 -2.25
N TYR A 27 -8.96 9.53 -2.59
CA TYR A 27 -7.62 10.09 -2.23
C TYR A 27 -7.11 11.06 -3.32
N GLY A 28 -7.70 11.05 -4.49
CA GLY A 28 -7.26 11.98 -5.57
C GLY A 28 -5.95 11.49 -6.17
N ILE A 29 -5.83 10.20 -6.41
CA ILE A 29 -4.53 9.64 -6.94
C ILE A 29 -4.51 9.71 -8.47
N GLU A 30 -3.44 10.27 -9.00
CA GLU A 30 -3.20 10.22 -10.47
C GLU A 30 -1.79 9.69 -10.73
N GLN A 31 -1.53 9.16 -11.90
CA GLN A 31 -0.17 8.61 -12.20
C GLN A 31 0.91 9.68 -12.00
N GLY A 32 2.02 9.32 -11.42
CA GLY A 32 3.12 10.30 -11.19
C GLY A 32 3.03 10.92 -9.79
N ASP A 33 1.91 10.79 -9.10
CA ASP A 33 1.81 11.33 -7.72
C ASP A 33 2.52 10.40 -6.74
N PHE A 34 2.97 10.91 -5.61
CA PHE A 34 3.56 10.02 -4.56
C PHE A 34 2.63 9.97 -3.36
N VAL A 35 2.47 8.80 -2.79
CA VAL A 35 1.65 8.68 -1.54
C VAL A 35 2.44 7.89 -0.51
N GLU A 36 2.16 8.11 0.76
CA GLU A 36 2.89 7.36 1.82
C GLU A 36 1.90 6.50 2.57
N ILE A 37 2.14 5.21 2.62
CA ILE A 37 1.08 4.27 3.07
C ILE A 37 1.68 3.18 3.97
N LYS A 38 0.86 2.56 4.77
CA LYS A 38 1.34 1.45 5.65
C LYS A 38 0.40 0.25 5.57
N ILE A 39 0.92 -0.95 5.66
CA ILE A 39 0.05 -2.16 5.66
C ILE A 39 0.14 -2.88 7.01
N VAL A 40 -0.92 -3.56 7.39
CA VAL A 40 -0.90 -4.36 8.65
C VAL A 40 -1.62 -5.69 8.43
N LYS A 41 -0.94 -6.77 8.71
CA LYS A 41 -1.57 -8.12 8.59
C LYS A 41 -1.23 -8.96 9.81
N TYR A 42 -2.12 -9.83 10.22
CA TYR A 42 -1.89 -10.65 11.44
C TYR A 42 -1.56 -12.09 11.06
N GLU A 43 -0.49 -12.64 11.60
CA GLU A 43 -0.15 -14.06 11.32
C GLU A 43 0.32 -14.76 12.60
N GLY A 44 -0.12 -15.97 12.81
CA GLY A 44 0.25 -16.71 14.05
C GLY A 44 -0.23 -15.94 15.28
N GLU A 45 0.65 -15.70 16.23
CA GLU A 45 0.26 -14.93 17.45
C GLU A 45 0.80 -13.48 17.42
N GLU A 46 1.39 -13.05 16.32
CA GLU A 46 1.97 -11.67 16.29
C GLU A 46 1.51 -10.91 15.03
N PRO A 47 1.17 -9.63 15.18
CA PRO A 47 0.89 -8.79 14.00
C PRO A 47 2.20 -8.42 13.28
N LYS A 48 2.18 -8.38 11.98
CA LYS A 48 3.34 -7.85 11.21
C LYS A 48 2.92 -6.61 10.41
N GLU A 49 3.73 -5.59 10.40
CA GLU A 49 3.35 -4.32 9.70
C GLU A 49 4.51 -3.79 8.86
N GLY A 50 4.23 -2.85 7.99
CA GLY A 50 5.31 -2.23 7.17
C GLY A 50 4.86 -0.87 6.66
N THR A 51 5.71 0.12 6.74
CA THR A 51 5.35 1.47 6.21
C THR A 51 6.38 1.91 5.16
N PHE A 52 5.94 2.44 4.05
CA PHE A 52 6.91 2.92 3.02
C PHE A 52 6.28 4.02 2.14
N THR A 53 7.07 4.62 1.29
CA THR A 53 6.53 5.60 0.29
C THR A 53 6.51 4.97 -1.10
N ALA A 54 5.47 5.23 -1.86
CA ALA A 54 5.34 4.58 -3.19
C ALA A 54 4.76 5.55 -4.22
N ARG A 55 5.18 5.44 -5.46
CA ARG A 55 4.59 6.29 -6.53
C ARG A 55 3.44 5.55 -7.21
N VAL A 56 2.42 6.26 -7.61
CA VAL A 56 1.26 5.61 -8.29
C VAL A 56 1.60 5.34 -9.76
N GLY A 57 1.44 4.11 -10.17
CA GLY A 57 1.72 3.73 -11.58
C GLY A 57 0.39 3.58 -12.35
N GLU A 58 0.46 3.02 -13.53
CA GLU A 58 -0.78 2.81 -14.34
C GLU A 58 -1.76 1.90 -13.60
N GLN A 59 -3.03 2.04 -13.88
CA GLN A 59 -4.06 1.20 -13.20
C GLN A 59 -3.96 1.27 -11.66
N GLY A 60 -3.33 2.30 -11.13
CA GLY A 60 -3.36 2.50 -9.64
C GLY A 60 -2.48 1.49 -8.92
N SER A 61 -1.54 0.89 -9.62
CA SER A 61 -0.69 -0.17 -8.99
C SER A 61 0.38 0.47 -8.12
N VAL A 62 0.72 -0.16 -7.02
CA VAL A 62 1.82 0.33 -6.15
C VAL A 62 2.66 -0.86 -5.67
N ILE A 63 3.95 -0.67 -5.51
CA ILE A 63 4.85 -1.82 -5.13
C ILE A 63 5.39 -1.65 -3.72
N ILE A 64 5.16 -2.63 -2.86
CA ILE A 64 5.79 -2.62 -1.51
C ILE A 64 7.26 -3.07 -1.62
N PRO A 65 8.13 -2.50 -0.81
CA PRO A 65 9.57 -2.88 -0.86
C PRO A 65 9.76 -4.35 -0.46
N LYS A 66 10.55 -5.08 -1.22
CA LYS A 66 10.79 -6.53 -0.91
C LYS A 66 11.29 -6.70 0.53
N ALA A 67 12.06 -5.76 1.01
CA ALA A 67 12.63 -5.86 2.40
C ALA A 67 11.50 -5.96 3.41
N LEU A 68 10.42 -5.25 3.20
CA LEU A 68 9.26 -5.32 4.13
C LEU A 68 8.46 -6.60 3.91
N ARG A 69 8.39 -7.08 2.69
CA ARG A 69 7.64 -8.36 2.43
C ARG A 69 8.22 -9.49 3.28
N ASP A 70 9.52 -9.60 3.28
CA ASP A 70 10.19 -10.73 4.00
C ASP A 70 10.04 -10.56 5.52
N VAL A 71 10.31 -9.38 6.02
CA VAL A 71 10.22 -9.15 7.50
C VAL A 71 8.79 -9.42 7.98
N ILE A 72 7.81 -9.05 7.21
CA ILE A 72 6.39 -9.20 7.64
C ILE A 72 5.90 -10.64 7.38
N GLY A 73 6.57 -11.39 6.53
CA GLY A 73 6.17 -12.82 6.31
C GLY A 73 4.93 -12.88 5.41
N ILE A 74 4.84 -11.97 4.46
CA ILE A 74 3.60 -11.89 3.62
C ILE A 74 3.75 -12.75 2.36
N LYS A 75 2.69 -13.40 1.94
CA LYS A 75 2.76 -14.27 0.72
C LYS A 75 1.60 -13.94 -0.25
N PRO A 76 1.73 -14.35 -1.50
CA PRO A 76 0.67 -14.05 -2.50
C PRO A 76 -0.68 -14.65 -2.07
N GLY A 77 -1.74 -13.88 -2.23
CA GLY A 77 -3.10 -14.41 -1.90
C GLY A 77 -3.49 -14.05 -0.44
N GLU A 78 -2.62 -13.41 0.30
CA GLU A 78 -2.98 -13.02 1.71
C GLU A 78 -3.52 -11.59 1.74
N VAL A 79 -4.65 -11.38 2.36
CA VAL A 79 -5.29 -10.04 2.36
C VAL A 79 -4.82 -9.20 3.55
N ILE A 80 -4.37 -8.01 3.30
CA ILE A 80 -3.93 -7.09 4.39
C ILE A 80 -4.81 -5.84 4.40
N GLU A 81 -4.85 -5.14 5.50
CA GLU A 81 -5.59 -3.85 5.55
C GLU A 81 -4.60 -2.69 5.36
N VAL A 82 -4.91 -1.79 4.46
CA VAL A 82 -3.90 -0.77 4.07
C VAL A 82 -4.40 0.63 4.47
N LEU A 83 -3.55 1.37 5.14
CA LEU A 83 -3.91 2.76 5.56
C LEU A 83 -3.00 3.76 4.86
N LEU A 84 -3.55 4.75 4.23
CA LEU A 84 -2.70 5.86 3.68
C LEU A 84 -2.33 6.82 4.80
N LEU A 85 -1.09 7.27 4.82
CA LEU A 85 -0.61 8.11 5.95
C LEU A 85 -0.38 9.56 5.48
N GLY A 86 0.00 9.75 4.24
CA GLY A 86 0.30 11.15 3.76
C GLY A 86 0.44 11.19 2.25
N HIS A 87 0.76 12.33 1.70
CA HIS A 87 0.86 12.48 0.21
C HIS A 87 2.00 13.44 -0.16
N TYR A 88 2.59 13.27 -1.33
CA TYR A 88 3.65 14.20 -1.79
C TYR A 88 3.40 14.62 -3.25
N LYS A 89 3.60 15.87 -3.56
CA LYS A 89 3.40 16.35 -4.96
C LYS A 89 4.75 16.83 -5.55
N PRO A 90 5.29 16.09 -6.51
CA PRO A 90 6.58 16.49 -7.14
C PRO A 90 6.53 17.92 -7.67
N ARG A 91 7.65 18.62 -7.63
CA ARG A 91 7.68 20.02 -8.12
C ARG A 91 8.77 20.18 -9.19
N ASN A 92 8.49 20.97 -10.21
CA ASN A 92 9.49 21.17 -11.30
C ASN A 92 9.28 22.53 -11.96
N MET A 1 -3.10 6.30 13.99
CA MET A 1 -2.92 7.71 13.53
C MET A 1 -4.00 8.08 12.52
N ASP A 2 -3.87 9.25 11.94
CA ASP A 2 -4.87 9.70 10.90
C ASP A 2 -4.66 8.91 9.60
N VAL A 3 -5.72 8.64 8.88
CA VAL A 3 -5.58 7.92 7.59
C VAL A 3 -6.29 8.70 6.48
N LEU A 4 -5.67 8.82 5.34
CA LEU A 4 -6.32 9.57 4.22
C LEU A 4 -7.29 8.65 3.46
N ALA A 5 -7.15 7.35 3.59
CA ALA A 5 -8.11 6.40 2.97
C ALA A 5 -7.82 4.98 3.47
N LYS A 6 -8.81 4.13 3.51
CA LYS A 6 -8.61 2.76 4.08
C LYS A 6 -9.23 1.71 3.15
N PHE A 7 -8.46 0.73 2.73
CA PHE A 7 -9.00 -0.32 1.82
C PHE A 7 -8.27 -1.66 2.02
N HIS A 8 -8.86 -2.74 1.57
CA HIS A 8 -8.24 -4.08 1.79
C HIS A 8 -7.76 -4.67 0.45
N THR A 9 -6.61 -5.28 0.45
CA THR A 9 -6.09 -5.94 -0.79
C THR A 9 -5.18 -7.12 -0.42
N THR A 10 -4.92 -8.01 -1.34
CA THR A 10 -3.96 -9.13 -1.05
C THR A 10 -2.68 -8.94 -1.87
N VAL A 11 -1.61 -9.57 -1.47
CA VAL A 11 -0.31 -9.39 -2.18
C VAL A 11 -0.30 -10.21 -3.47
N HIS A 12 0.19 -9.64 -4.53
CA HIS A 12 0.35 -10.40 -5.81
C HIS A 12 1.83 -10.50 -6.16
N ARG A 13 2.15 -11.28 -7.17
CA ARG A 13 3.59 -11.54 -7.53
C ARG A 13 4.43 -10.24 -7.56
N ILE A 14 5.72 -10.36 -7.28
CA ILE A 14 6.63 -9.16 -7.17
C ILE A 14 6.23 -8.21 -6.01
N GLY A 15 5.28 -8.58 -5.18
CA GLY A 15 4.89 -7.68 -4.05
C GLY A 15 3.99 -6.54 -4.57
N ARG A 16 3.44 -6.67 -5.76
CA ARG A 16 2.60 -5.57 -6.33
C ARG A 16 1.15 -5.70 -5.83
N ILE A 17 0.49 -4.59 -5.62
CA ILE A 17 -0.97 -4.62 -5.29
C ILE A 17 -1.70 -3.56 -6.13
N ILE A 18 -2.97 -3.76 -6.38
CA ILE A 18 -3.76 -2.73 -7.12
C ILE A 18 -4.87 -2.17 -6.24
N ILE A 19 -4.94 -0.86 -6.13
CA ILE A 19 -6.06 -0.25 -5.35
C ILE A 19 -7.33 -0.20 -6.23
N PRO A 20 -8.48 -0.37 -5.62
CA PRO A 20 -9.75 -0.21 -6.38
C PRO A 20 -9.88 1.23 -6.86
N ALA A 21 -10.42 1.42 -8.03
CA ALA A 21 -10.56 2.80 -8.58
C ALA A 21 -11.36 3.70 -7.63
N GLY A 22 -12.22 3.10 -6.84
CA GLY A 22 -13.05 3.91 -5.89
C GLY A 22 -12.14 4.58 -4.85
N THR A 23 -11.19 3.85 -4.31
CA THR A 23 -10.28 4.44 -3.29
C THR A 23 -9.35 5.47 -3.94
N ARG A 24 -8.88 5.20 -5.14
CA ARG A 24 -8.02 6.22 -5.87
C ARG A 24 -8.78 7.54 -5.97
N LYS A 25 -10.05 7.47 -6.25
CA LYS A 25 -10.88 8.70 -6.41
C LYS A 25 -10.97 9.45 -5.09
N PHE A 26 -11.30 8.76 -4.03
CA PHE A 26 -11.44 9.42 -2.69
C PHE A 26 -10.13 10.12 -2.30
N TYR A 27 -9.02 9.51 -2.61
CA TYR A 27 -7.70 10.10 -2.20
C TYR A 27 -7.19 11.10 -3.27
N GLY A 28 -7.75 11.10 -4.45
CA GLY A 28 -7.31 12.07 -5.49
C GLY A 28 -5.98 11.60 -6.10
N ILE A 29 -5.84 10.32 -6.37
CA ILE A 29 -4.54 9.79 -6.89
C ILE A 29 -4.50 9.89 -8.41
N GLU A 30 -3.43 10.45 -8.93
CA GLU A 30 -3.19 10.42 -10.40
C GLU A 30 -1.80 9.87 -10.68
N GLN A 31 -1.57 9.31 -11.84
CA GLN A 31 -0.24 8.71 -12.15
C GLN A 31 0.89 9.72 -11.94
N GLY A 32 1.98 9.29 -11.33
CA GLY A 32 3.14 10.21 -11.12
C GLY A 32 3.08 10.85 -9.72
N ASP A 33 1.94 10.78 -9.04
CA ASP A 33 1.87 11.35 -7.65
C ASP A 33 2.56 10.39 -6.67
N PHE A 34 3.03 10.91 -5.55
CA PHE A 34 3.60 10.02 -4.51
C PHE A 34 2.66 9.98 -3.31
N VAL A 35 2.47 8.81 -2.74
CA VAL A 35 1.65 8.71 -1.51
C VAL A 35 2.42 7.92 -0.45
N GLU A 36 2.13 8.12 0.81
CA GLU A 36 2.85 7.39 1.89
C GLU A 36 1.85 6.51 2.62
N ILE A 37 2.11 5.24 2.67
CA ILE A 37 1.05 4.30 3.12
C ILE A 37 1.65 3.20 4.02
N LYS A 38 0.83 2.59 4.84
CA LYS A 38 1.31 1.49 5.72
C LYS A 38 0.36 0.29 5.64
N ILE A 39 0.90 -0.91 5.74
CA ILE A 39 0.03 -2.13 5.72
C ILE A 39 0.11 -2.85 7.07
N VAL A 40 -0.96 -3.53 7.44
CA VAL A 40 -0.95 -4.34 8.69
C VAL A 40 -1.65 -5.68 8.46
N LYS A 41 -0.99 -6.75 8.77
CA LYS A 41 -1.63 -8.10 8.69
C LYS A 41 -1.35 -8.89 9.96
N TYR A 42 -2.27 -9.71 10.39
CA TYR A 42 -2.04 -10.52 11.62
C TYR A 42 -1.77 -11.98 11.25
N GLU A 43 -0.67 -12.53 11.73
CA GLU A 43 -0.36 -13.97 11.42
C GLU A 43 0.21 -14.66 12.66
N GLY A 44 -0.16 -15.89 12.88
CA GLY A 44 0.32 -16.64 14.09
C GLY A 44 -0.13 -15.89 15.36
N GLU A 45 0.78 -15.62 16.25
CA GLU A 45 0.43 -14.89 17.50
C GLU A 45 0.91 -13.42 17.46
N GLU A 46 1.46 -12.97 16.35
CA GLU A 46 2.01 -11.57 16.30
C GLU A 46 1.50 -10.81 15.04
N PRO A 47 1.18 -9.54 15.21
CA PRO A 47 0.88 -8.69 14.04
C PRO A 47 2.17 -8.32 13.30
N LYS A 48 2.15 -8.36 11.99
CA LYS A 48 3.32 -7.85 11.20
C LYS A 48 2.91 -6.57 10.45
N GLU A 49 3.76 -5.59 10.42
CA GLU A 49 3.39 -4.28 9.78
C GLU A 49 4.53 -3.77 8.91
N GLY A 50 4.25 -2.82 8.06
CA GLY A 50 5.31 -2.23 7.18
C GLY A 50 4.86 -0.85 6.70
N THR A 51 5.74 0.11 6.72
CA THR A 51 5.41 1.47 6.19
C THR A 51 6.42 1.85 5.10
N PHE A 52 5.96 2.42 4.01
CA PHE A 52 6.91 2.89 2.95
C PHE A 52 6.28 4.00 2.09
N THR A 53 7.06 4.59 1.22
CA THR A 53 6.50 5.58 0.24
C THR A 53 6.47 4.96 -1.16
N ALA A 54 5.43 5.22 -1.91
CA ALA A 54 5.30 4.58 -3.25
C ALA A 54 4.72 5.57 -4.26
N ARG A 55 5.13 5.49 -5.50
CA ARG A 55 4.53 6.34 -6.56
C ARG A 55 3.38 5.59 -7.25
N VAL A 56 2.35 6.30 -7.62
CA VAL A 56 1.19 5.64 -8.29
C VAL A 56 1.51 5.39 -9.77
N GLY A 57 1.37 4.17 -10.20
CA GLY A 57 1.61 3.82 -11.63
C GLY A 57 0.27 3.65 -12.35
N GLU A 58 0.31 3.16 -13.56
CA GLU A 58 -0.94 2.96 -14.35
C GLU A 58 -1.86 1.97 -13.63
N GLN A 59 -3.14 2.05 -13.88
CA GLN A 59 -4.13 1.16 -13.18
C GLN A 59 -4.03 1.26 -11.66
N GLY A 60 -3.43 2.32 -11.14
CA GLY A 60 -3.46 2.53 -9.65
C GLY A 60 -2.54 1.52 -8.94
N SER A 61 -1.59 0.95 -9.64
CA SER A 61 -0.74 -0.11 -9.03
C SER A 61 0.34 0.53 -8.14
N VAL A 62 0.66 -0.13 -7.05
CA VAL A 62 1.78 0.35 -6.17
C VAL A 62 2.62 -0.85 -5.71
N ILE A 63 3.91 -0.66 -5.55
CA ILE A 63 4.80 -1.82 -5.18
C ILE A 63 5.33 -1.66 -3.76
N ILE A 64 5.11 -2.65 -2.92
CA ILE A 64 5.74 -2.65 -1.56
C ILE A 64 7.21 -3.10 -1.68
N PRO A 65 8.07 -2.52 -0.88
CA PRO A 65 9.52 -2.89 -0.95
C PRO A 65 9.73 -4.36 -0.54
N LYS A 66 10.56 -5.07 -1.26
CA LYS A 66 10.83 -6.51 -0.92
C LYS A 66 11.31 -6.64 0.53
N ALA A 67 12.05 -5.67 1.00
CA ALA A 67 12.59 -5.73 2.41
C ALA A 67 11.43 -5.85 3.41
N LEU A 68 10.35 -5.15 3.16
CA LEU A 68 9.18 -5.22 4.08
C LEU A 68 8.39 -6.52 3.87
N ARG A 69 8.35 -7.02 2.66
CA ARG A 69 7.63 -8.32 2.41
C ARG A 69 8.24 -9.43 3.28
N ASP A 70 9.54 -9.49 3.31
CA ASP A 70 10.23 -10.60 4.04
C ASP A 70 10.06 -10.43 5.55
N VAL A 71 10.29 -9.24 6.05
CA VAL A 71 10.17 -9.01 7.54
C VAL A 71 8.75 -9.32 8.00
N ILE A 72 7.77 -8.98 7.21
CA ILE A 72 6.35 -9.18 7.61
C ILE A 72 5.90 -10.63 7.34
N GLY A 73 6.60 -11.36 6.50
CA GLY A 73 6.25 -12.80 6.27
C GLY A 73 5.04 -12.89 5.36
N ILE A 74 4.93 -11.99 4.41
CA ILE A 74 3.70 -11.94 3.55
C ILE A 74 3.91 -12.75 2.26
N LYS A 75 2.88 -13.43 1.82
CA LYS A 75 2.99 -14.24 0.56
C LYS A 75 1.78 -13.96 -0.37
N PRO A 76 1.91 -14.30 -1.64
CA PRO A 76 0.79 -14.09 -2.61
C PRO A 76 -0.53 -14.69 -2.10
N GLY A 77 -1.61 -13.96 -2.23
CA GLY A 77 -2.95 -14.51 -1.86
C GLY A 77 -3.33 -14.16 -0.41
N GLU A 78 -2.46 -13.50 0.32
CA GLU A 78 -2.80 -13.14 1.75
C GLU A 78 -3.34 -11.71 1.82
N VAL A 79 -4.44 -11.53 2.51
CA VAL A 79 -5.13 -10.20 2.51
C VAL A 79 -4.65 -9.34 3.69
N ILE A 80 -4.33 -8.10 3.41
CA ILE A 80 -3.91 -7.15 4.48
C ILE A 80 -4.80 -5.90 4.44
N GLU A 81 -4.86 -5.17 5.52
CA GLU A 81 -5.60 -3.88 5.54
C GLU A 81 -4.61 -2.74 5.32
N VAL A 82 -4.92 -1.86 4.41
CA VAL A 82 -3.95 -0.81 4.01
C VAL A 82 -4.44 0.58 4.42
N LEU A 83 -3.60 1.33 5.07
CA LEU A 83 -3.99 2.70 5.52
C LEU A 83 -3.07 3.72 4.85
N LEU A 84 -3.62 4.73 4.23
CA LEU A 84 -2.76 5.85 3.70
C LEU A 84 -2.39 6.80 4.85
N LEU A 85 -1.18 7.28 4.86
CA LEU A 85 -0.72 8.13 6.00
C LEU A 85 -0.49 9.58 5.53
N GLY A 86 -0.06 9.77 4.31
CA GLY A 86 0.25 11.16 3.83
C GLY A 86 0.47 11.18 2.31
N HIS A 87 0.87 12.31 1.78
CA HIS A 87 1.06 12.44 0.30
C HIS A 87 2.29 13.31 -0.02
N TYR A 88 2.82 13.17 -1.22
CA TYR A 88 3.98 14.02 -1.62
C TYR A 88 3.86 14.43 -3.10
N LYS A 89 4.33 15.59 -3.44
CA LYS A 89 4.29 16.04 -4.86
C LYS A 89 5.71 16.29 -5.39
N PRO A 90 5.88 16.31 -6.70
CA PRO A 90 7.23 16.54 -7.31
C PRO A 90 7.85 17.84 -6.78
N ARG A 91 9.14 17.84 -6.57
CA ARG A 91 9.82 19.07 -6.05
C ARG A 91 11.01 19.44 -6.95
N ASN A 92 11.22 20.72 -7.17
CA ASN A 92 12.36 21.18 -8.04
C ASN A 92 12.34 20.47 -9.40
N MET A 1 -2.92 6.57 14.02
CA MET A 1 -2.72 7.98 13.56
C MET A 1 -3.79 8.37 12.54
N ASP A 2 -3.62 9.50 11.91
CA ASP A 2 -4.60 9.94 10.87
C ASP A 2 -4.41 9.13 9.59
N VAL A 3 -5.48 8.82 8.90
CA VAL A 3 -5.36 8.05 7.63
C VAL A 3 -6.12 8.79 6.52
N LEU A 4 -5.55 8.87 5.35
CA LEU A 4 -6.22 9.59 4.22
C LEU A 4 -7.21 8.66 3.51
N ALA A 5 -7.06 7.35 3.67
CA ALA A 5 -8.03 6.40 3.07
C ALA A 5 -7.74 4.98 3.58
N LYS A 6 -8.73 4.13 3.62
CA LYS A 6 -8.53 2.75 4.15
C LYS A 6 -9.14 1.72 3.21
N PHE A 7 -8.38 0.75 2.78
CA PHE A 7 -8.92 -0.29 1.83
C PHE A 7 -8.19 -1.62 2.01
N HIS A 8 -8.77 -2.70 1.52
CA HIS A 8 -8.16 -4.05 1.71
C HIS A 8 -7.68 -4.61 0.37
N THR A 9 -6.53 -5.24 0.36
CA THR A 9 -6.01 -5.88 -0.89
C THR A 9 -5.12 -7.07 -0.54
N THR A 10 -4.87 -7.95 -1.48
CA THR A 10 -3.92 -9.09 -1.21
C THR A 10 -2.64 -8.91 -2.02
N VAL A 11 -1.57 -9.55 -1.61
CA VAL A 11 -0.27 -9.38 -2.32
C VAL A 11 -0.25 -10.17 -3.62
N HIS A 12 0.28 -9.60 -4.66
CA HIS A 12 0.46 -10.34 -5.94
C HIS A 12 1.94 -10.41 -6.29
N ARG A 13 2.27 -11.17 -7.30
CA ARG A 13 3.71 -11.39 -7.67
C ARG A 13 4.53 -10.07 -7.68
N ILE A 14 5.82 -10.17 -7.42
CA ILE A 14 6.70 -8.95 -7.30
C ILE A 14 6.30 -8.04 -6.13
N GLY A 15 5.37 -8.45 -5.27
CA GLY A 15 4.97 -7.59 -4.12
C GLY A 15 4.05 -6.46 -4.59
N ARG A 16 3.48 -6.57 -5.77
CA ARG A 16 2.61 -5.47 -6.29
C ARG A 16 1.18 -5.63 -5.77
N ILE A 17 0.51 -4.54 -5.54
CA ILE A 17 -0.95 -4.60 -5.20
C ILE A 17 -1.70 -3.55 -6.03
N ILE A 18 -2.97 -3.75 -6.28
CA ILE A 18 -3.77 -2.73 -7.02
C ILE A 18 -4.85 -2.14 -6.12
N ILE A 19 -4.91 -0.84 -6.02
CA ILE A 19 -6.00 -0.20 -5.23
C ILE A 19 -7.29 -0.16 -6.07
N PRO A 20 -8.43 -0.32 -5.42
CA PRO A 20 -9.73 -0.19 -6.15
C PRO A 20 -9.86 1.24 -6.67
N ALA A 21 -10.43 1.39 -7.85
CA ALA A 21 -10.57 2.76 -8.45
C ALA A 21 -11.37 3.66 -7.51
N GLY A 22 -12.24 3.10 -6.69
CA GLY A 22 -13.05 3.93 -5.75
C GLY A 22 -12.14 4.62 -4.75
N THR A 23 -11.19 3.89 -4.20
CA THR A 23 -10.26 4.50 -3.19
C THR A 23 -9.33 5.51 -3.87
N ARG A 24 -8.88 5.23 -5.07
CA ARG A 24 -8.02 6.23 -5.81
C ARG A 24 -8.78 7.56 -5.92
N LYS A 25 -10.06 7.48 -6.19
CA LYS A 25 -10.88 8.72 -6.36
C LYS A 25 -10.95 9.49 -5.05
N PHE A 26 -11.29 8.82 -3.98
CA PHE A 26 -11.39 9.50 -2.64
C PHE A 26 -10.06 10.18 -2.28
N TYR A 27 -8.96 9.55 -2.59
CA TYR A 27 -7.63 10.11 -2.20
C TYR A 27 -7.09 11.08 -3.28
N GLY A 28 -7.68 11.09 -4.46
CA GLY A 28 -7.22 12.04 -5.52
C GLY A 28 -5.90 11.53 -6.12
N ILE A 29 -5.79 10.26 -6.38
CA ILE A 29 -4.51 9.69 -6.91
C ILE A 29 -4.48 9.78 -8.44
N GLU A 30 -3.42 10.33 -8.97
CA GLU A 30 -3.18 10.27 -10.44
C GLU A 30 -1.77 9.74 -10.71
N GLN A 31 -1.53 9.21 -11.89
CA GLN A 31 -0.17 8.64 -12.18
C GLN A 31 0.91 9.70 -11.98
N GLY A 32 2.02 9.31 -11.42
CA GLY A 32 3.14 10.26 -11.20
C GLY A 32 3.08 10.87 -9.79
N ASP A 33 1.96 10.76 -9.11
CA ASP A 33 1.87 11.32 -7.71
C ASP A 33 2.58 10.38 -6.73
N PHE A 34 2.99 10.89 -5.60
CA PHE A 34 3.58 10.02 -4.55
C PHE A 34 2.64 9.96 -3.34
N VAL A 35 2.47 8.79 -2.78
CA VAL A 35 1.66 8.69 -1.53
C VAL A 35 2.45 7.89 -0.48
N GLU A 36 2.17 8.10 0.77
CA GLU A 36 2.90 7.36 1.85
C GLU A 36 1.90 6.48 2.58
N ILE A 37 2.16 5.21 2.64
CA ILE A 37 1.11 4.26 3.09
C ILE A 37 1.72 3.16 3.99
N LYS A 38 0.90 2.54 4.80
CA LYS A 38 1.38 1.43 5.67
C LYS A 38 0.44 0.24 5.59
N ILE A 39 0.97 -0.96 5.69
CA ILE A 39 0.10 -2.18 5.65
C ILE A 39 0.16 -2.90 7.00
N VAL A 40 -0.91 -3.59 7.35
CA VAL A 40 -0.92 -4.37 8.62
C VAL A 40 -1.62 -5.71 8.38
N LYS A 41 -0.93 -6.79 8.68
CA LYS A 41 -1.56 -8.15 8.59
C LYS A 41 -1.25 -8.93 9.86
N TYR A 42 -2.14 -9.77 10.28
CA TYR A 42 -1.91 -10.55 11.53
C TYR A 42 -1.49 -11.99 11.20
N GLU A 43 -0.41 -12.46 11.79
CA GLU A 43 0.04 -13.85 11.54
C GLU A 43 0.42 -14.53 12.87
N GLY A 44 -0.02 -15.74 13.06
CA GLY A 44 0.29 -16.47 14.34
C GLY A 44 -0.27 -15.68 15.53
N GLU A 45 0.56 -15.42 16.51
CA GLU A 45 0.10 -14.61 17.69
C GLU A 45 0.66 -13.18 17.66
N GLU A 46 1.26 -12.76 16.56
CA GLU A 46 1.86 -11.39 16.51
C GLU A 46 1.42 -10.65 15.22
N PRO A 47 1.08 -9.37 15.33
CA PRO A 47 0.79 -8.57 14.12
C PRO A 47 2.10 -8.21 13.40
N LYS A 48 2.08 -8.29 12.08
CA LYS A 48 3.26 -7.81 11.28
C LYS A 48 2.87 -6.53 10.54
N GLU A 49 3.75 -5.56 10.51
CA GLU A 49 3.41 -4.24 9.86
C GLU A 49 4.56 -3.76 8.98
N GLY A 50 4.28 -2.82 8.11
CA GLY A 50 5.35 -2.25 7.25
C GLY A 50 4.91 -0.88 6.72
N THR A 51 5.79 0.09 6.75
CA THR A 51 5.45 1.43 6.19
C THR A 51 6.47 1.82 5.11
N PHE A 52 6.00 2.39 4.01
CA PHE A 52 6.96 2.86 2.96
C PHE A 52 6.32 3.97 2.10
N THR A 53 7.10 4.56 1.24
CA THR A 53 6.54 5.55 0.26
C THR A 53 6.50 4.93 -1.14
N ALA A 54 5.46 5.20 -1.89
CA ALA A 54 5.32 4.55 -3.23
C ALA A 54 4.75 5.54 -4.25
N ARG A 55 5.17 5.41 -5.48
CA ARG A 55 4.59 6.27 -6.57
C ARG A 55 3.43 5.53 -7.23
N VAL A 56 2.42 6.27 -7.63
CA VAL A 56 1.25 5.62 -8.30
C VAL A 56 1.58 5.33 -9.77
N GLY A 57 1.42 4.11 -10.17
CA GLY A 57 1.67 3.73 -11.59
C GLY A 57 0.33 3.60 -12.33
N GLU A 58 0.37 3.09 -13.53
CA GLU A 58 -0.89 2.92 -14.32
C GLU A 58 -1.83 1.95 -13.59
N GLN A 59 -3.11 2.05 -13.85
CA GLN A 59 -4.12 1.18 -13.17
C GLN A 59 -4.01 1.27 -11.63
N GLY A 60 -3.41 2.31 -11.10
CA GLY A 60 -3.43 2.52 -9.62
C GLY A 60 -2.53 1.51 -8.91
N SER A 61 -1.58 0.93 -9.61
CA SER A 61 -0.72 -0.12 -8.99
C SER A 61 0.34 0.51 -8.09
N VAL A 62 0.67 -0.13 -7.00
CA VAL A 62 1.75 0.36 -6.11
C VAL A 62 2.61 -0.83 -5.63
N ILE A 63 3.90 -0.62 -5.46
CA ILE A 63 4.80 -1.77 -5.11
C ILE A 63 5.33 -1.63 -3.68
N ILE A 64 5.09 -2.62 -2.85
CA ILE A 64 5.72 -2.64 -1.50
C ILE A 64 7.19 -3.11 -1.61
N PRO A 65 8.06 -2.55 -0.80
CA PRO A 65 9.50 -2.94 -0.88
C PRO A 65 9.69 -4.41 -0.46
N LYS A 66 10.50 -5.14 -1.19
CA LYS A 66 10.74 -6.58 -0.86
C LYS A 66 11.23 -6.73 0.59
N ALA A 67 11.97 -5.77 1.07
CA ALA A 67 12.51 -5.85 2.47
C ALA A 67 11.35 -5.96 3.48
N LEU A 68 10.27 -5.25 3.23
CA LEU A 68 9.11 -5.32 4.15
C LEU A 68 8.31 -6.60 3.92
N ARG A 69 8.27 -7.10 2.70
CA ARG A 69 7.54 -8.39 2.44
C ARG A 69 8.13 -9.50 3.30
N ASP A 70 9.45 -9.58 3.34
CA ASP A 70 10.11 -10.70 4.07
C ASP A 70 9.93 -10.55 5.57
N VAL A 71 10.15 -9.37 6.09
CA VAL A 71 10.02 -9.16 7.57
C VAL A 71 8.59 -9.48 8.02
N ILE A 72 7.62 -9.12 7.23
CA ILE A 72 6.20 -9.35 7.61
C ILE A 72 5.76 -10.80 7.30
N GLY A 73 6.49 -11.50 6.46
CA GLY A 73 6.15 -12.94 6.20
C GLY A 73 4.94 -13.03 5.26
N ILE A 74 4.84 -12.11 4.33
CA ILE A 74 3.63 -12.05 3.46
C ILE A 74 3.84 -12.85 2.17
N LYS A 75 2.81 -13.53 1.71
CA LYS A 75 2.92 -14.30 0.44
C LYS A 75 1.73 -14.00 -0.50
N PRO A 76 1.86 -14.32 -1.78
CA PRO A 76 0.78 -14.02 -2.74
C PRO A 76 -0.56 -14.64 -2.31
N GLY A 77 -1.63 -13.90 -2.45
CA GLY A 77 -2.98 -14.46 -2.11
C GLY A 77 -3.37 -14.13 -0.65
N GLU A 78 -2.50 -13.49 0.11
CA GLU A 78 -2.85 -13.15 1.53
C GLU A 78 -3.37 -11.72 1.63
N VAL A 79 -4.48 -11.54 2.31
CA VAL A 79 -5.12 -10.20 2.34
C VAL A 79 -4.65 -9.37 3.54
N ILE A 80 -4.31 -8.13 3.29
CA ILE A 80 -3.89 -7.21 4.38
C ILE A 80 -4.78 -5.96 4.35
N GLU A 81 -4.83 -5.24 5.45
CA GLU A 81 -5.58 -3.95 5.47
C GLU A 81 -4.59 -2.81 5.31
N VAL A 82 -4.89 -1.89 4.43
CA VAL A 82 -3.89 -0.84 4.05
C VAL A 82 -4.37 0.55 4.48
N LEU A 83 -3.53 1.29 5.12
CA LEU A 83 -3.90 2.68 5.57
C LEU A 83 -2.98 3.69 4.88
N LEU A 84 -3.54 4.72 4.27
CA LEU A 84 -2.68 5.82 3.74
C LEU A 84 -2.30 6.77 4.89
N LEU A 85 -1.09 7.27 4.88
CA LEU A 85 -0.60 8.10 6.02
C LEU A 85 -0.27 9.52 5.56
N GLY A 86 0.08 9.70 4.31
CA GLY A 86 0.49 11.07 3.85
C GLY A 86 0.55 11.13 2.32
N HIS A 87 0.89 12.28 1.78
CA HIS A 87 0.93 12.44 0.29
C HIS A 87 2.05 13.42 -0.12
N TYR A 88 2.61 13.25 -1.30
CA TYR A 88 3.64 14.21 -1.80
C TYR A 88 3.37 14.55 -3.27
N LYS A 89 3.52 15.79 -3.64
CA LYS A 89 3.29 16.20 -5.06
C LYS A 89 4.54 16.90 -5.62
N PRO A 90 4.68 16.91 -6.93
CA PRO A 90 5.86 17.58 -7.57
C PRO A 90 5.94 19.05 -7.15
N ARG A 91 7.14 19.57 -6.99
CA ARG A 91 7.30 21.00 -6.59
C ARG A 91 8.23 21.72 -7.56
N ASN A 92 7.90 22.95 -7.91
CA ASN A 92 8.76 23.74 -8.86
C ASN A 92 8.99 22.95 -10.16
N MET A 1 -3.48 6.47 14.28
CA MET A 1 -3.09 7.79 13.72
C MET A 1 -4.10 8.25 12.66
N ASP A 2 -3.80 9.34 12.00
CA ASP A 2 -4.70 9.85 10.93
C ASP A 2 -4.51 9.03 9.65
N VAL A 3 -5.57 8.75 8.95
CA VAL A 3 -5.47 8.00 7.67
C VAL A 3 -6.21 8.74 6.55
N LEU A 4 -5.62 8.85 5.40
CA LEU A 4 -6.28 9.58 4.28
C LEU A 4 -7.27 8.65 3.56
N ALA A 5 -7.11 7.36 3.70
CA ALA A 5 -8.08 6.39 3.08
C ALA A 5 -7.77 4.98 3.58
N LYS A 6 -8.75 4.11 3.61
CA LYS A 6 -8.52 2.74 4.14
C LYS A 6 -9.14 1.70 3.20
N PHE A 7 -8.36 0.73 2.77
CA PHE A 7 -8.90 -0.30 1.83
C PHE A 7 -8.18 -1.64 2.02
N HIS A 8 -8.75 -2.71 1.51
CA HIS A 8 -8.15 -4.06 1.71
C HIS A 8 -7.66 -4.63 0.37
N THR A 9 -6.51 -5.25 0.36
CA THR A 9 -5.99 -5.88 -0.89
C THR A 9 -5.09 -7.08 -0.53
N THR A 10 -4.83 -7.96 -1.46
CA THR A 10 -3.90 -9.10 -1.17
C THR A 10 -2.59 -8.93 -1.97
N VAL A 11 -1.54 -9.58 -1.55
CA VAL A 11 -0.23 -9.43 -2.23
C VAL A 11 -0.19 -10.26 -3.51
N HIS A 12 0.27 -9.67 -4.58
CA HIS A 12 0.46 -10.44 -5.85
C HIS A 12 1.95 -10.52 -6.19
N ARG A 13 2.29 -11.30 -7.18
CA ARG A 13 3.74 -11.53 -7.54
C ARG A 13 4.52 -10.20 -7.58
N ILE A 14 5.82 -10.28 -7.33
CA ILE A 14 6.70 -9.05 -7.23
C ILE A 14 6.28 -8.11 -6.08
N GLY A 15 5.36 -8.51 -5.23
CA GLY A 15 4.95 -7.62 -4.09
C GLY A 15 4.01 -6.51 -4.59
N ARG A 16 3.45 -6.65 -5.77
CA ARG A 16 2.61 -5.57 -6.35
C ARG A 16 1.17 -5.69 -5.85
N ILE A 17 0.52 -4.58 -5.62
CA ILE A 17 -0.94 -4.60 -5.28
C ILE A 17 -1.68 -3.54 -6.12
N ILE A 18 -2.95 -3.73 -6.35
CA ILE A 18 -3.74 -2.71 -7.09
C ILE A 18 -4.84 -2.14 -6.20
N ILE A 19 -4.91 -0.83 -6.08
CA ILE A 19 -6.02 -0.21 -5.29
C ILE A 19 -7.29 -0.17 -6.15
N PRO A 20 -8.44 -0.34 -5.52
CA PRO A 20 -9.72 -0.19 -6.27
C PRO A 20 -9.87 1.24 -6.76
N ALA A 21 -10.42 1.42 -7.92
CA ALA A 21 -10.57 2.80 -8.50
C ALA A 21 -11.37 3.69 -7.54
N GLY A 22 -12.23 3.10 -6.73
CA GLY A 22 -13.04 3.91 -5.77
C GLY A 22 -12.13 4.60 -4.76
N THR A 23 -11.17 3.87 -4.22
CA THR A 23 -10.26 4.48 -3.21
C THR A 23 -9.34 5.51 -3.87
N ARG A 24 -8.88 5.23 -5.08
CA ARG A 24 -8.04 6.24 -5.82
C ARG A 24 -8.80 7.57 -5.93
N LYS A 25 -10.08 7.48 -6.19
CA LYS A 25 -10.91 8.71 -6.37
C LYS A 25 -10.99 9.48 -5.06
N PHE A 26 -11.34 8.82 -3.99
CA PHE A 26 -11.45 9.50 -2.66
C PHE A 26 -10.12 10.19 -2.29
N TYR A 27 -9.02 9.57 -2.61
CA TYR A 27 -7.69 10.13 -2.22
C TYR A 27 -7.16 11.11 -3.28
N GLY A 28 -7.74 11.13 -4.46
CA GLY A 28 -7.29 12.09 -5.51
C GLY A 28 -5.96 11.60 -6.12
N ILE A 29 -5.85 10.32 -6.39
CA ILE A 29 -4.56 9.77 -6.91
C ILE A 29 -4.51 9.86 -8.44
N GLU A 30 -3.45 10.40 -8.96
CA GLU A 30 -3.20 10.35 -10.44
C GLU A 30 -1.81 9.79 -10.70
N GLN A 31 -1.56 9.27 -11.88
CA GLN A 31 -0.22 8.68 -12.18
C GLN A 31 0.90 9.71 -11.96
N GLY A 32 1.98 9.30 -11.35
CA GLY A 32 3.12 10.23 -11.12
C GLY A 32 3.05 10.86 -9.73
N ASP A 33 1.91 10.78 -9.05
CA ASP A 33 1.83 11.34 -7.66
C ASP A 33 2.53 10.41 -6.68
N PHE A 34 2.96 10.94 -5.55
CA PHE A 34 3.54 10.07 -4.49
C PHE A 34 2.60 10.00 -3.30
N VAL A 35 2.43 8.84 -2.74
CA VAL A 35 1.61 8.72 -1.49
C VAL A 35 2.39 7.91 -0.45
N GLU A 36 2.11 8.12 0.81
CA GLU A 36 2.84 7.39 1.88
C GLU A 36 1.86 6.51 2.61
N ILE A 37 2.13 5.23 2.66
CA ILE A 37 1.09 4.27 3.13
C ILE A 37 1.69 3.19 4.02
N LYS A 38 0.88 2.58 4.84
CA LYS A 38 1.38 1.46 5.71
C LYS A 38 0.44 0.26 5.64
N ILE A 39 0.98 -0.93 5.72
CA ILE A 39 0.12 -2.16 5.68
C ILE A 39 0.21 -2.91 7.00
N VAL A 40 -0.85 -3.61 7.36
CA VAL A 40 -0.83 -4.45 8.59
C VAL A 40 -1.50 -5.80 8.32
N LYS A 41 -0.82 -6.88 8.61
CA LYS A 41 -1.42 -8.24 8.51
C LYS A 41 -1.14 -9.02 9.78
N TYR A 42 -2.05 -9.85 10.20
CA TYR A 42 -1.84 -10.63 11.46
C TYR A 42 -1.57 -12.10 11.14
N GLU A 43 -0.52 -12.65 11.72
CA GLU A 43 -0.22 -14.10 11.51
C GLU A 43 0.11 -14.77 12.84
N GLY A 44 -0.53 -15.88 13.13
CA GLY A 44 -0.32 -16.58 14.43
C GLY A 44 -0.70 -15.64 15.59
N GLU A 45 0.19 -15.48 16.54
CA GLU A 45 -0.10 -14.56 17.70
C GLU A 45 0.68 -13.24 17.57
N GLU A 46 1.23 -12.93 16.41
CA GLU A 46 2.03 -11.67 16.28
C GLU A 46 1.59 -10.87 15.02
N PRO A 47 1.26 -9.61 15.20
CA PRO A 47 0.96 -8.74 14.03
C PRO A 47 2.25 -8.35 13.31
N LYS A 48 2.21 -8.34 12.00
CA LYS A 48 3.38 -7.82 11.21
C LYS A 48 2.98 -6.55 10.45
N GLU A 49 3.83 -5.56 10.44
CA GLU A 49 3.47 -4.27 9.80
C GLU A 49 4.62 -3.75 8.92
N GLY A 50 4.33 -2.82 8.05
CA GLY A 50 5.39 -2.23 7.18
C GLY A 50 4.94 -0.86 6.67
N THR A 51 5.82 0.11 6.70
CA THR A 51 5.48 1.46 6.15
C THR A 51 6.48 1.86 5.07
N PHE A 52 6.01 2.42 3.98
CA PHE A 52 6.95 2.90 2.93
C PHE A 52 6.31 4.01 2.07
N THR A 53 7.09 4.61 1.20
CA THR A 53 6.52 5.60 0.24
C THR A 53 6.48 4.99 -1.16
N ALA A 54 5.44 5.25 -1.90
CA ALA A 54 5.28 4.61 -3.25
C ALA A 54 4.70 5.61 -4.25
N ARG A 55 5.11 5.52 -5.49
CA ARG A 55 4.50 6.38 -6.55
C ARG A 55 3.38 5.62 -7.25
N VAL A 56 2.34 6.31 -7.64
CA VAL A 56 1.19 5.65 -8.33
C VAL A 56 1.54 5.38 -9.79
N GLY A 57 1.39 4.15 -10.20
CA GLY A 57 1.67 3.80 -11.62
C GLY A 57 0.36 3.62 -12.39
N GLU A 58 0.43 3.03 -13.55
CA GLU A 58 -0.78 2.82 -14.39
C GLU A 58 -1.78 1.92 -13.64
N GLN A 59 -3.05 2.08 -13.93
CA GLN A 59 -4.11 1.26 -13.25
C GLN A 59 -4.00 1.32 -11.71
N GLY A 60 -3.36 2.35 -11.18
CA GLY A 60 -3.40 2.54 -9.69
C GLY A 60 -2.52 1.51 -8.98
N SER A 61 -1.58 0.91 -9.68
CA SER A 61 -0.72 -0.14 -9.04
C SER A 61 0.35 0.51 -8.17
N VAL A 62 0.68 -0.14 -7.07
CA VAL A 62 1.79 0.36 -6.20
C VAL A 62 2.64 -0.82 -5.72
N ILE A 63 3.92 -0.62 -5.56
CA ILE A 63 4.82 -1.76 -5.21
C ILE A 63 5.34 -1.64 -3.78
N ILE A 64 5.09 -2.63 -2.96
CA ILE A 64 5.71 -2.65 -1.59
C ILE A 64 7.18 -3.12 -1.69
N PRO A 65 8.05 -2.55 -0.90
CA PRO A 65 9.50 -2.93 -0.95
C PRO A 65 9.68 -4.39 -0.53
N LYS A 66 10.46 -5.13 -1.29
CA LYS A 66 10.70 -6.58 -0.96
C LYS A 66 11.23 -6.73 0.48
N ALA A 67 12.01 -5.78 0.92
CA ALA A 67 12.60 -5.87 2.30
C ALA A 67 11.47 -5.96 3.35
N LEU A 68 10.41 -5.24 3.13
CA LEU A 68 9.26 -5.29 4.09
C LEU A 68 8.45 -6.58 3.88
N ARG A 69 8.37 -7.08 2.66
CA ARG A 69 7.61 -8.36 2.43
C ARG A 69 8.20 -9.47 3.28
N ASP A 70 9.50 -9.59 3.28
CA ASP A 70 10.17 -10.71 4.01
C ASP A 70 10.03 -10.52 5.52
N VAL A 71 10.31 -9.34 6.02
CA VAL A 71 10.23 -9.10 7.50
C VAL A 71 8.80 -9.36 7.99
N ILE A 72 7.83 -8.99 7.22
CA ILE A 72 6.41 -9.14 7.65
C ILE A 72 5.90 -10.58 7.39
N GLY A 73 6.58 -11.33 6.55
CA GLY A 73 6.17 -12.76 6.33
C GLY A 73 4.93 -12.82 5.45
N ILE A 74 4.82 -11.92 4.50
CA ILE A 74 3.58 -11.84 3.67
C ILE A 74 3.72 -12.69 2.39
N LYS A 75 2.68 -13.39 2.02
CA LYS A 75 2.75 -14.31 0.85
C LYS A 75 1.67 -13.96 -0.18
N PRO A 76 1.84 -14.42 -1.42
CA PRO A 76 0.84 -14.14 -2.47
C PRO A 76 -0.54 -14.72 -2.08
N GLY A 77 -1.59 -13.95 -2.27
CA GLY A 77 -2.97 -14.47 -1.99
C GLY A 77 -3.39 -14.14 -0.54
N GLU A 78 -2.54 -13.50 0.24
CA GLU A 78 -2.93 -13.14 1.64
C GLU A 78 -3.43 -11.70 1.70
N VAL A 79 -4.54 -11.48 2.36
CA VAL A 79 -5.17 -10.12 2.36
C VAL A 79 -4.67 -9.29 3.55
N ILE A 80 -4.29 -8.07 3.29
CA ILE A 80 -3.86 -7.15 4.37
C ILE A 80 -4.77 -5.92 4.37
N GLU A 81 -4.81 -5.23 5.48
CA GLU A 81 -5.56 -3.93 5.53
C GLU A 81 -4.57 -2.78 5.36
N VAL A 82 -4.87 -1.88 4.47
CA VAL A 82 -3.88 -0.84 4.08
C VAL A 82 -4.38 0.54 4.50
N LEU A 83 -3.54 1.30 5.16
CA LEU A 83 -3.92 2.67 5.60
C LEU A 83 -3.01 3.70 4.92
N LEU A 84 -3.57 4.71 4.31
CA LEU A 84 -2.72 5.82 3.79
C LEU A 84 -2.35 6.78 4.93
N LEU A 85 -1.14 7.29 4.91
CA LEU A 85 -0.66 8.11 6.06
C LEU A 85 -0.31 9.54 5.61
N GLY A 86 0.04 9.71 4.35
CA GLY A 86 0.45 11.08 3.88
C GLY A 86 0.51 11.15 2.35
N HIS A 87 0.88 12.30 1.83
CA HIS A 87 0.94 12.47 0.33
C HIS A 87 2.07 13.43 -0.06
N TYR A 88 2.61 13.27 -1.25
CA TYR A 88 3.66 14.23 -1.74
C TYR A 88 3.43 14.56 -3.22
N LYS A 89 3.71 15.77 -3.61
CA LYS A 89 3.53 16.16 -5.04
C LYS A 89 4.90 16.48 -5.68
N PRO A 90 4.99 16.35 -6.98
CA PRO A 90 6.28 16.65 -7.69
C PRO A 90 6.75 18.07 -7.40
N ARG A 91 8.04 18.26 -7.25
CA ARG A 91 8.59 19.63 -6.98
C ARG A 91 9.83 19.89 -7.84
N ASN A 92 10.17 21.14 -8.06
CA ASN A 92 11.37 21.49 -8.89
C ASN A 92 11.31 20.79 -10.25
N MET A 1 -2.50 7.30 14.09
CA MET A 1 -2.34 8.63 13.43
C MET A 1 -3.51 8.88 12.46
N ASP A 2 -3.43 9.96 11.73
CA ASP A 2 -4.50 10.29 10.74
C ASP A 2 -4.35 9.39 9.50
N VAL A 3 -5.44 9.08 8.85
CA VAL A 3 -5.37 8.24 7.63
C VAL A 3 -6.12 8.92 6.48
N LEU A 4 -5.55 8.90 5.31
CA LEU A 4 -6.22 9.58 4.14
C LEU A 4 -7.22 8.63 3.47
N ALA A 5 -7.09 7.34 3.69
CA ALA A 5 -8.08 6.36 3.13
C ALA A 5 -7.78 4.96 3.69
N LYS A 6 -8.77 4.11 3.72
CA LYS A 6 -8.56 2.74 4.27
C LYS A 6 -9.18 1.69 3.33
N PHE A 7 -8.40 0.73 2.88
CA PHE A 7 -8.94 -0.29 1.94
C PHE A 7 -8.21 -1.63 2.11
N HIS A 8 -8.79 -2.70 1.62
CA HIS A 8 -8.18 -4.06 1.79
C HIS A 8 -7.72 -4.59 0.43
N THR A 9 -6.56 -5.21 0.40
CA THR A 9 -6.06 -5.82 -0.87
C THR A 9 -5.14 -7.01 -0.54
N THR A 10 -4.88 -7.87 -1.50
CA THR A 10 -3.95 -9.01 -1.25
C THR A 10 -2.66 -8.83 -2.06
N VAL A 11 -1.60 -9.47 -1.65
CA VAL A 11 -0.29 -9.29 -2.34
C VAL A 11 -0.24 -10.11 -3.62
N HIS A 12 0.26 -9.53 -4.68
CA HIS A 12 0.45 -10.29 -5.96
C HIS A 12 1.94 -10.37 -6.29
N ARG A 13 2.29 -11.13 -7.29
CA ARG A 13 3.73 -11.37 -7.64
C ARG A 13 4.54 -10.05 -7.66
N ILE A 14 5.82 -10.14 -7.40
CA ILE A 14 6.71 -8.91 -7.26
C ILE A 14 6.29 -8.02 -6.08
N GLY A 15 5.36 -8.43 -5.25
CA GLY A 15 4.96 -7.58 -4.09
C GLY A 15 4.03 -6.45 -4.56
N ARG A 16 3.46 -6.55 -5.75
CA ARG A 16 2.61 -5.44 -6.28
C ARG A 16 1.17 -5.60 -5.77
N ILE A 17 0.52 -4.50 -5.50
CA ILE A 17 -0.95 -4.55 -5.17
C ILE A 17 -1.69 -3.50 -6.00
N ILE A 18 -2.95 -3.70 -6.25
CA ILE A 18 -3.75 -2.68 -7.01
C ILE A 18 -4.85 -2.12 -6.11
N ILE A 19 -4.94 -0.82 -6.00
CA ILE A 19 -6.06 -0.20 -5.23
C ILE A 19 -7.32 -0.17 -6.09
N PRO A 20 -8.47 -0.35 -5.47
CA PRO A 20 -9.76 -0.21 -6.22
C PRO A 20 -9.90 1.23 -6.72
N ALA A 21 -10.45 1.40 -7.89
CA ALA A 21 -10.58 2.78 -8.47
C ALA A 21 -11.39 3.67 -7.52
N GLY A 22 -12.25 3.09 -6.72
CA GLY A 22 -13.08 3.90 -5.78
C GLY A 22 -12.17 4.59 -4.75
N THR A 23 -11.21 3.87 -4.21
CA THR A 23 -10.30 4.48 -3.19
C THR A 23 -9.37 5.50 -3.86
N ARG A 24 -8.91 5.21 -5.06
CA ARG A 24 -8.05 6.22 -5.80
C ARG A 24 -8.82 7.55 -5.92
N LYS A 25 -10.09 7.46 -6.19
CA LYS A 25 -10.92 8.69 -6.39
C LYS A 25 -10.99 9.48 -5.08
N PHE A 26 -11.33 8.82 -4.00
CA PHE A 26 -11.42 9.52 -2.67
C PHE A 26 -10.09 10.20 -2.32
N TYR A 27 -9.00 9.55 -2.62
CA TYR A 27 -7.66 10.10 -2.25
C TYR A 27 -7.11 11.05 -3.34
N GLY A 28 -7.68 11.03 -4.53
CA GLY A 28 -7.21 11.95 -5.61
C GLY A 28 -5.89 11.43 -6.18
N ILE A 29 -5.79 10.14 -6.40
CA ILE A 29 -4.51 9.55 -6.91
C ILE A 29 -4.46 9.59 -8.43
N GLU A 30 -3.42 10.18 -8.97
CA GLU A 30 -3.18 10.13 -10.45
C GLU A 30 -1.75 9.65 -10.70
N GLN A 31 -1.49 9.06 -11.85
CA GLN A 31 -0.12 8.53 -12.13
C GLN A 31 0.94 9.63 -11.95
N GLY A 32 2.06 9.28 -11.39
CA GLY A 32 3.15 10.28 -11.19
C GLY A 32 3.05 10.91 -9.78
N ASP A 33 1.94 10.78 -9.11
CA ASP A 33 1.83 11.32 -7.71
C ASP A 33 2.55 10.40 -6.73
N PHE A 34 2.94 10.90 -5.58
CA PHE A 34 3.53 10.01 -4.54
C PHE A 34 2.59 9.94 -3.34
N VAL A 35 2.44 8.78 -2.76
CA VAL A 35 1.63 8.65 -1.51
C VAL A 35 2.43 7.87 -0.48
N GLU A 36 2.15 8.09 0.79
CA GLU A 36 2.88 7.35 1.86
C GLU A 36 1.89 6.48 2.60
N ILE A 37 2.16 5.20 2.66
CA ILE A 37 1.10 4.26 3.13
C ILE A 37 1.69 3.18 4.05
N LYS A 38 0.87 2.58 4.87
CA LYS A 38 1.35 1.49 5.78
C LYS A 38 0.41 0.29 5.69
N ILE A 39 0.94 -0.91 5.77
CA ILE A 39 0.07 -2.13 5.74
C ILE A 39 0.15 -2.88 7.07
N VAL A 40 -0.92 -3.56 7.42
CA VAL A 40 -0.91 -4.37 8.66
C VAL A 40 -1.60 -5.72 8.42
N LYS A 41 -0.90 -6.79 8.67
CA LYS A 41 -1.51 -8.14 8.58
C LYS A 41 -1.19 -8.93 9.84
N TYR A 42 -2.08 -9.78 10.28
CA TYR A 42 -1.83 -10.56 11.53
C TYR A 42 -1.40 -11.99 11.20
N GLU A 43 -0.34 -12.45 11.81
CA GLU A 43 0.13 -13.85 11.57
C GLU A 43 0.44 -14.53 12.90
N GLY A 44 -0.09 -15.72 13.11
CA GLY A 44 0.15 -16.44 14.40
C GLY A 44 -0.38 -15.61 15.57
N GLU A 45 0.43 -15.39 16.56
CA GLU A 45 -0.01 -14.54 17.73
C GLU A 45 0.64 -13.14 17.68
N GLU A 46 1.28 -12.78 16.59
CA GLU A 46 1.94 -11.43 16.51
C GLU A 46 1.54 -10.69 15.21
N PRO A 47 1.23 -9.40 15.33
CA PRO A 47 0.94 -8.60 14.12
C PRO A 47 2.24 -8.29 13.35
N LYS A 48 2.18 -8.32 12.04
CA LYS A 48 3.33 -7.85 11.22
C LYS A 48 2.94 -6.57 10.48
N GLU A 49 3.82 -5.60 10.43
CA GLU A 49 3.47 -4.30 9.78
C GLU A 49 4.60 -3.82 8.85
N GLY A 50 4.30 -2.88 8.00
CA GLY A 50 5.35 -2.33 7.09
C GLY A 50 4.92 -0.95 6.59
N THR A 51 5.81 0.01 6.59
CA THR A 51 5.47 1.37 6.08
C THR A 51 6.49 1.80 5.03
N PHE A 52 6.03 2.40 3.94
CA PHE A 52 6.99 2.90 2.91
C PHE A 52 6.35 4.02 2.06
N THR A 53 7.13 4.63 1.20
CA THR A 53 6.56 5.62 0.24
C THR A 53 6.54 5.01 -1.17
N ALA A 54 5.50 5.25 -1.92
CA ALA A 54 5.36 4.61 -3.26
C ALA A 54 4.78 5.60 -4.28
N ARG A 55 5.20 5.49 -5.51
CA ARG A 55 4.61 6.33 -6.59
C ARG A 55 3.47 5.59 -7.26
N VAL A 56 2.45 6.30 -7.69
CA VAL A 56 1.30 5.64 -8.36
C VAL A 56 1.64 5.32 -9.81
N GLY A 57 1.48 4.08 -10.18
CA GLY A 57 1.77 3.67 -11.58
C GLY A 57 0.46 3.50 -12.36
N GLU A 58 0.54 2.90 -13.52
CA GLU A 58 -0.68 2.69 -14.35
C GLU A 58 -1.69 1.81 -13.59
N GLN A 59 -2.96 1.97 -13.89
CA GLN A 59 -4.02 1.16 -13.21
C GLN A 59 -3.93 1.28 -11.68
N GLY A 60 -3.30 2.30 -11.15
CA GLY A 60 -3.36 2.53 -9.67
C GLY A 60 -2.50 1.51 -8.92
N SER A 61 -1.54 0.89 -9.59
CA SER A 61 -0.72 -0.16 -8.92
C SER A 61 0.35 0.50 -8.04
N VAL A 62 0.69 -0.14 -6.95
CA VAL A 62 1.80 0.36 -6.08
C VAL A 62 2.66 -0.82 -5.60
N ILE A 63 3.94 -0.62 -5.45
CA ILE A 63 4.85 -1.76 -5.09
C ILE A 63 5.37 -1.62 -3.66
N ILE A 64 5.14 -2.61 -2.83
CA ILE A 64 5.78 -2.63 -1.47
C ILE A 64 7.25 -3.08 -1.60
N PRO A 65 8.12 -2.53 -0.78
CA PRO A 65 9.56 -2.92 -0.84
C PRO A 65 9.74 -4.38 -0.45
N LYS A 66 10.55 -5.11 -1.20
CA LYS A 66 10.80 -6.56 -0.89
C LYS A 66 11.27 -6.74 0.55
N ALA A 67 12.03 -5.79 1.05
CA ALA A 67 12.57 -5.89 2.44
C ALA A 67 11.42 -6.01 3.45
N LEU A 68 10.34 -5.29 3.21
CA LEU A 68 9.17 -5.37 4.13
C LEU A 68 8.37 -6.65 3.88
N ARG A 69 8.33 -7.12 2.65
CA ARG A 69 7.58 -8.40 2.38
C ARG A 69 8.16 -9.54 3.22
N ASP A 70 9.47 -9.63 3.26
CA ASP A 70 10.13 -10.76 3.99
C ASP A 70 9.95 -10.62 5.49
N VAL A 71 10.19 -9.44 6.01
CA VAL A 71 10.08 -9.24 7.50
C VAL A 71 8.63 -9.53 7.95
N ILE A 72 7.67 -9.15 7.15
CA ILE A 72 6.24 -9.33 7.55
C ILE A 72 5.77 -10.76 7.24
N GLY A 73 6.47 -11.49 6.41
CA GLY A 73 6.09 -12.92 6.15
C GLY A 73 4.88 -12.96 5.21
N ILE A 74 4.80 -12.05 4.27
CA ILE A 74 3.58 -11.95 3.41
C ILE A 74 3.73 -12.79 2.15
N LYS A 75 2.67 -13.41 1.71
CA LYS A 75 2.74 -14.30 0.50
C LYS A 75 1.61 -13.94 -0.49
N PRO A 76 1.80 -14.32 -1.75
CA PRO A 76 0.75 -14.06 -2.78
C PRO A 76 -0.62 -14.64 -2.35
N GLY A 77 -1.66 -13.87 -2.50
CA GLY A 77 -3.04 -14.39 -2.20
C GLY A 77 -3.46 -14.07 -0.75
N GLU A 78 -2.60 -13.45 0.03
CA GLU A 78 -2.96 -13.12 1.45
C GLU A 78 -3.45 -11.68 1.55
N VAL A 79 -4.55 -11.47 2.24
CA VAL A 79 -5.17 -10.11 2.29
C VAL A 79 -4.66 -9.31 3.50
N ILE A 80 -4.34 -8.07 3.29
CA ILE A 80 -3.90 -7.18 4.41
C ILE A 80 -4.78 -5.92 4.41
N GLU A 81 -4.82 -5.23 5.52
CA GLU A 81 -5.57 -3.94 5.60
C GLU A 81 -4.58 -2.79 5.42
N VAL A 82 -4.89 -1.86 4.56
CA VAL A 82 -3.89 -0.81 4.17
C VAL A 82 -4.40 0.57 4.57
N LEU A 83 -3.56 1.33 5.23
CA LEU A 83 -3.93 2.71 5.66
C LEU A 83 -3.02 3.72 4.97
N LEU A 84 -3.57 4.74 4.36
CA LEU A 84 -2.71 5.84 3.80
C LEU A 84 -2.31 6.80 4.93
N LEU A 85 -1.08 7.26 4.90
CA LEU A 85 -0.59 8.13 6.02
C LEU A 85 -0.36 9.56 5.54
N GLY A 86 -0.02 9.74 4.29
CA GLY A 86 0.28 11.13 3.79
C GLY A 86 0.35 11.17 2.26
N HIS A 87 0.58 12.34 1.69
CA HIS A 87 0.65 12.47 0.21
C HIS A 87 1.77 13.46 -0.17
N TYR A 88 2.45 13.23 -1.27
CA TYR A 88 3.55 14.16 -1.68
C TYR A 88 3.39 14.54 -3.16
N LYS A 89 3.65 15.78 -3.49
CA LYS A 89 3.56 16.22 -4.92
C LYS A 89 4.91 16.83 -5.37
N PRO A 90 5.16 16.83 -6.67
CA PRO A 90 6.42 17.39 -7.20
C PRO A 90 6.60 18.85 -6.76
N ARG A 91 7.80 19.23 -6.40
CA ARG A 91 8.06 20.64 -5.98
C ARG A 91 9.35 21.17 -6.62
N ASN A 92 9.49 22.47 -6.70
CA ASN A 92 10.72 23.06 -7.32
C ASN A 92 11.55 23.78 -6.25
N MET A 1 -3.36 7.65 14.99
CA MET A 1 -2.73 7.71 13.64
C MET A 1 -3.75 8.17 12.60
N ASP A 2 -3.53 9.31 11.99
CA ASP A 2 -4.48 9.83 10.96
C ASP A 2 -4.34 9.01 9.67
N VAL A 3 -5.44 8.77 8.99
CA VAL A 3 -5.39 8.02 7.71
C VAL A 3 -6.11 8.82 6.61
N LEU A 4 -5.53 8.90 5.45
CA LEU A 4 -6.21 9.63 4.33
C LEU A 4 -7.20 8.69 3.60
N ALA A 5 -7.04 7.39 3.77
CA ALA A 5 -8.01 6.42 3.18
C ALA A 5 -7.66 5.00 3.64
N LYS A 6 -8.63 4.13 3.73
CA LYS A 6 -8.35 2.74 4.20
C LYS A 6 -9.03 1.72 3.30
N PHE A 7 -8.29 0.75 2.82
CA PHE A 7 -8.87 -0.26 1.89
C PHE A 7 -8.16 -1.62 2.05
N HIS A 8 -8.77 -2.67 1.57
CA HIS A 8 -8.17 -4.04 1.73
C HIS A 8 -7.72 -4.60 0.38
N THR A 9 -6.58 -5.21 0.34
CA THR A 9 -6.09 -5.84 -0.94
C THR A 9 -5.17 -7.02 -0.61
N THR A 10 -4.93 -7.90 -1.56
CA THR A 10 -4.00 -9.04 -1.31
C THR A 10 -2.71 -8.86 -2.11
N VAL A 11 -1.65 -9.49 -1.69
CA VAL A 11 -0.33 -9.30 -2.37
C VAL A 11 -0.26 -10.15 -3.64
N HIS A 12 0.24 -9.58 -4.70
CA HIS A 12 0.47 -10.35 -5.95
C HIS A 12 1.97 -10.44 -6.24
N ARG A 13 2.34 -11.22 -7.22
CA ARG A 13 3.80 -11.47 -7.52
C ARG A 13 4.61 -10.15 -7.52
N ILE A 14 5.89 -10.24 -7.22
CA ILE A 14 6.77 -9.02 -7.08
C ILE A 14 6.32 -8.08 -5.93
N GLY A 15 5.36 -8.47 -5.13
CA GLY A 15 4.91 -7.59 -4.00
C GLY A 15 4.01 -6.46 -4.54
N ARG A 16 3.49 -6.59 -5.74
CA ARG A 16 2.66 -5.50 -6.33
C ARG A 16 1.21 -5.65 -5.88
N ILE A 17 0.54 -4.55 -5.62
CA ILE A 17 -0.92 -4.59 -5.30
C ILE A 17 -1.66 -3.54 -6.12
N ILE A 18 -2.94 -3.72 -6.34
CA ILE A 18 -3.75 -2.67 -7.06
C ILE A 18 -4.82 -2.11 -6.13
N ILE A 19 -4.89 -0.81 -6.01
CA ILE A 19 -5.98 -0.19 -5.19
C ILE A 19 -7.28 -0.16 -6.02
N PRO A 20 -8.41 -0.33 -5.37
CA PRO A 20 -9.71 -0.20 -6.08
C PRO A 20 -9.87 1.22 -6.61
N ALA A 21 -10.45 1.36 -7.77
CA ALA A 21 -10.60 2.72 -8.38
C ALA A 21 -11.40 3.63 -7.44
N GLY A 22 -12.25 3.06 -6.61
CA GLY A 22 -13.06 3.89 -5.67
C GLY A 22 -12.14 4.60 -4.67
N THR A 23 -11.17 3.89 -4.14
CA THR A 23 -10.25 4.51 -3.15
C THR A 23 -9.33 5.54 -3.84
N ARG A 24 -8.90 5.24 -5.05
CA ARG A 24 -8.05 6.24 -5.81
C ARG A 24 -8.83 7.56 -5.94
N LYS A 25 -10.10 7.46 -6.20
CA LYS A 25 -10.95 8.69 -6.40
C LYS A 25 -11.03 9.49 -5.11
N PHE A 26 -11.36 8.83 -4.03
CA PHE A 26 -11.46 9.55 -2.70
C PHE A 26 -10.13 10.22 -2.35
N TYR A 27 -9.04 9.58 -2.65
CA TYR A 27 -7.70 10.13 -2.27
C TYR A 27 -7.15 11.09 -3.34
N GLY A 28 -7.74 11.11 -4.53
CA GLY A 28 -7.27 12.05 -5.59
C GLY A 28 -5.95 11.56 -6.17
N ILE A 29 -5.84 10.27 -6.43
CA ILE A 29 -4.54 9.71 -6.94
C ILE A 29 -4.49 9.79 -8.47
N GLU A 30 -3.43 10.33 -8.99
CA GLU A 30 -3.19 10.29 -10.46
C GLU A 30 -1.78 9.76 -10.72
N GLN A 31 -1.54 9.18 -11.87
CA GLN A 31 -0.17 8.61 -12.17
C GLN A 31 0.91 9.68 -12.00
N GLY A 32 2.02 9.32 -11.42
CA GLY A 32 3.12 10.31 -11.20
C GLY A 32 3.04 10.93 -9.81
N ASP A 33 1.92 10.81 -9.12
CA ASP A 33 1.82 11.36 -7.73
C ASP A 33 2.53 10.44 -6.74
N PHE A 34 2.92 10.94 -5.61
CA PHE A 34 3.51 10.06 -4.55
C PHE A 34 2.57 9.99 -3.36
N VAL A 35 2.42 8.82 -2.79
CA VAL A 35 1.62 8.69 -1.54
C VAL A 35 2.42 7.91 -0.50
N GLU A 36 2.14 8.12 0.76
CA GLU A 36 2.89 7.40 1.83
C GLU A 36 1.92 6.52 2.59
N ILE A 37 2.20 5.24 2.64
CA ILE A 37 1.16 4.28 3.11
C ILE A 37 1.76 3.20 4.01
N LYS A 38 0.95 2.57 4.82
CA LYS A 38 1.46 1.47 5.70
C LYS A 38 0.50 0.27 5.63
N ILE A 39 1.04 -0.92 5.74
CA ILE A 39 0.19 -2.15 5.70
C ILE A 39 0.24 -2.87 7.04
N VAL A 40 -0.81 -3.57 7.38
CA VAL A 40 -0.82 -4.38 8.64
C VAL A 40 -1.47 -5.73 8.38
N LYS A 41 -0.81 -6.80 8.75
CA LYS A 41 -1.40 -8.17 8.59
C LYS A 41 -1.13 -8.99 9.84
N TYR A 42 -2.03 -9.88 10.18
CA TYR A 42 -1.85 -10.70 11.42
C TYR A 42 -1.32 -12.09 11.07
N GLU A 43 -0.26 -12.52 11.73
CA GLU A 43 0.27 -13.90 11.49
C GLU A 43 0.56 -14.58 12.82
N GLY A 44 0.14 -15.81 12.97
CA GLY A 44 0.39 -16.55 14.26
C GLY A 44 -0.26 -15.79 15.42
N GLU A 45 0.50 -15.54 16.45
CA GLU A 45 -0.04 -14.77 17.61
C GLU A 45 0.49 -13.32 17.64
N GLU A 46 1.15 -12.87 16.59
CA GLU A 46 1.72 -11.48 16.59
C GLU A 46 1.35 -10.72 15.30
N PRO A 47 0.96 -9.46 15.44
CA PRO A 47 0.73 -8.62 14.24
C PRO A 47 2.05 -8.19 13.61
N LYS A 48 2.11 -8.09 12.31
CA LYS A 48 3.31 -7.50 11.64
C LYS A 48 2.91 -6.28 10.80
N GLU A 49 3.81 -5.34 10.66
CA GLU A 49 3.47 -4.08 9.91
C GLU A 49 4.61 -3.68 8.98
N GLY A 50 4.35 -2.77 8.08
CA GLY A 50 5.42 -2.23 7.20
C GLY A 50 5.01 -0.87 6.66
N THR A 51 5.90 0.09 6.66
CA THR A 51 5.55 1.45 6.12
C THR A 51 6.55 1.83 5.02
N PHE A 52 6.07 2.41 3.94
CA PHE A 52 7.01 2.89 2.87
C PHE A 52 6.35 4.01 2.03
N THR A 53 7.12 4.61 1.15
CA THR A 53 6.55 5.60 0.20
C THR A 53 6.50 4.99 -1.20
N ALA A 54 5.45 5.25 -1.95
CA ALA A 54 5.30 4.61 -3.28
C ALA A 54 4.72 5.60 -4.30
N ARG A 55 5.15 5.49 -5.54
CA ARG A 55 4.57 6.34 -6.61
C ARG A 55 3.41 5.60 -7.30
N VAL A 56 2.40 6.31 -7.70
CA VAL A 56 1.24 5.66 -8.37
C VAL A 56 1.58 5.36 -9.83
N GLY A 57 1.44 4.13 -10.23
CA GLY A 57 1.73 3.73 -11.63
C GLY A 57 0.43 3.53 -12.41
N GLU A 58 0.52 2.90 -13.54
CA GLU A 58 -0.70 2.66 -14.38
C GLU A 58 -1.71 1.79 -13.61
N GLN A 59 -2.97 1.93 -13.91
CA GLN A 59 -4.03 1.13 -13.21
C GLN A 59 -3.94 1.26 -11.68
N GLY A 60 -3.31 2.30 -11.17
CA GLY A 60 -3.36 2.55 -9.69
C GLY A 60 -2.48 1.54 -8.95
N SER A 61 -1.53 0.93 -9.61
CA SER A 61 -0.71 -0.13 -8.95
C SER A 61 0.36 0.51 -8.06
N VAL A 62 0.70 -0.13 -6.98
CA VAL A 62 1.80 0.37 -6.09
C VAL A 62 2.64 -0.82 -5.62
N ILE A 63 3.94 -0.62 -5.44
CA ILE A 63 4.83 -1.77 -5.07
C ILE A 63 5.35 -1.63 -3.63
N ILE A 64 5.10 -2.61 -2.82
CA ILE A 64 5.70 -2.64 -1.44
C ILE A 64 7.16 -3.08 -1.53
N PRO A 65 8.02 -2.53 -0.69
CA PRO A 65 9.46 -2.91 -0.73
C PRO A 65 9.65 -4.38 -0.35
N LYS A 66 10.43 -5.11 -1.10
CA LYS A 66 10.67 -6.57 -0.82
C LYS A 66 11.17 -6.75 0.62
N ALA A 67 11.95 -5.82 1.10
CA ALA A 67 12.51 -5.95 2.49
C ALA A 67 11.38 -6.07 3.52
N LEU A 68 10.32 -5.34 3.31
CA LEU A 68 9.16 -5.42 4.25
C LEU A 68 8.34 -6.69 4.00
N ARG A 69 8.27 -7.15 2.77
CA ARG A 69 7.52 -8.42 2.49
C ARG A 69 8.10 -9.57 3.31
N ASP A 70 9.41 -9.67 3.33
CA ASP A 70 10.07 -10.83 4.01
C ASP A 70 9.91 -10.72 5.52
N VAL A 71 10.16 -9.55 6.07
CA VAL A 71 10.03 -9.38 7.56
C VAL A 71 8.60 -9.68 8.01
N ILE A 72 7.64 -9.27 7.23
CA ILE A 72 6.21 -9.44 7.64
C ILE A 72 5.69 -10.85 7.27
N GLY A 73 6.40 -11.59 6.44
CA GLY A 73 5.98 -13.00 6.13
C GLY A 73 4.79 -12.99 5.16
N ILE A 74 4.77 -12.06 4.23
CA ILE A 74 3.58 -11.92 3.34
C ILE A 74 3.74 -12.80 2.09
N LYS A 75 2.66 -13.41 1.65
CA LYS A 75 2.73 -14.31 0.46
C LYS A 75 1.60 -13.98 -0.53
N PRO A 76 1.74 -14.44 -1.77
CA PRO A 76 0.71 -14.15 -2.79
C PRO A 76 -0.67 -14.71 -2.36
N GLY A 77 -1.70 -13.91 -2.52
CA GLY A 77 -3.08 -14.40 -2.22
C GLY A 77 -3.47 -14.09 -0.76
N GLU A 78 -2.60 -13.45 0.01
CA GLU A 78 -2.96 -13.11 1.43
C GLU A 78 -3.47 -11.68 1.52
N VAL A 79 -4.56 -11.47 2.23
CA VAL A 79 -5.18 -10.13 2.28
C VAL A 79 -4.65 -9.32 3.47
N ILE A 80 -4.29 -8.09 3.23
CA ILE A 80 -3.84 -7.18 4.32
C ILE A 80 -4.72 -5.92 4.33
N GLU A 81 -4.75 -5.22 5.44
CA GLU A 81 -5.48 -3.92 5.50
C GLU A 81 -4.47 -2.79 5.30
N VAL A 82 -4.78 -1.86 4.43
CA VAL A 82 -3.79 -0.82 4.03
C VAL A 82 -4.28 0.57 4.46
N LEU A 83 -3.45 1.29 5.16
CA LEU A 83 -3.82 2.67 5.62
C LEU A 83 -2.92 3.69 4.95
N LEU A 84 -3.48 4.71 4.35
CA LEU A 84 -2.64 5.83 3.81
C LEU A 84 -2.24 6.77 4.95
N LEU A 85 -1.02 7.25 4.92
CA LEU A 85 -0.52 8.10 6.04
C LEU A 85 -0.31 9.55 5.57
N GLY A 86 0.05 9.74 4.32
CA GLY A 86 0.32 11.14 3.83
C GLY A 86 0.45 11.18 2.30
N HIS A 87 0.74 12.33 1.74
CA HIS A 87 0.82 12.47 0.26
C HIS A 87 1.92 13.47 -0.14
N TYR A 88 2.49 13.30 -1.30
CA TYR A 88 3.50 14.29 -1.82
C TYR A 88 3.23 14.59 -3.29
N LYS A 89 3.37 15.84 -3.68
CA LYS A 89 3.10 16.22 -5.10
C LYS A 89 4.34 16.90 -5.72
N PRO A 90 4.48 16.79 -7.03
CA PRO A 90 5.63 17.45 -7.74
C PRO A 90 5.67 18.95 -7.44
N ARG A 91 6.84 19.55 -7.49
CA ARG A 91 6.95 21.01 -7.23
C ARG A 91 7.48 21.73 -8.48
N ASN A 92 6.99 22.91 -8.76
CA ASN A 92 7.47 23.67 -9.96
C ASN A 92 7.79 25.12 -9.58
N MET A 1 -3.69 6.62 14.32
CA MET A 1 -3.22 7.91 13.75
C MET A 1 -4.17 8.39 12.66
N ASP A 2 -3.83 9.47 12.00
CA ASP A 2 -4.68 10.00 10.89
C ASP A 2 -4.47 9.17 9.63
N VAL A 3 -5.54 8.88 8.92
CA VAL A 3 -5.40 8.10 7.65
C VAL A 3 -6.15 8.85 6.52
N LEU A 4 -5.54 8.96 5.38
CA LEU A 4 -6.19 9.68 4.24
C LEU A 4 -7.19 8.76 3.51
N ALA A 5 -7.04 7.46 3.67
CA ALA A 5 -8.02 6.50 3.06
C ALA A 5 -7.73 5.09 3.56
N LYS A 6 -8.72 4.24 3.60
CA LYS A 6 -8.52 2.87 4.15
C LYS A 6 -9.15 1.83 3.22
N PHE A 7 -8.39 0.84 2.79
CA PHE A 7 -8.94 -0.20 1.88
C PHE A 7 -8.22 -1.54 2.07
N HIS A 8 -8.79 -2.62 1.59
CA HIS A 8 -8.19 -3.97 1.79
C HIS A 8 -7.73 -4.56 0.46
N THR A 9 -6.58 -5.17 0.43
CA THR A 9 -6.08 -5.83 -0.82
C THR A 9 -5.16 -7.02 -0.45
N THR A 10 -4.92 -7.91 -1.38
CA THR A 10 -3.97 -9.04 -1.09
C THR A 10 -2.68 -8.85 -1.90
N VAL A 11 -1.62 -9.49 -1.47
CA VAL A 11 -0.30 -9.31 -2.17
C VAL A 11 -0.25 -10.16 -3.43
N HIS A 12 0.24 -9.61 -4.51
CA HIS A 12 0.41 -10.40 -5.77
C HIS A 12 1.89 -10.51 -6.10
N ARG A 13 2.22 -11.31 -7.08
CA ARG A 13 3.67 -11.55 -7.44
C ARG A 13 4.48 -10.25 -7.50
N ILE A 14 5.77 -10.34 -7.25
CA ILE A 14 6.67 -9.12 -7.18
C ILE A 14 6.28 -8.17 -6.03
N GLY A 15 5.36 -8.53 -5.17
CA GLY A 15 4.98 -7.63 -4.04
C GLY A 15 4.06 -6.51 -4.53
N ARG A 16 3.49 -6.65 -5.71
CA ARG A 16 2.64 -5.56 -6.27
C ARG A 16 1.20 -5.68 -5.77
N ILE A 17 0.55 -4.57 -5.52
CA ILE A 17 -0.91 -4.60 -5.18
C ILE A 17 -1.65 -3.56 -6.01
N ILE A 18 -2.93 -3.76 -6.24
CA ILE A 18 -3.73 -2.74 -6.99
C ILE A 18 -4.82 -2.17 -6.08
N ILE A 19 -4.90 -0.87 -5.99
CA ILE A 19 -6.01 -0.25 -5.19
C ILE A 19 -7.30 -0.24 -6.02
N PRO A 20 -8.43 -0.41 -5.38
CA PRO A 20 -9.73 -0.29 -6.09
C PRO A 20 -9.89 1.12 -6.63
N ALA A 21 -10.48 1.26 -7.78
CA ALA A 21 -10.66 2.61 -8.39
C ALA A 21 -11.43 3.52 -7.44
N GLY A 22 -12.26 2.95 -6.59
CA GLY A 22 -13.07 3.78 -5.65
C GLY A 22 -12.15 4.51 -4.67
N THR A 23 -11.16 3.81 -4.13
CA THR A 23 -10.23 4.47 -3.16
C THR A 23 -9.35 5.49 -3.88
N ARG A 24 -8.95 5.19 -5.10
CA ARG A 24 -8.10 6.17 -5.87
C ARG A 24 -8.81 7.52 -5.97
N LYS A 25 -10.09 7.49 -6.24
CA LYS A 25 -10.86 8.77 -6.40
C LYS A 25 -10.91 9.52 -5.07
N PHE A 26 -11.28 8.85 -4.01
CA PHE A 26 -11.39 9.52 -2.67
C PHE A 26 -10.06 10.18 -2.29
N TYR A 27 -8.97 9.54 -2.61
CA TYR A 27 -7.62 10.09 -2.25
C TYR A 27 -7.09 11.04 -3.34
N GLY A 28 -7.68 11.02 -4.52
CA GLY A 28 -7.22 11.95 -5.60
C GLY A 28 -5.90 11.46 -6.19
N ILE A 29 -5.79 10.16 -6.42
CA ILE A 29 -4.50 9.59 -6.94
C ILE A 29 -4.46 9.65 -8.46
N GLU A 30 -3.41 10.23 -9.00
CA GLU A 30 -3.17 10.17 -10.47
C GLU A 30 -1.75 9.64 -10.73
N GLN A 31 -1.49 9.12 -11.91
CA GLN A 31 -0.14 8.56 -12.20
C GLN A 31 0.95 9.62 -11.98
N GLY A 32 2.04 9.24 -11.38
CA GLY A 32 3.17 10.19 -11.15
C GLY A 32 3.07 10.84 -9.75
N ASP A 33 1.94 10.74 -9.08
CA ASP A 33 1.83 11.30 -7.70
C ASP A 33 2.55 10.38 -6.70
N PHE A 34 2.96 10.92 -5.57
CA PHE A 34 3.54 10.05 -4.51
C PHE A 34 2.60 9.98 -3.32
N VAL A 35 2.44 8.81 -2.75
CA VAL A 35 1.63 8.69 -1.50
C VAL A 35 2.41 7.90 -0.46
N GLU A 36 2.14 8.14 0.80
CA GLU A 36 2.87 7.40 1.88
C GLU A 36 1.87 6.53 2.62
N ILE A 37 2.14 5.25 2.67
CA ILE A 37 1.09 4.30 3.14
C ILE A 37 1.70 3.21 4.02
N LYS A 38 0.88 2.57 4.83
CA LYS A 38 1.38 1.44 5.66
C LYS A 38 0.42 0.26 5.58
N ILE A 39 0.94 -0.96 5.64
CA ILE A 39 0.06 -2.15 5.63
C ILE A 39 0.17 -2.91 6.96
N VAL A 40 -0.89 -3.59 7.34
CA VAL A 40 -0.84 -4.41 8.59
C VAL A 40 -1.59 -5.73 8.37
N LYS A 41 -0.93 -6.84 8.60
CA LYS A 41 -1.59 -8.17 8.49
C LYS A 41 -1.28 -8.99 9.74
N TYR A 42 -2.22 -9.79 10.18
CA TYR A 42 -1.99 -10.60 11.42
C TYR A 42 -1.74 -12.06 11.05
N GLU A 43 -0.68 -12.65 11.57
CA GLU A 43 -0.40 -14.09 11.31
C GLU A 43 -0.03 -14.81 12.60
N GLY A 44 -0.66 -15.92 12.88
CA GLY A 44 -0.40 -16.65 14.16
C GLY A 44 -0.74 -15.75 15.35
N GLU A 45 0.18 -15.61 16.28
CA GLU A 45 -0.07 -14.72 17.46
C GLU A 45 0.72 -13.39 17.34
N GLU A 46 1.23 -13.07 16.18
CA GLU A 46 2.05 -11.82 16.03
C GLU A 46 1.59 -10.99 14.80
N PRO A 47 1.25 -9.73 15.02
CA PRO A 47 0.93 -8.84 13.87
C PRO A 47 2.22 -8.44 13.14
N LYS A 48 2.20 -8.48 11.84
CA LYS A 48 3.36 -7.95 11.05
C LYS A 48 2.95 -6.68 10.29
N GLU A 49 3.78 -5.69 10.29
CA GLU A 49 3.41 -4.39 9.64
C GLU A 49 4.57 -3.87 8.77
N GLY A 50 4.28 -2.91 7.91
CA GLY A 50 5.35 -2.29 7.08
C GLY A 50 4.88 -0.92 6.61
N THR A 51 5.75 0.07 6.69
CA THR A 51 5.40 1.43 6.17
C THR A 51 6.42 1.88 5.13
N PHE A 52 5.97 2.45 4.04
CA PHE A 52 6.93 2.94 3.00
C PHE A 52 6.30 4.05 2.14
N THR A 53 7.08 4.66 1.29
CA THR A 53 6.52 5.64 0.31
C THR A 53 6.51 5.03 -1.09
N ALA A 54 5.48 5.28 -1.85
CA ALA A 54 5.36 4.62 -3.19
C ALA A 54 4.77 5.61 -4.21
N ARG A 55 5.20 5.50 -5.45
CA ARG A 55 4.61 6.35 -6.52
C ARG A 55 3.48 5.59 -7.21
N VAL A 56 2.45 6.28 -7.62
CA VAL A 56 1.29 5.61 -8.28
C VAL A 56 1.63 5.32 -9.74
N GLY A 57 1.45 4.09 -10.14
CA GLY A 57 1.71 3.71 -11.57
C GLY A 57 0.37 3.57 -12.30
N GLU A 58 0.41 3.07 -13.51
CA GLU A 58 -0.84 2.89 -14.31
C GLU A 58 -1.77 1.91 -13.59
N GLN A 59 -3.05 1.98 -13.86
CA GLN A 59 -4.06 1.10 -13.18
C GLN A 59 -3.98 1.21 -11.65
N GLY A 60 -3.38 2.27 -11.11
CA GLY A 60 -3.44 2.48 -9.63
C GLY A 60 -2.53 1.47 -8.91
N SER A 61 -1.58 0.89 -9.58
CA SER A 61 -0.73 -0.15 -8.95
C SER A 61 0.34 0.50 -8.07
N VAL A 62 0.67 -0.12 -6.96
CA VAL A 62 1.78 0.38 -6.10
C VAL A 62 2.64 -0.80 -5.62
N ILE A 63 3.92 -0.59 -5.47
CA ILE A 63 4.84 -1.73 -5.14
C ILE A 63 5.38 -1.61 -3.70
N ILE A 64 5.16 -2.61 -2.89
CA ILE A 64 5.80 -2.64 -1.54
C ILE A 64 7.27 -3.07 -1.67
N PRO A 65 8.15 -2.49 -0.86
CA PRO A 65 9.60 -2.85 -0.95
C PRO A 65 9.82 -4.31 -0.55
N LYS A 66 10.64 -5.02 -1.28
CA LYS A 66 10.93 -6.46 -0.96
C LYS A 66 11.41 -6.61 0.49
N ALA A 67 12.14 -5.65 0.97
CA ALA A 67 12.68 -5.72 2.38
C ALA A 67 11.53 -5.85 3.38
N LEU A 68 10.45 -5.16 3.13
CA LEU A 68 9.28 -5.24 4.06
C LEU A 68 8.50 -6.54 3.83
N ARG A 69 8.45 -7.03 2.61
CA ARG A 69 7.72 -8.32 2.35
C ARG A 69 8.31 -9.44 3.21
N ASP A 70 9.62 -9.51 3.24
CA ASP A 70 10.30 -10.63 3.98
C ASP A 70 10.12 -10.45 5.49
N VAL A 71 10.38 -9.26 5.99
CA VAL A 71 10.28 -9.03 7.46
C VAL A 71 8.84 -9.30 7.94
N ILE A 72 7.88 -8.94 7.15
CA ILE A 72 6.45 -9.08 7.56
C ILE A 72 5.96 -10.52 7.31
N GLY A 73 6.64 -11.29 6.49
CA GLY A 73 6.23 -12.71 6.28
C GLY A 73 5.00 -12.77 5.36
N ILE A 74 4.92 -11.87 4.41
CA ILE A 74 3.69 -11.78 3.55
C ILE A 74 3.83 -12.67 2.30
N LYS A 75 2.75 -13.30 1.90
CA LYS A 75 2.81 -14.22 0.72
C LYS A 75 1.66 -13.91 -0.27
N PRO A 76 1.79 -14.39 -1.50
CA PRO A 76 0.73 -14.11 -2.51
C PRO A 76 -0.61 -14.68 -2.06
N GLY A 77 -1.66 -13.91 -2.22
CA GLY A 77 -3.04 -14.42 -1.89
C GLY A 77 -3.42 -14.07 -0.43
N GLU A 78 -2.55 -13.42 0.32
CA GLU A 78 -2.89 -13.05 1.72
C GLU A 78 -3.44 -11.63 1.79
N VAL A 79 -4.55 -11.44 2.45
CA VAL A 79 -5.21 -10.10 2.45
C VAL A 79 -4.73 -9.25 3.64
N ILE A 80 -4.45 -8.00 3.37
CA ILE A 80 -3.98 -7.08 4.44
C ILE A 80 -4.87 -5.83 4.45
N GLU A 81 -4.87 -5.12 5.54
CA GLU A 81 -5.61 -3.82 5.61
C GLU A 81 -4.61 -2.69 5.40
N VAL A 82 -4.91 -1.81 4.48
CA VAL A 82 -3.90 -0.78 4.07
C VAL A 82 -4.39 0.62 4.49
N LEU A 83 -3.54 1.35 5.15
CA LEU A 83 -3.91 2.72 5.62
C LEU A 83 -3.00 3.74 4.94
N LEU A 84 -3.56 4.75 4.31
CA LEU A 84 -2.70 5.85 3.77
C LEU A 84 -2.34 6.82 4.90
N LEU A 85 -1.12 7.30 4.90
CA LEU A 85 -0.64 8.15 6.03
C LEU A 85 -0.38 9.59 5.57
N GLY A 86 0.00 9.77 4.32
CA GLY A 86 0.33 11.16 3.85
C GLY A 86 0.45 11.20 2.32
N HIS A 87 0.78 12.34 1.76
CA HIS A 87 0.87 12.48 0.28
C HIS A 87 1.99 13.45 -0.11
N TYR A 88 2.55 13.30 -1.30
CA TYR A 88 3.59 14.25 -1.78
C TYR A 88 3.38 14.56 -3.27
N LYS A 89 3.65 15.78 -3.67
CA LYS A 89 3.49 16.14 -5.11
C LYS A 89 4.85 16.57 -5.70
N PRO A 90 5.03 16.36 -6.99
CA PRO A 90 6.32 16.75 -7.66
C PRO A 90 6.61 18.24 -7.44
N ARG A 91 7.86 18.58 -7.27
CA ARG A 91 8.24 20.02 -7.07
C ARG A 91 9.48 20.37 -7.91
N ASN A 92 9.68 21.63 -8.18
CA ASN A 92 10.87 22.05 -8.98
C ASN A 92 12.00 22.53 -8.07
N MET A 1 -3.38 6.16 14.08
CA MET A 1 -3.02 7.53 13.64
C MET A 1 -4.00 8.03 12.58
N ASP A 2 -3.70 9.16 11.97
CA ASP A 2 -4.59 9.71 10.91
C ASP A 2 -4.43 8.90 9.63
N VAL A 3 -5.53 8.68 8.92
CA VAL A 3 -5.44 7.94 7.63
C VAL A 3 -6.17 8.74 6.54
N LEU A 4 -5.56 8.88 5.40
CA LEU A 4 -6.22 9.63 4.28
C LEU A 4 -7.22 8.73 3.54
N ALA A 5 -7.07 7.42 3.66
CA ALA A 5 -8.03 6.47 3.04
C ALA A 5 -7.74 5.05 3.53
N LYS A 6 -8.73 4.20 3.55
CA LYS A 6 -8.53 2.82 4.08
C LYS A 6 -9.14 1.79 3.14
N PHE A 7 -8.38 0.81 2.71
CA PHE A 7 -8.92 -0.22 1.77
C PHE A 7 -8.20 -1.57 1.97
N HIS A 8 -8.79 -2.63 1.49
CA HIS A 8 -8.19 -3.99 1.69
C HIS A 8 -7.72 -4.57 0.35
N THR A 9 -6.57 -5.18 0.33
CA THR A 9 -6.05 -5.83 -0.92
C THR A 9 -5.15 -7.01 -0.53
N THR A 10 -4.89 -7.92 -1.46
CA THR A 10 -3.96 -9.05 -1.15
C THR A 10 -2.66 -8.89 -1.94
N VAL A 11 -1.61 -9.54 -1.49
CA VAL A 11 -0.29 -9.39 -2.17
C VAL A 11 -0.25 -10.25 -3.44
N HIS A 12 0.27 -9.69 -4.51
CA HIS A 12 0.47 -10.47 -5.76
C HIS A 12 1.96 -10.58 -6.06
N ARG A 13 2.31 -11.37 -7.04
CA ARG A 13 3.76 -11.62 -7.36
C ARG A 13 4.58 -10.31 -7.40
N ILE A 14 5.85 -10.41 -7.12
CA ILE A 14 6.75 -9.19 -7.04
C ILE A 14 6.32 -8.21 -5.92
N GLY A 15 5.38 -8.57 -5.07
CA GLY A 15 4.96 -7.64 -3.98
C GLY A 15 4.03 -6.54 -4.54
N ARG A 16 3.49 -6.72 -5.72
CA ARG A 16 2.64 -5.66 -6.34
C ARG A 16 1.20 -5.76 -5.83
N ILE A 17 0.56 -4.63 -5.63
CA ILE A 17 -0.90 -4.63 -5.30
C ILE A 17 -1.63 -3.59 -6.14
N ILE A 18 -2.90 -3.77 -6.37
CA ILE A 18 -3.69 -2.73 -7.11
C ILE A 18 -4.78 -2.16 -6.21
N ILE A 19 -4.85 -0.86 -6.10
CA ILE A 19 -5.96 -0.23 -5.30
C ILE A 19 -7.24 -0.19 -6.16
N PRO A 20 -8.38 -0.38 -5.53
CA PRO A 20 -9.67 -0.25 -6.26
C PRO A 20 -9.83 1.18 -6.74
N ALA A 21 -10.39 1.36 -7.90
CA ALA A 21 -10.56 2.75 -8.47
C ALA A 21 -11.37 3.62 -7.50
N GLY A 22 -12.20 3.02 -6.69
CA GLY A 22 -13.03 3.81 -5.72
C GLY A 22 -12.12 4.51 -4.71
N THR A 23 -11.14 3.80 -4.18
CA THR A 23 -10.22 4.41 -3.17
C THR A 23 -9.32 5.45 -3.84
N ARG A 24 -8.87 5.19 -5.05
CA ARG A 24 -8.04 6.21 -5.80
C ARG A 24 -8.82 7.52 -5.89
N LYS A 25 -10.10 7.42 -6.16
CA LYS A 25 -10.94 8.64 -6.32
C LYS A 25 -11.04 9.40 -5.00
N PHE A 26 -11.35 8.73 -3.94
CA PHE A 26 -11.48 9.41 -2.61
C PHE A 26 -10.17 10.12 -2.24
N TYR A 27 -9.06 9.52 -2.55
CA TYR A 27 -7.74 10.10 -2.16
C TYR A 27 -7.22 11.09 -3.24
N GLY A 28 -7.80 11.07 -4.43
CA GLY A 28 -7.36 12.04 -5.48
C GLY A 28 -6.02 11.58 -6.07
N ILE A 29 -5.88 10.29 -6.33
CA ILE A 29 -4.58 9.76 -6.85
C ILE A 29 -4.53 9.84 -8.37
N GLU A 30 -3.48 10.41 -8.89
CA GLU A 30 -3.26 10.40 -10.37
C GLU A 30 -1.85 9.87 -10.65
N GLN A 31 -1.62 9.31 -11.82
CA GLN A 31 -0.27 8.72 -12.14
C GLN A 31 0.83 9.77 -11.94
N GLY A 32 1.94 9.36 -11.38
CA GLY A 32 3.08 10.29 -11.18
C GLY A 32 3.03 10.92 -9.77
N ASP A 33 1.91 10.84 -9.07
CA ASP A 33 1.84 11.39 -7.69
C ASP A 33 2.55 10.44 -6.71
N PHE A 34 3.00 10.95 -5.58
CA PHE A 34 3.59 10.06 -4.54
C PHE A 34 2.65 10.00 -3.34
N VAL A 35 2.48 8.84 -2.77
CA VAL A 35 1.68 8.72 -1.53
C VAL A 35 2.47 7.92 -0.49
N GLU A 36 2.19 8.12 0.77
CA GLU A 36 2.92 7.38 1.83
C GLU A 36 1.92 6.51 2.58
N ILE A 37 2.17 5.22 2.62
CA ILE A 37 1.11 4.29 3.08
C ILE A 37 1.71 3.19 3.97
N LYS A 38 0.88 2.57 4.79
CA LYS A 38 1.36 1.46 5.67
C LYS A 38 0.41 0.27 5.58
N ILE A 39 0.94 -0.92 5.67
CA ILE A 39 0.07 -2.15 5.64
C ILE A 39 0.14 -2.88 6.99
N VAL A 40 -0.92 -3.56 7.34
CA VAL A 40 -0.92 -4.37 8.60
C VAL A 40 -1.64 -5.70 8.36
N LYS A 41 -0.98 -6.78 8.66
CA LYS A 41 -1.61 -8.12 8.55
C LYS A 41 -1.27 -8.96 9.79
N TYR A 42 -2.16 -9.84 10.18
CA TYR A 42 -1.90 -10.65 11.41
C TYR A 42 -1.42 -12.05 11.02
N GLU A 43 -0.33 -12.50 11.60
CA GLU A 43 0.18 -13.88 11.29
C GLU A 43 0.58 -14.58 12.59
N GLY A 44 0.19 -15.82 12.75
CA GLY A 44 0.51 -16.58 13.99
C GLY A 44 -0.10 -15.86 15.19
N GLU A 45 0.69 -15.59 16.21
CA GLU A 45 0.18 -14.86 17.40
C GLU A 45 0.66 -13.40 17.43
N GLU A 46 1.31 -12.92 16.38
CA GLU A 46 1.85 -11.52 16.41
C GLU A 46 1.44 -10.76 15.13
N PRO A 47 1.13 -9.48 15.27
CA PRO A 47 0.83 -8.65 14.08
C PRO A 47 2.13 -8.29 13.34
N LYS A 48 2.10 -8.31 12.03
CA LYS A 48 3.26 -7.80 11.23
C LYS A 48 2.82 -6.57 10.44
N GLU A 49 3.64 -5.55 10.40
CA GLU A 49 3.27 -4.30 9.66
C GLU A 49 4.46 -3.76 8.86
N GLY A 50 4.21 -2.81 8.01
CA GLY A 50 5.31 -2.23 7.18
C GLY A 50 4.89 -0.87 6.65
N THR A 51 5.76 0.11 6.70
CA THR A 51 5.43 1.46 6.15
C THR A 51 6.45 1.84 5.07
N PHE A 52 6.00 2.40 3.98
CA PHE A 52 6.95 2.85 2.92
C PHE A 52 6.33 3.97 2.06
N THR A 53 7.12 4.56 1.19
CA THR A 53 6.56 5.56 0.22
C THR A 53 6.51 4.95 -1.18
N ALA A 54 5.47 5.22 -1.92
CA ALA A 54 5.33 4.59 -3.27
C ALA A 54 4.74 5.59 -4.27
N ARG A 55 5.17 5.51 -5.51
CA ARG A 55 4.57 6.38 -6.56
C ARG A 55 3.44 5.63 -7.26
N VAL A 56 2.41 6.34 -7.65
CA VAL A 56 1.24 5.70 -8.32
C VAL A 56 1.57 5.42 -9.79
N GLY A 57 1.42 4.19 -10.20
CA GLY A 57 1.66 3.83 -11.64
C GLY A 57 0.32 3.70 -12.36
N GLU A 58 0.36 3.20 -13.58
CA GLU A 58 -0.91 3.02 -14.36
C GLU A 58 -1.82 2.03 -13.63
N GLN A 59 -3.10 2.11 -13.88
CA GLN A 59 -4.10 1.23 -13.20
C GLN A 59 -3.99 1.32 -11.67
N GLY A 60 -3.39 2.37 -11.14
CA GLY A 60 -3.41 2.57 -9.65
C GLY A 60 -2.49 1.56 -8.95
N SER A 61 -1.54 0.99 -9.66
CA SER A 61 -0.68 -0.08 -9.05
C SER A 61 0.38 0.55 -8.14
N VAL A 62 0.73 -0.12 -7.08
CA VAL A 62 1.84 0.33 -6.20
C VAL A 62 2.67 -0.87 -5.75
N ILE A 63 3.96 -0.69 -5.58
CA ILE A 63 4.84 -1.86 -5.23
C ILE A 63 5.38 -1.72 -3.80
N ILE A 64 5.14 -2.69 -2.97
CA ILE A 64 5.74 -2.69 -1.59
C ILE A 64 7.21 -3.14 -1.67
N PRO A 65 8.06 -2.57 -0.84
CA PRO A 65 9.51 -2.94 -0.87
C PRO A 65 9.70 -4.40 -0.45
N LYS A 66 10.51 -5.13 -1.19
CA LYS A 66 10.76 -6.58 -0.85
C LYS A 66 11.25 -6.73 0.58
N ALA A 67 12.01 -5.77 1.07
CA ALA A 67 12.56 -5.85 2.45
C ALA A 67 11.43 -5.95 3.47
N LEU A 68 10.34 -5.26 3.23
CA LEU A 68 9.18 -5.33 4.16
C LEU A 68 8.39 -6.62 3.94
N ARG A 69 8.34 -7.12 2.71
CA ARG A 69 7.61 -8.40 2.46
C ARG A 69 8.19 -9.52 3.33
N ASP A 70 9.51 -9.61 3.36
CA ASP A 70 10.18 -10.72 4.10
C ASP A 70 9.99 -10.54 5.60
N VAL A 71 10.24 -9.35 6.11
CA VAL A 71 10.12 -9.12 7.59
C VAL A 71 8.69 -9.41 8.05
N ILE A 72 7.73 -9.06 7.25
CA ILE A 72 6.29 -9.23 7.66
C ILE A 72 5.83 -10.67 7.40
N GLY A 73 6.53 -11.42 6.56
CA GLY A 73 6.15 -12.86 6.35
C GLY A 73 4.93 -12.93 5.43
N ILE A 74 4.83 -12.04 4.48
CA ILE A 74 3.59 -11.99 3.62
C ILE A 74 3.77 -12.87 2.38
N LYS A 75 2.69 -13.49 1.94
CA LYS A 75 2.77 -14.37 0.73
C LYS A 75 1.60 -14.06 -0.23
N PRO A 76 1.76 -14.44 -1.50
CA PRO A 76 0.69 -14.20 -2.51
C PRO A 76 -0.67 -14.75 -2.03
N GLY A 77 -1.71 -13.97 -2.19
CA GLY A 77 -3.09 -14.46 -1.86
C GLY A 77 -3.48 -14.10 -0.42
N GLU A 78 -2.61 -13.44 0.32
CA GLU A 78 -2.97 -13.04 1.73
C GLU A 78 -3.52 -11.62 1.74
N VAL A 79 -4.67 -11.43 2.36
CA VAL A 79 -5.32 -10.08 2.33
C VAL A 79 -4.87 -9.24 3.52
N ILE A 80 -4.42 -8.04 3.26
CA ILE A 80 -3.97 -7.13 4.35
C ILE A 80 -4.84 -5.86 4.35
N GLU A 81 -4.87 -5.16 5.45
CA GLU A 81 -5.59 -3.85 5.51
C GLU A 81 -4.59 -2.73 5.31
N VAL A 82 -4.89 -1.82 4.42
CA VAL A 82 -3.89 -0.79 4.02
C VAL A 82 -4.38 0.60 4.43
N LEU A 83 -3.54 1.33 5.10
CA LEU A 83 -3.91 2.71 5.54
C LEU A 83 -3.00 3.74 4.86
N LEU A 84 -3.54 4.75 4.24
CA LEU A 84 -2.68 5.85 3.70
C LEU A 84 -2.29 6.80 4.84
N LEU A 85 -1.06 7.25 4.84
CA LEU A 85 -0.56 8.10 5.97
C LEU A 85 -0.37 9.55 5.50
N GLY A 86 0.03 9.75 4.27
CA GLY A 86 0.32 11.15 3.80
C GLY A 86 0.48 11.20 2.28
N HIS A 87 0.83 12.35 1.75
CA HIS A 87 0.95 12.51 0.26
C HIS A 87 2.12 13.44 -0.09
N TYR A 88 2.68 13.28 -1.27
CA TYR A 88 3.76 14.21 -1.72
C TYR A 88 3.56 14.58 -3.20
N LYS A 89 3.80 15.82 -3.53
CA LYS A 89 3.65 16.25 -4.96
C LYS A 89 4.92 15.90 -5.76
N PRO A 90 4.77 15.69 -7.06
CA PRO A 90 5.96 15.37 -7.92
C PRO A 90 7.03 16.44 -7.79
N ARG A 91 8.28 16.05 -7.82
CA ARG A 91 9.39 17.04 -7.71
C ARG A 91 10.50 16.73 -8.73
N ASN A 92 11.30 17.71 -9.06
CA ASN A 92 12.40 17.48 -10.05
C ASN A 92 13.71 18.09 -9.54
N MET A 1 -3.40 6.13 14.12
CA MET A 1 -3.06 7.51 13.67
C MET A 1 -4.06 8.00 12.62
N ASP A 2 -3.80 9.13 12.02
CA ASP A 2 -4.69 9.67 10.96
C ASP A 2 -4.53 8.86 9.67
N VAL A 3 -5.60 8.63 8.96
CA VAL A 3 -5.51 7.89 7.67
C VAL A 3 -6.23 8.69 6.56
N LEU A 4 -5.60 8.83 5.43
CA LEU A 4 -6.25 9.57 4.31
C LEU A 4 -7.24 8.66 3.57
N ALA A 5 -7.09 7.36 3.69
CA ALA A 5 -8.06 6.41 3.08
C ALA A 5 -7.75 4.99 3.56
N LYS A 6 -8.74 4.14 3.62
CA LYS A 6 -8.52 2.76 4.16
C LYS A 6 -9.14 1.73 3.22
N PHE A 7 -8.37 0.77 2.77
CA PHE A 7 -8.92 -0.27 1.84
C PHE A 7 -8.19 -1.61 2.02
N HIS A 8 -8.77 -2.68 1.54
CA HIS A 8 -8.15 -4.03 1.72
C HIS A 8 -7.68 -4.60 0.38
N THR A 9 -6.53 -5.21 0.36
CA THR A 9 -6.02 -5.85 -0.90
C THR A 9 -5.11 -7.02 -0.54
N THR A 10 -4.86 -7.91 -1.47
CA THR A 10 -3.92 -9.06 -1.17
C THR A 10 -2.62 -8.89 -1.97
N VAL A 11 -1.58 -9.54 -1.53
CA VAL A 11 -0.26 -9.37 -2.21
C VAL A 11 -0.20 -10.23 -3.47
N HIS A 12 0.29 -9.67 -4.55
CA HIS A 12 0.50 -10.46 -5.79
C HIS A 12 1.99 -10.53 -6.10
N ARG A 13 2.36 -11.33 -7.08
CA ARG A 13 3.81 -11.56 -7.40
C ARG A 13 4.60 -10.23 -7.46
N ILE A 14 5.89 -10.28 -7.18
CA ILE A 14 6.74 -9.03 -7.09
C ILE A 14 6.30 -8.08 -5.96
N GLY A 15 5.36 -8.48 -5.12
CA GLY A 15 4.93 -7.57 -4.01
C GLY A 15 3.98 -6.48 -4.54
N ARG A 16 3.44 -6.66 -5.73
CA ARG A 16 2.58 -5.59 -6.33
C ARG A 16 1.14 -5.72 -5.83
N ILE A 17 0.49 -4.61 -5.60
CA ILE A 17 -0.98 -4.63 -5.28
C ILE A 17 -1.71 -3.58 -6.12
N ILE A 18 -2.98 -3.77 -6.36
CA ILE A 18 -3.76 -2.73 -7.10
C ILE A 18 -4.85 -2.15 -6.20
N ILE A 19 -4.92 -0.85 -6.10
CA ILE A 19 -6.02 -0.21 -5.31
C ILE A 19 -7.29 -0.17 -6.15
N PRO A 20 -8.43 -0.35 -5.53
CA PRO A 20 -9.72 -0.21 -6.26
C PRO A 20 -9.88 1.23 -6.76
N ALA A 21 -10.45 1.40 -7.92
CA ALA A 21 -10.60 2.78 -8.49
C ALA A 21 -11.40 3.67 -7.53
N GLY A 22 -12.24 3.08 -6.72
CA GLY A 22 -13.05 3.89 -5.76
C GLY A 22 -12.13 4.57 -4.74
N THR A 23 -11.16 3.86 -4.22
CA THR A 23 -10.24 4.47 -3.21
C THR A 23 -9.33 5.49 -3.89
N ARG A 24 -8.88 5.22 -5.10
CA ARG A 24 -8.04 6.23 -5.84
C ARG A 24 -8.81 7.55 -5.94
N LYS A 25 -10.09 7.46 -6.20
CA LYS A 25 -10.92 8.69 -6.37
C LYS A 25 -11.00 9.47 -5.06
N PHE A 26 -11.32 8.79 -3.99
CA PHE A 26 -11.42 9.48 -2.65
C PHE A 26 -10.10 10.17 -2.29
N TYR A 27 -9.00 9.54 -2.59
CA TYR A 27 -7.67 10.10 -2.21
C TYR A 27 -7.14 11.08 -3.27
N GLY A 28 -7.72 11.10 -4.45
CA GLY A 28 -7.26 12.06 -5.51
C GLY A 28 -5.94 11.56 -6.11
N ILE A 29 -5.84 10.28 -6.39
CA ILE A 29 -4.55 9.73 -6.91
C ILE A 29 -4.51 9.83 -8.45
N GLU A 30 -3.46 10.39 -8.97
CA GLU A 30 -3.22 10.36 -10.43
C GLU A 30 -1.81 9.82 -10.70
N GLN A 31 -1.58 9.24 -11.86
CA GLN A 31 -0.23 8.64 -12.15
C GLN A 31 0.87 9.71 -11.97
N GLY A 32 1.98 9.31 -11.42
CA GLY A 32 3.11 10.26 -11.21
C GLY A 32 3.05 10.88 -9.80
N ASP A 33 1.93 10.78 -9.12
CA ASP A 33 1.84 11.33 -7.72
C ASP A 33 2.55 10.40 -6.74
N PHE A 34 2.97 10.91 -5.61
CA PHE A 34 3.56 10.03 -4.56
C PHE A 34 2.62 9.97 -3.36
N VAL A 35 2.45 8.81 -2.79
CA VAL A 35 1.64 8.71 -1.54
C VAL A 35 2.42 7.91 -0.49
N GLU A 36 2.14 8.13 0.77
CA GLU A 36 2.87 7.39 1.85
C GLU A 36 1.88 6.52 2.59
N ILE A 37 2.14 5.24 2.65
CA ILE A 37 1.09 4.29 3.10
C ILE A 37 1.70 3.20 4.00
N LYS A 38 0.89 2.60 4.85
CA LYS A 38 1.39 1.50 5.72
C LYS A 38 0.44 0.30 5.66
N ILE A 39 0.97 -0.89 5.76
CA ILE A 39 0.10 -2.11 5.73
C ILE A 39 0.17 -2.86 7.07
N VAL A 40 -0.89 -3.54 7.43
CA VAL A 40 -0.88 -4.37 8.67
C VAL A 40 -1.57 -5.72 8.40
N LYS A 41 -0.90 -6.80 8.69
CA LYS A 41 -1.52 -8.15 8.56
C LYS A 41 -1.17 -8.99 9.79
N TYR A 42 -2.07 -9.86 10.19
CA TYR A 42 -1.82 -10.68 11.41
C TYR A 42 -1.48 -12.13 11.03
N GLU A 43 -0.43 -12.67 11.57
CA GLU A 43 -0.10 -14.09 11.30
C GLU A 43 0.31 -14.80 12.61
N GLY A 44 -0.18 -15.99 12.83
CA GLY A 44 0.12 -16.73 14.09
C GLY A 44 -0.35 -15.91 15.29
N GLU A 45 0.52 -15.70 16.25
CA GLU A 45 0.13 -14.90 17.46
C GLU A 45 0.74 -13.49 17.43
N GLU A 46 1.32 -13.07 16.32
CA GLU A 46 1.97 -11.72 16.28
C GLU A 46 1.52 -10.93 15.02
N PRO A 47 1.19 -9.66 15.19
CA PRO A 47 0.89 -8.80 14.02
C PRO A 47 2.20 -8.42 13.31
N LYS A 48 2.15 -8.28 12.01
CA LYS A 48 3.32 -7.75 11.25
C LYS A 48 2.93 -6.48 10.50
N GLU A 49 3.77 -5.48 10.50
CA GLU A 49 3.41 -4.18 9.85
C GLU A 49 4.57 -3.67 8.99
N GLY A 50 4.29 -2.74 8.12
CA GLY A 50 5.37 -2.15 7.26
C GLY A 50 4.91 -0.79 6.74
N THR A 51 5.79 0.19 6.78
CA THR A 51 5.44 1.53 6.21
C THR A 51 6.46 1.91 5.13
N PHE A 52 5.99 2.46 4.03
CA PHE A 52 6.93 2.91 2.97
C PHE A 52 6.30 4.02 2.09
N THR A 53 7.08 4.60 1.23
CA THR A 53 6.52 5.58 0.25
C THR A 53 6.48 4.95 -1.15
N ALA A 54 5.43 5.22 -1.89
CA ALA A 54 5.27 4.56 -3.24
C ALA A 54 4.70 5.55 -4.25
N ARG A 55 5.12 5.44 -5.49
CA ARG A 55 4.54 6.30 -6.56
C ARG A 55 3.37 5.57 -7.23
N VAL A 56 2.37 6.28 -7.62
CA VAL A 56 1.20 5.64 -8.30
C VAL A 56 1.53 5.37 -9.76
N GLY A 57 1.39 4.14 -10.18
CA GLY A 57 1.68 3.78 -11.60
C GLY A 57 0.37 3.63 -12.37
N GLU A 58 0.44 3.07 -13.54
CA GLU A 58 -0.79 2.87 -14.37
C GLU A 58 -1.77 1.96 -13.64
N GLN A 59 -3.04 2.10 -13.92
CA GLN A 59 -4.09 1.25 -13.26
C GLN A 59 -3.99 1.32 -11.72
N GLY A 60 -3.36 2.35 -11.17
CA GLY A 60 -3.42 2.55 -9.69
C GLY A 60 -2.52 1.53 -8.97
N SER A 61 -1.57 0.95 -9.66
CA SER A 61 -0.72 -0.11 -9.04
C SER A 61 0.34 0.52 -8.13
N VAL A 62 0.66 -0.12 -7.05
CA VAL A 62 1.76 0.35 -6.16
C VAL A 62 2.60 -0.86 -5.70
N ILE A 63 3.90 -0.67 -5.55
CA ILE A 63 4.78 -1.83 -5.19
C ILE A 63 5.33 -1.67 -3.78
N ILE A 64 5.11 -2.64 -2.93
CA ILE A 64 5.72 -2.63 -1.57
C ILE A 64 7.19 -3.10 -1.67
N PRO A 65 8.06 -2.52 -0.85
CA PRO A 65 9.50 -2.90 -0.90
C PRO A 65 9.68 -4.36 -0.48
N LYS A 66 10.47 -5.10 -1.23
CA LYS A 66 10.70 -6.56 -0.90
C LYS A 66 11.22 -6.71 0.53
N ALA A 67 12.00 -5.76 0.98
CA ALA A 67 12.57 -5.85 2.37
C ALA A 67 11.45 -5.94 3.41
N LEU A 68 10.38 -5.22 3.19
CA LEU A 68 9.23 -5.28 4.14
C LEU A 68 8.42 -6.56 3.94
N ARG A 69 8.33 -7.05 2.71
CA ARG A 69 7.57 -8.32 2.47
C ARG A 69 8.16 -9.45 3.32
N ASP A 70 9.47 -9.56 3.33
CA ASP A 70 10.13 -10.69 4.05
C ASP A 70 9.99 -10.52 5.55
N VAL A 71 10.26 -9.34 6.05
CA VAL A 71 10.17 -9.10 7.54
C VAL A 71 8.74 -9.38 8.03
N ILE A 72 7.77 -9.00 7.25
CA ILE A 72 6.35 -9.16 7.68
C ILE A 72 5.85 -10.59 7.42
N GLY A 73 6.52 -11.35 6.57
CA GLY A 73 6.12 -12.77 6.35
C GLY A 73 4.89 -12.83 5.45
N ILE A 74 4.79 -11.93 4.50
CA ILE A 74 3.56 -11.86 3.65
C ILE A 74 3.71 -12.73 2.40
N LYS A 75 2.65 -13.37 1.99
CA LYS A 75 2.72 -14.30 0.82
C LYS A 75 1.60 -13.99 -0.20
N PRO A 76 1.77 -14.47 -1.43
CA PRO A 76 0.75 -14.20 -2.47
C PRO A 76 -0.63 -14.75 -2.06
N GLY A 77 -1.66 -13.97 -2.25
CA GLY A 77 -3.04 -14.45 -1.96
C GLY A 77 -3.47 -14.11 -0.52
N GLU A 78 -2.61 -13.46 0.25
CA GLU A 78 -2.99 -13.09 1.65
C GLU A 78 -3.49 -11.65 1.70
N VAL A 79 -4.62 -11.43 2.34
CA VAL A 79 -5.24 -10.08 2.33
C VAL A 79 -4.77 -9.25 3.53
N ILE A 80 -4.33 -8.04 3.27
CA ILE A 80 -3.89 -7.13 4.36
C ILE A 80 -4.77 -5.87 4.37
N GLU A 81 -4.80 -5.18 5.48
CA GLU A 81 -5.53 -3.88 5.54
C GLU A 81 -4.53 -2.74 5.33
N VAL A 82 -4.85 -1.84 4.45
CA VAL A 82 -3.87 -0.79 4.04
C VAL A 82 -4.36 0.59 4.46
N LEU A 83 -3.52 1.34 5.13
CA LEU A 83 -3.90 2.71 5.58
C LEU A 83 -2.99 3.73 4.89
N LEU A 84 -3.55 4.74 4.27
CA LEU A 84 -2.70 5.86 3.75
C LEU A 84 -2.33 6.80 4.90
N LEU A 85 -1.13 7.33 4.88
CA LEU A 85 -0.64 8.15 6.03
C LEU A 85 -0.27 9.56 5.57
N GLY A 86 0.08 9.74 4.31
CA GLY A 86 0.52 11.10 3.84
C GLY A 86 0.57 11.16 2.31
N HIS A 87 0.95 12.30 1.78
CA HIS A 87 1.00 12.47 0.28
C HIS A 87 2.14 13.42 -0.12
N TYR A 88 2.66 13.26 -1.31
CA TYR A 88 3.70 14.20 -1.82
C TYR A 88 3.45 14.53 -3.29
N LYS A 89 3.69 15.76 -3.69
CA LYS A 89 3.49 16.15 -5.12
C LYS A 89 4.81 16.66 -5.71
N PRO A 90 4.95 16.55 -7.03
CA PRO A 90 6.19 17.03 -7.71
C PRO A 90 6.46 18.51 -7.39
N ARG A 91 7.71 18.86 -7.22
CA ARG A 91 8.06 20.29 -6.93
C ARG A 91 9.10 20.79 -7.93
N ASN A 92 9.06 22.06 -8.26
CA ASN A 92 10.04 22.63 -9.24
C ASN A 92 9.98 24.16 -9.21
N MET A 1 -2.90 8.40 15.01
CA MET A 1 -2.55 7.91 13.64
C MET A 1 -3.65 8.29 12.65
N ASP A 2 -3.49 9.41 11.97
CA ASP A 2 -4.51 9.85 10.97
C ASP A 2 -4.36 9.04 9.68
N VAL A 3 -5.45 8.76 9.01
CA VAL A 3 -5.38 8.01 7.73
C VAL A 3 -6.16 8.76 6.64
N LEU A 4 -5.61 8.84 5.45
CA LEU A 4 -6.31 9.58 4.35
C LEU A 4 -7.29 8.65 3.63
N ALA A 5 -7.14 7.35 3.78
CA ALA A 5 -8.11 6.38 3.17
C ALA A 5 -7.79 4.97 3.67
N LYS A 6 -8.78 4.11 3.70
CA LYS A 6 -8.56 2.73 4.23
C LYS A 6 -9.18 1.69 3.29
N PHE A 7 -8.41 0.74 2.84
CA PHE A 7 -8.95 -0.29 1.91
C PHE A 7 -8.22 -1.63 2.09
N HIS A 8 -8.80 -2.70 1.61
CA HIS A 8 -8.18 -4.05 1.79
C HIS A 8 -7.73 -4.62 0.44
N THR A 9 -6.57 -5.24 0.41
CA THR A 9 -6.07 -5.86 -0.86
C THR A 9 -5.17 -7.06 -0.52
N THR A 10 -4.93 -7.93 -1.48
CA THR A 10 -4.00 -9.08 -1.20
C THR A 10 -2.71 -8.91 -2.02
N VAL A 11 -1.66 -9.56 -1.60
CA VAL A 11 -0.34 -9.38 -2.27
C VAL A 11 -0.29 -10.20 -3.57
N HIS A 12 0.21 -9.62 -4.61
CA HIS A 12 0.41 -10.36 -5.89
C HIS A 12 1.90 -10.46 -6.21
N ARG A 13 2.24 -11.23 -7.22
CA ARG A 13 3.68 -11.47 -7.56
C ARG A 13 4.50 -10.16 -7.58
N ILE A 14 5.79 -10.25 -7.33
CA ILE A 14 6.68 -9.03 -7.22
C ILE A 14 6.28 -8.10 -6.05
N GLY A 15 5.35 -8.50 -5.20
CA GLY A 15 4.95 -7.62 -4.06
C GLY A 15 4.03 -6.50 -4.55
N ARG A 16 3.46 -6.63 -5.73
CA ARG A 16 2.61 -5.53 -6.29
C ARG A 16 1.17 -5.66 -5.78
N ILE A 17 0.52 -4.55 -5.53
CA ILE A 17 -0.93 -4.57 -5.19
C ILE A 17 -1.67 -3.51 -6.03
N ILE A 18 -2.95 -3.70 -6.26
CA ILE A 18 -3.73 -2.67 -7.01
C ILE A 18 -4.83 -2.10 -6.11
N ILE A 19 -4.91 -0.80 -6.01
CA ILE A 19 -6.01 -0.17 -5.23
C ILE A 19 -7.29 -0.14 -6.08
N PRO A 20 -8.44 -0.31 -5.45
CA PRO A 20 -9.72 -0.19 -6.19
C PRO A 20 -9.87 1.24 -6.71
N ALA A 21 -10.44 1.40 -7.88
CA ALA A 21 -10.59 2.76 -8.47
C ALA A 21 -11.39 3.67 -7.53
N GLY A 22 -12.24 3.08 -6.70
CA GLY A 22 -13.05 3.92 -5.76
C GLY A 22 -12.14 4.63 -4.76
N THR A 23 -11.18 3.93 -4.22
CA THR A 23 -10.25 4.56 -3.22
C THR A 23 -9.34 5.58 -3.92
N ARG A 24 -8.90 5.28 -5.12
CA ARG A 24 -8.06 6.28 -5.89
C ARG A 24 -8.84 7.59 -6.03
N LYS A 25 -10.11 7.49 -6.31
CA LYS A 25 -10.95 8.71 -6.52
C LYS A 25 -11.06 9.51 -5.22
N PHE A 26 -11.41 8.85 -4.14
CA PHE A 26 -11.52 9.55 -2.82
C PHE A 26 -10.21 10.25 -2.45
N TYR A 27 -9.10 9.62 -2.76
CA TYR A 27 -7.77 10.17 -2.35
C TYR A 27 -7.22 11.14 -3.41
N GLY A 28 -7.79 11.16 -4.61
CA GLY A 28 -7.32 12.13 -5.65
C GLY A 28 -5.98 11.65 -6.23
N ILE A 29 -5.85 10.37 -6.48
CA ILE A 29 -4.54 9.83 -6.97
C ILE A 29 -4.47 9.87 -8.50
N GLU A 30 -3.40 10.39 -9.03
CA GLU A 30 -3.14 10.30 -10.49
C GLU A 30 -1.74 9.74 -10.73
N GLN A 31 -1.48 9.19 -11.90
CA GLN A 31 -0.14 8.60 -12.17
C GLN A 31 0.97 9.63 -11.96
N GLY A 32 2.06 9.23 -11.36
CA GLY A 32 3.20 10.15 -11.14
C GLY A 32 3.13 10.80 -9.75
N ASP A 33 1.99 10.73 -9.09
CA ASP A 33 1.89 11.32 -7.71
C ASP A 33 2.58 10.41 -6.70
N PHE A 34 2.97 10.94 -5.56
CA PHE A 34 3.56 10.08 -4.49
C PHE A 34 2.59 9.99 -3.32
N VAL A 35 2.43 8.83 -2.76
CA VAL A 35 1.60 8.70 -1.52
C VAL A 35 2.39 7.90 -0.48
N GLU A 36 2.08 8.11 0.78
CA GLU A 36 2.82 7.38 1.85
C GLU A 36 1.83 6.49 2.59
N ILE A 37 2.11 5.22 2.65
CA ILE A 37 1.06 4.26 3.10
C ILE A 37 1.66 3.17 3.99
N LYS A 38 0.85 2.55 4.80
CA LYS A 38 1.34 1.43 5.66
C LYS A 38 0.40 0.23 5.56
N ILE A 39 0.94 -0.97 5.64
CA ILE A 39 0.07 -2.19 5.63
C ILE A 39 0.17 -2.92 6.97
N VAL A 40 -0.89 -3.60 7.34
CA VAL A 40 -0.86 -4.39 8.60
C VAL A 40 -1.57 -5.74 8.40
N LYS A 41 -0.88 -6.81 8.66
CA LYS A 41 -1.50 -8.17 8.56
C LYS A 41 -1.15 -8.97 9.82
N TYR A 42 -2.03 -9.83 10.25
CA TYR A 42 -1.76 -10.62 11.49
C TYR A 42 -1.30 -12.04 11.15
N GLU A 43 -0.21 -12.48 11.74
CA GLU A 43 0.27 -13.88 11.50
C GLU A 43 0.59 -14.56 12.83
N GLY A 44 0.10 -15.76 13.01
CA GLY A 44 0.35 -16.50 14.30
C GLY A 44 -0.19 -15.70 15.48
N GLU A 45 0.61 -15.46 16.47
CA GLU A 45 0.17 -14.66 17.65
C GLU A 45 0.77 -13.23 17.63
N GLU A 46 1.39 -12.82 16.55
CA GLU A 46 2.00 -11.46 16.49
C GLU A 46 1.58 -10.72 15.20
N PRO A 47 1.26 -9.45 15.31
CA PRO A 47 0.95 -8.65 14.09
C PRO A 47 2.24 -8.31 13.34
N LYS A 48 2.20 -8.36 12.03
CA LYS A 48 3.35 -7.88 11.21
C LYS A 48 2.95 -6.62 10.45
N GLU A 49 3.81 -5.63 10.42
CA GLU A 49 3.45 -4.34 9.76
C GLU A 49 4.58 -3.82 8.88
N GLY A 50 4.29 -2.89 8.01
CA GLY A 50 5.34 -2.27 7.16
C GLY A 50 4.88 -0.90 6.66
N THR A 51 5.74 0.09 6.72
CA THR A 51 5.37 1.44 6.19
C THR A 51 6.40 1.88 5.16
N PHE A 52 5.95 2.45 4.06
CA PHE A 52 6.92 2.94 3.03
C PHE A 52 6.28 4.05 2.16
N THR A 53 7.07 4.66 1.31
CA THR A 53 6.51 5.64 0.34
C THR A 53 6.51 5.03 -1.06
N ALA A 54 5.47 5.29 -1.83
CA ALA A 54 5.35 4.64 -3.17
C ALA A 54 4.75 5.62 -4.18
N ARG A 55 5.17 5.54 -5.41
CA ARG A 55 4.56 6.40 -6.48
C ARG A 55 3.42 5.63 -7.17
N VAL A 56 2.39 6.32 -7.56
CA VAL A 56 1.25 5.64 -8.25
C VAL A 56 1.60 5.36 -9.71
N GLY A 57 1.47 4.11 -10.10
CA GLY A 57 1.78 3.73 -11.51
C GLY A 57 0.47 3.58 -12.31
N GLU A 58 0.56 3.00 -13.48
CA GLU A 58 -0.65 2.81 -14.32
C GLU A 58 -1.65 1.90 -13.59
N GLN A 59 -2.92 2.05 -13.90
CA GLN A 59 -3.98 1.22 -13.24
C GLN A 59 -3.92 1.31 -11.71
N GLY A 60 -3.29 2.34 -11.16
CA GLY A 60 -3.35 2.55 -9.68
C GLY A 60 -2.50 1.52 -8.94
N SER A 61 -1.54 0.91 -9.61
CA SER A 61 -0.71 -0.14 -8.95
C SER A 61 0.35 0.51 -8.06
N VAL A 62 0.70 -0.13 -6.98
CA VAL A 62 1.80 0.37 -6.10
C VAL A 62 2.65 -0.82 -5.63
N ILE A 63 3.94 -0.62 -5.48
CA ILE A 63 4.85 -1.76 -5.14
C ILE A 63 5.37 -1.63 -3.70
N ILE A 64 5.13 -2.62 -2.88
CA ILE A 64 5.75 -2.64 -1.51
C ILE A 64 7.22 -3.10 -1.62
N PRO A 65 8.09 -2.54 -0.80
CA PRO A 65 9.53 -2.93 -0.87
C PRO A 65 9.72 -4.39 -0.47
N LYS A 66 10.50 -5.13 -1.23
CA LYS A 66 10.74 -6.58 -0.91
C LYS A 66 11.24 -6.75 0.52
N ALA A 67 12.02 -5.81 1.00
CA ALA A 67 12.58 -5.92 2.39
C ALA A 67 11.45 -6.02 3.41
N LEU A 68 10.37 -5.30 3.19
CA LEU A 68 9.22 -5.37 4.13
C LEU A 68 8.42 -6.65 3.89
N ARG A 69 8.34 -7.13 2.66
CA ARG A 69 7.59 -8.39 2.39
C ARG A 69 8.17 -9.54 3.23
N ASP A 70 9.47 -9.64 3.25
CA ASP A 70 10.13 -10.78 3.98
C ASP A 70 9.97 -10.62 5.48
N VAL A 71 10.24 -9.45 6.00
CA VAL A 71 10.14 -9.23 7.47
C VAL A 71 8.70 -9.50 7.95
N ILE A 72 7.74 -9.11 7.16
CA ILE A 72 6.31 -9.26 7.58
C ILE A 72 5.81 -10.69 7.30
N GLY A 73 6.49 -11.44 6.45
CA GLY A 73 6.08 -12.87 6.22
C GLY A 73 4.84 -12.90 5.32
N ILE A 74 4.75 -12.00 4.38
CA ILE A 74 3.51 -11.89 3.53
C ILE A 74 3.64 -12.72 2.26
N LYS A 75 2.59 -13.42 1.89
CA LYS A 75 2.65 -14.32 0.70
C LYS A 75 1.56 -13.95 -0.33
N PRO A 76 1.73 -14.39 -1.57
CA PRO A 76 0.71 -14.09 -2.61
C PRO A 76 -0.65 -14.68 -2.23
N GLY A 77 -1.71 -13.92 -2.41
CA GLY A 77 -3.08 -14.44 -2.13
C GLY A 77 -3.50 -14.13 -0.68
N GLU A 78 -2.66 -13.49 0.11
CA GLU A 78 -3.04 -13.17 1.52
C GLU A 78 -3.52 -11.73 1.62
N VAL A 79 -4.61 -11.52 2.32
CA VAL A 79 -5.23 -10.15 2.36
C VAL A 79 -4.70 -9.35 3.56
N ILE A 80 -4.33 -8.12 3.31
CA ILE A 80 -3.89 -7.21 4.41
C ILE A 80 -4.76 -5.95 4.40
N GLU A 81 -4.81 -5.24 5.49
CA GLU A 81 -5.56 -3.95 5.54
C GLU A 81 -4.57 -2.80 5.37
N VAL A 82 -4.89 -1.88 4.49
CA VAL A 82 -3.91 -0.84 4.10
C VAL A 82 -4.40 0.55 4.53
N LEU A 83 -3.56 1.29 5.19
CA LEU A 83 -3.93 2.66 5.62
C LEU A 83 -3.03 3.69 4.92
N LEU A 84 -3.59 4.71 4.32
CA LEU A 84 -2.74 5.81 3.78
C LEU A 84 -2.32 6.74 4.91
N LEU A 85 -1.09 7.20 4.89
CA LEU A 85 -0.58 8.06 6.00
C LEU A 85 -0.41 9.51 5.54
N GLY A 86 -0.03 9.71 4.30
CA GLY A 86 0.22 11.11 3.82
C GLY A 86 0.37 11.16 2.30
N HIS A 87 0.71 12.31 1.76
CA HIS A 87 0.84 12.46 0.27
C HIS A 87 1.98 13.41 -0.09
N TYR A 88 2.54 13.28 -1.27
CA TYR A 88 3.60 14.22 -1.72
C TYR A 88 3.43 14.55 -3.21
N LYS A 89 3.77 15.74 -3.61
CA LYS A 89 3.66 16.12 -5.05
C LYS A 89 5.06 16.33 -5.65
N PRO A 90 5.16 16.27 -6.97
CA PRO A 90 6.49 16.46 -7.64
C PRO A 90 7.12 17.80 -7.24
N ARG A 91 8.42 17.81 -7.06
CA ARG A 91 9.11 19.08 -6.67
C ARG A 91 10.32 19.32 -7.58
N ASN A 92 10.55 20.56 -7.94
CA ASN A 92 11.72 20.89 -8.83
C ASN A 92 12.59 21.95 -8.18
N MET A 1 -3.29 6.39 14.14
CA MET A 1 -2.92 7.76 13.66
C MET A 1 -3.92 8.24 12.61
N ASP A 2 -3.61 9.35 11.97
CA ASP A 2 -4.52 9.89 10.91
C ASP A 2 -4.38 9.06 9.63
N VAL A 3 -5.48 8.84 8.94
CA VAL A 3 -5.41 8.08 7.67
C VAL A 3 -6.12 8.89 6.56
N LEU A 4 -5.53 8.97 5.40
CA LEU A 4 -6.18 9.70 4.28
C LEU A 4 -7.18 8.78 3.55
N ALA A 5 -7.05 7.47 3.72
CA ALA A 5 -8.02 6.51 3.12
C ALA A 5 -7.68 5.09 3.60
N LYS A 6 -8.65 4.22 3.66
CA LYS A 6 -8.40 2.83 4.14
C LYS A 6 -9.09 1.82 3.24
N PHE A 7 -8.35 0.84 2.76
CA PHE A 7 -8.94 -0.18 1.84
C PHE A 7 -8.24 -1.53 2.01
N HIS A 8 -8.83 -2.60 1.53
CA HIS A 8 -8.25 -3.96 1.72
C HIS A 8 -7.80 -4.55 0.38
N THR A 9 -6.65 -5.17 0.36
CA THR A 9 -6.15 -5.82 -0.89
C THR A 9 -5.24 -7.00 -0.53
N THR A 10 -4.99 -7.91 -1.45
CA THR A 10 -4.04 -9.03 -1.16
C THR A 10 -2.75 -8.85 -1.97
N VAL A 11 -1.69 -9.47 -1.53
CA VAL A 11 -0.36 -9.28 -2.21
C VAL A 11 -0.29 -10.14 -3.47
N HIS A 12 0.24 -9.58 -4.52
CA HIS A 12 0.44 -10.36 -5.79
C HIS A 12 1.93 -10.46 -6.10
N ARG A 13 2.27 -11.25 -7.09
CA ARG A 13 3.71 -11.50 -7.43
C ARG A 13 4.53 -10.19 -7.48
N ILE A 14 5.82 -10.29 -7.22
CA ILE A 14 6.72 -9.07 -7.13
C ILE A 14 6.32 -8.13 -5.98
N GLY A 15 5.39 -8.50 -5.13
CA GLY A 15 5.00 -7.60 -4.00
C GLY A 15 4.09 -6.47 -4.50
N ARG A 16 3.53 -6.60 -5.69
CA ARG A 16 2.67 -5.52 -6.25
C ARG A 16 1.23 -5.66 -5.73
N ILE A 17 0.57 -4.56 -5.48
CA ILE A 17 -0.89 -4.61 -5.15
C ILE A 17 -1.64 -3.58 -5.99
N ILE A 18 -2.92 -3.78 -6.23
CA ILE A 18 -3.71 -2.76 -6.98
C ILE A 18 -4.80 -2.19 -6.08
N ILE A 19 -4.86 -0.88 -5.99
CA ILE A 19 -5.97 -0.24 -5.20
C ILE A 19 -7.26 -0.23 -6.03
N PRO A 20 -8.39 -0.41 -5.37
CA PRO A 20 -9.69 -0.30 -6.10
C PRO A 20 -9.86 1.12 -6.61
N ALA A 21 -10.45 1.27 -7.78
CA ALA A 21 -10.62 2.63 -8.37
C ALA A 21 -11.42 3.53 -7.41
N GLY A 22 -12.24 2.93 -6.57
CA GLY A 22 -13.05 3.75 -5.62
C GLY A 22 -12.12 4.49 -4.64
N THR A 23 -11.14 3.80 -4.10
CA THR A 23 -10.21 4.45 -3.13
C THR A 23 -9.33 5.48 -3.85
N ARG A 24 -8.92 5.19 -5.06
CA ARG A 24 -8.08 6.17 -5.84
C ARG A 24 -8.82 7.51 -5.95
N LYS A 25 -10.11 7.45 -6.20
CA LYS A 25 -10.90 8.71 -6.37
C LYS A 25 -10.94 9.49 -5.06
N PHE A 26 -11.29 8.83 -4.00
CA PHE A 26 -11.40 9.51 -2.66
C PHE A 26 -10.07 10.18 -2.29
N TYR A 27 -8.98 9.55 -2.60
CA TYR A 27 -7.64 10.09 -2.22
C TYR A 27 -7.10 11.06 -3.28
N GLY A 28 -7.68 11.07 -4.47
CA GLY A 28 -7.22 12.03 -5.53
C GLY A 28 -5.90 11.52 -6.13
N ILE A 29 -5.80 10.24 -6.39
CA ILE A 29 -4.53 9.67 -6.92
C ILE A 29 -4.48 9.77 -8.46
N GLU A 30 -3.42 10.33 -8.96
CA GLU A 30 -3.18 10.31 -10.44
C GLU A 30 -1.77 9.76 -10.70
N GLN A 31 -1.54 9.19 -11.87
CA GLN A 31 -0.20 8.59 -12.16
C GLN A 31 0.92 9.63 -11.96
N GLY A 32 2.00 9.23 -11.35
CA GLY A 32 3.15 10.16 -11.14
C GLY A 32 3.07 10.81 -9.74
N ASP A 33 1.93 10.73 -9.07
CA ASP A 33 1.84 11.31 -7.69
C ASP A 33 2.54 10.38 -6.70
N PHE A 34 2.96 10.91 -5.57
CA PHE A 34 3.54 10.03 -4.50
C PHE A 34 2.60 9.96 -3.31
N VAL A 35 2.44 8.80 -2.75
CA VAL A 35 1.63 8.67 -1.50
C VAL A 35 2.41 7.88 -0.47
N GLU A 36 2.16 8.09 0.80
CA GLU A 36 2.90 7.36 1.87
C GLU A 36 1.91 6.48 2.61
N ILE A 37 2.16 5.20 2.65
CA ILE A 37 1.11 4.26 3.11
C ILE A 37 1.70 3.15 4.00
N LYS A 38 0.89 2.54 4.81
CA LYS A 38 1.38 1.42 5.67
C LYS A 38 0.42 0.22 5.58
N ILE A 39 0.95 -0.97 5.66
CA ILE A 39 0.08 -2.20 5.64
C ILE A 39 0.16 -2.95 6.97
N VAL A 40 -0.90 -3.63 7.33
CA VAL A 40 -0.88 -4.47 8.56
C VAL A 40 -1.58 -5.80 8.30
N LYS A 41 -0.91 -6.89 8.57
CA LYS A 41 -1.55 -8.23 8.47
C LYS A 41 -1.25 -9.04 9.72
N TYR A 42 -2.19 -9.82 10.19
CA TYR A 42 -1.96 -10.60 11.44
C TYR A 42 -1.71 -12.08 11.11
N GLU A 43 -0.66 -12.65 11.66
CA GLU A 43 -0.40 -14.10 11.43
C GLU A 43 -0.02 -14.79 12.75
N GLY A 44 -0.64 -15.90 13.04
CA GLY A 44 -0.36 -16.61 14.32
C GLY A 44 -0.70 -15.70 15.51
N GLU A 45 0.23 -15.54 16.43
CA GLU A 45 -0.01 -14.65 17.60
C GLU A 45 0.75 -13.31 17.47
N GLU A 46 1.28 -13.01 16.30
CA GLU A 46 2.06 -11.73 16.15
C GLU A 46 1.58 -10.95 14.90
N PRO A 47 1.27 -9.67 15.08
CA PRO A 47 0.95 -8.81 13.91
C PRO A 47 2.23 -8.44 13.17
N LYS A 48 2.20 -8.47 11.85
CA LYS A 48 3.35 -7.96 11.05
C LYS A 48 2.94 -6.68 10.32
N GLU A 49 3.80 -5.69 10.31
CA GLU A 49 3.44 -4.38 9.69
C GLU A 49 4.58 -3.86 8.82
N GLY A 50 4.30 -2.90 7.96
CA GLY A 50 5.36 -2.31 7.10
C GLY A 50 4.91 -0.93 6.61
N THR A 51 5.79 0.04 6.66
CA THR A 51 5.46 1.40 6.12
C THR A 51 6.47 1.79 5.04
N PHE A 52 6.00 2.36 3.95
CA PHE A 52 6.95 2.83 2.90
C PHE A 52 6.31 3.95 2.05
N THR A 53 7.09 4.56 1.18
CA THR A 53 6.54 5.56 0.23
C THR A 53 6.51 4.97 -1.18
N ALA A 54 5.47 5.24 -1.93
CA ALA A 54 5.33 4.62 -3.28
C ALA A 54 4.75 5.61 -4.28
N ARG A 55 5.16 5.54 -5.52
CA ARG A 55 4.55 6.40 -6.58
C ARG A 55 3.42 5.62 -7.27
N VAL A 56 2.38 6.31 -7.67
CA VAL A 56 1.23 5.62 -8.33
C VAL A 56 1.57 5.33 -9.79
N GLY A 57 1.42 4.10 -10.19
CA GLY A 57 1.70 3.72 -11.59
C GLY A 57 0.38 3.52 -12.36
N GLU A 58 0.47 2.93 -13.51
CA GLU A 58 -0.76 2.70 -14.34
C GLU A 58 -1.74 1.79 -13.59
N GLN A 59 -3.01 1.93 -13.88
CA GLN A 59 -4.06 1.10 -13.20
C GLN A 59 -3.97 1.21 -11.67
N GLY A 60 -3.34 2.24 -11.14
CA GLY A 60 -3.39 2.46 -9.65
C GLY A 60 -2.49 1.45 -8.93
N SER A 61 -1.54 0.87 -9.62
CA SER A 61 -0.68 -0.18 -8.98
C SER A 61 0.38 0.48 -8.08
N VAL A 62 0.71 -0.15 -6.99
CA VAL A 62 1.81 0.34 -6.12
C VAL A 62 2.68 -0.83 -5.64
N ILE A 63 3.97 -0.62 -5.48
CA ILE A 63 4.87 -1.76 -5.13
C ILE A 63 5.44 -1.59 -3.71
N ILE A 64 5.23 -2.58 -2.86
CA ILE A 64 5.88 -2.57 -1.52
C ILE A 64 7.35 -3.00 -1.65
N PRO A 65 8.23 -2.43 -0.85
CA PRO A 65 9.67 -2.81 -0.92
C PRO A 65 9.87 -4.27 -0.52
N LYS A 66 10.70 -4.99 -1.26
CA LYS A 66 10.95 -6.43 -0.94
C LYS A 66 11.42 -6.60 0.51
N ALA A 67 12.17 -5.64 1.00
CA ALA A 67 12.70 -5.75 2.40
C ALA A 67 11.55 -5.86 3.40
N LEU A 68 10.47 -5.15 3.16
CA LEU A 68 9.31 -5.21 4.08
C LEU A 68 8.50 -6.50 3.84
N ARG A 69 8.45 -6.99 2.63
CA ARG A 69 7.70 -8.26 2.36
C ARG A 69 8.28 -9.40 3.21
N ASP A 70 9.58 -9.50 3.24
CA ASP A 70 10.23 -10.62 3.98
C ASP A 70 10.07 -10.44 5.49
N VAL A 71 10.34 -9.26 5.99
CA VAL A 71 10.23 -9.03 7.47
C VAL A 71 8.79 -9.29 7.94
N ILE A 72 7.83 -8.91 7.14
CA ILE A 72 6.40 -9.05 7.55
C ILE A 72 5.89 -10.48 7.30
N GLY A 73 6.58 -11.26 6.48
CA GLY A 73 6.15 -12.68 6.27
C GLY A 73 4.94 -12.73 5.35
N ILE A 74 4.86 -11.84 4.39
CA ILE A 74 3.63 -11.75 3.53
C ILE A 74 3.75 -12.66 2.30
N LYS A 75 2.66 -13.29 1.93
CA LYS A 75 2.69 -14.23 0.77
C LYS A 75 1.59 -13.87 -0.25
N PRO A 76 1.77 -14.27 -1.49
CA PRO A 76 0.73 -14.03 -2.54
C PRO A 76 -0.62 -14.62 -2.12
N GLY A 77 -1.68 -13.86 -2.30
CA GLY A 77 -3.05 -14.40 -2.00
C GLY A 77 -3.47 -14.06 -0.54
N GLU A 78 -2.63 -13.42 0.22
CA GLU A 78 -3.01 -13.07 1.63
C GLU A 78 -3.54 -11.64 1.70
N VAL A 79 -4.65 -11.46 2.37
CA VAL A 79 -5.30 -10.11 2.38
C VAL A 79 -4.81 -9.28 3.57
N ILE A 80 -4.45 -8.05 3.30
CA ILE A 80 -4.00 -7.13 4.38
C ILE A 80 -4.88 -5.87 4.36
N GLU A 81 -4.92 -5.15 5.45
CA GLU A 81 -5.63 -3.84 5.48
C GLU A 81 -4.62 -2.72 5.29
N VAL A 82 -4.90 -1.81 4.40
CA VAL A 82 -3.89 -0.78 4.01
C VAL A 82 -4.36 0.60 4.44
N LEU A 83 -3.52 1.32 5.14
CA LEU A 83 -3.88 2.69 5.60
C LEU A 83 -2.96 3.72 4.93
N LEU A 84 -3.52 4.74 4.32
CA LEU A 84 -2.67 5.84 3.79
C LEU A 84 -2.26 6.79 4.92
N LEU A 85 -1.04 7.24 4.91
CA LEU A 85 -0.54 8.08 6.04
C LEU A 85 -0.31 9.52 5.59
N GLY A 86 0.05 9.72 4.33
CA GLY A 86 0.35 11.12 3.86
C GLY A 86 0.46 11.16 2.34
N HIS A 87 0.79 12.31 1.79
CA HIS A 87 0.87 12.46 0.30
C HIS A 87 2.00 13.43 -0.09
N TYR A 88 2.55 13.25 -1.27
CA TYR A 88 3.60 14.21 -1.77
C TYR A 88 3.34 14.55 -3.24
N LYS A 89 3.52 15.81 -3.60
CA LYS A 89 3.29 16.22 -5.02
C LYS A 89 4.55 16.88 -5.60
N PRO A 90 4.64 16.92 -6.92
CA PRO A 90 5.84 17.54 -7.58
C PRO A 90 6.06 18.98 -7.10
N ARG A 91 7.29 19.41 -7.03
CA ARG A 91 7.59 20.82 -6.61
C ARG A 91 8.35 21.55 -7.72
N ASN A 92 8.12 22.84 -7.85
CA ASN A 92 8.84 23.64 -8.90
C ASN A 92 8.66 23.00 -10.30
N MET A 1 -2.49 6.66 14.25
CA MET A 1 -2.32 8.07 13.77
C MET A 1 -3.43 8.43 12.78
N ASP A 2 -3.30 9.56 12.14
CA ASP A 2 -4.33 9.99 11.14
C ASP A 2 -4.16 9.21 9.84
N VAL A 3 -5.25 8.85 9.20
CA VAL A 3 -5.16 8.13 7.91
C VAL A 3 -6.02 8.85 6.85
N LEU A 4 -5.54 8.91 5.63
CA LEU A 4 -6.29 9.64 4.57
C LEU A 4 -7.28 8.71 3.86
N ALA A 5 -7.11 7.41 3.98
CA ALA A 5 -8.08 6.46 3.36
C ALA A 5 -7.75 5.04 3.83
N LYS A 6 -8.73 4.16 3.82
CA LYS A 6 -8.49 2.75 4.26
C LYS A 6 -9.10 1.77 3.27
N PHE A 7 -8.32 0.82 2.78
CA PHE A 7 -8.88 -0.20 1.83
C PHE A 7 -8.15 -1.54 2.00
N HIS A 8 -8.75 -2.60 1.50
CA HIS A 8 -8.14 -3.96 1.70
C HIS A 8 -7.69 -4.53 0.35
N THR A 9 -6.54 -5.15 0.32
CA THR A 9 -6.04 -5.80 -0.94
C THR A 9 -5.14 -7.00 -0.57
N THR A 10 -4.91 -7.89 -1.50
CA THR A 10 -3.99 -9.04 -1.21
C THR A 10 -2.67 -8.88 -1.99
N VAL A 11 -1.62 -9.52 -1.54
CA VAL A 11 -0.30 -9.37 -2.21
C VAL A 11 -0.24 -10.24 -3.47
N HIS A 12 0.27 -9.70 -4.54
CA HIS A 12 0.49 -10.51 -5.78
C HIS A 12 1.99 -10.62 -6.05
N ARG A 13 2.35 -11.43 -7.00
CA ARG A 13 3.80 -11.69 -7.30
C ARG A 13 4.62 -10.38 -7.37
N ILE A 14 5.89 -10.44 -7.07
CA ILE A 14 6.78 -9.22 -7.01
C ILE A 14 6.32 -8.23 -5.91
N GLY A 15 5.38 -8.58 -5.07
CA GLY A 15 4.95 -7.63 -3.99
C GLY A 15 4.02 -6.55 -4.56
N ARG A 16 3.48 -6.75 -5.75
CA ARG A 16 2.64 -5.69 -6.39
C ARG A 16 1.20 -5.77 -5.88
N ILE A 17 0.57 -4.64 -5.66
CA ILE A 17 -0.88 -4.64 -5.29
C ILE A 17 -1.62 -3.59 -6.12
N ILE A 18 -2.91 -3.76 -6.30
CA ILE A 18 -3.71 -2.72 -7.02
C ILE A 18 -4.76 -2.15 -6.08
N ILE A 19 -4.83 -0.83 -6.00
CA ILE A 19 -5.91 -0.20 -5.17
C ILE A 19 -7.22 -0.19 -5.96
N PRO A 20 -8.34 -0.34 -5.28
CA PRO A 20 -9.66 -0.23 -5.96
C PRO A 20 -9.83 1.18 -6.52
N ALA A 21 -10.44 1.29 -7.68
CA ALA A 21 -10.62 2.64 -8.31
C ALA A 21 -11.40 3.58 -7.36
N GLY A 22 -12.21 3.02 -6.49
CA GLY A 22 -12.99 3.88 -5.56
C GLY A 22 -12.06 4.62 -4.61
N THR A 23 -11.07 3.95 -4.07
CA THR A 23 -10.13 4.62 -3.13
C THR A 23 -9.25 5.62 -3.89
N ARG A 24 -8.83 5.29 -5.10
CA ARG A 24 -8.03 6.26 -5.92
C ARG A 24 -8.82 7.57 -6.08
N LYS A 25 -10.09 7.45 -6.35
CA LYS A 25 -10.95 8.65 -6.61
C LYS A 25 -11.08 9.48 -5.33
N PHE A 26 -11.44 8.85 -4.24
CA PHE A 26 -11.57 9.59 -2.94
C PHE A 26 -10.26 10.28 -2.57
N TYR A 27 -9.15 9.66 -2.87
CA TYR A 27 -7.83 10.20 -2.44
C TYR A 27 -7.26 11.19 -3.46
N GLY A 28 -7.81 11.22 -4.67
CA GLY A 28 -7.32 12.21 -5.69
C GLY A 28 -5.96 11.73 -6.24
N ILE A 29 -5.82 10.46 -6.50
CA ILE A 29 -4.50 9.92 -6.98
C ILE A 29 -4.43 9.94 -8.51
N GLU A 30 -3.34 10.44 -9.03
CA GLU A 30 -3.10 10.34 -10.50
C GLU A 30 -1.70 9.76 -10.73
N GLN A 31 -1.45 9.22 -11.91
CA GLN A 31 -0.10 8.62 -12.19
C GLN A 31 1.00 9.66 -12.00
N GLY A 32 2.10 9.26 -11.42
CA GLY A 32 3.23 10.20 -11.20
C GLY A 32 3.16 10.83 -9.80
N ASP A 33 2.03 10.75 -9.12
CA ASP A 33 1.94 11.31 -7.74
C ASP A 33 2.62 10.37 -6.74
N PHE A 34 3.01 10.89 -5.60
CA PHE A 34 3.57 10.00 -4.53
C PHE A 34 2.62 9.95 -3.36
N VAL A 35 2.45 8.79 -2.77
CA VAL A 35 1.62 8.69 -1.54
C VAL A 35 2.39 7.92 -0.47
N GLU A 36 2.09 8.14 0.79
CA GLU A 36 2.83 7.45 1.88
C GLU A 36 1.86 6.56 2.64
N ILE A 37 2.16 5.29 2.72
CA ILE A 37 1.12 4.32 3.16
C ILE A 37 1.73 3.24 4.08
N LYS A 38 0.91 2.62 4.88
CA LYS A 38 1.40 1.51 5.75
C LYS A 38 0.47 0.30 5.66
N ILE A 39 1.01 -0.89 5.73
CA ILE A 39 0.15 -2.12 5.68
C ILE A 39 0.21 -2.88 7.00
N VAL A 40 -0.84 -3.59 7.34
CA VAL A 40 -0.84 -4.42 8.56
C VAL A 40 -1.53 -5.77 8.29
N LYS A 41 -0.85 -6.85 8.57
CA LYS A 41 -1.47 -8.20 8.45
C LYS A 41 -1.16 -9.01 9.72
N TYR A 42 -2.05 -9.88 10.11
CA TYR A 42 -1.82 -10.70 11.34
C TYR A 42 -1.37 -12.11 10.96
N GLU A 43 -0.27 -12.57 11.52
CA GLU A 43 0.21 -13.95 11.23
C GLU A 43 0.61 -14.66 12.52
N GLY A 44 0.20 -15.90 12.68
CA GLY A 44 0.52 -16.65 13.92
C GLY A 44 -0.06 -15.91 15.14
N GLU A 45 0.76 -15.67 16.14
CA GLU A 45 0.28 -14.93 17.34
C GLU A 45 0.80 -13.47 17.36
N GLU A 46 1.40 -13.00 16.28
CA GLU A 46 1.96 -11.61 16.28
C GLU A 46 1.50 -10.83 15.02
N PRO A 47 1.15 -9.56 15.21
CA PRO A 47 0.84 -8.70 14.03
C PRO A 47 2.14 -8.29 13.32
N LYS A 48 2.13 -8.29 12.01
CA LYS A 48 3.29 -7.76 11.23
C LYS A 48 2.87 -6.50 10.48
N GLU A 49 3.69 -5.49 10.48
CA GLU A 49 3.32 -4.22 9.78
C GLU A 49 4.52 -3.65 8.99
N GLY A 50 4.27 -2.71 8.13
CA GLY A 50 5.37 -2.10 7.33
C GLY A 50 4.93 -0.74 6.79
N THR A 51 5.78 0.25 6.87
CA THR A 51 5.44 1.59 6.30
C THR A 51 6.46 1.96 5.22
N PHE A 52 6.01 2.51 4.12
CA PHE A 52 6.97 2.96 3.06
C PHE A 52 6.34 4.07 2.18
N THR A 53 7.12 4.63 1.29
CA THR A 53 6.57 5.61 0.31
C THR A 53 6.49 4.95 -1.07
N ALA A 54 5.45 5.22 -1.81
CA ALA A 54 5.27 4.53 -3.13
C ALA A 54 4.70 5.50 -4.17
N ARG A 55 5.12 5.35 -5.40
CA ARG A 55 4.56 6.21 -6.49
C ARG A 55 3.39 5.50 -7.16
N VAL A 56 2.40 6.24 -7.58
CA VAL A 56 1.22 5.62 -8.27
C VAL A 56 1.58 5.33 -9.72
N GLY A 57 1.40 4.10 -10.14
CA GLY A 57 1.69 3.73 -11.55
C GLY A 57 0.37 3.62 -12.33
N GLU A 58 0.43 3.13 -13.54
CA GLU A 58 -0.81 2.96 -14.35
C GLU A 58 -1.76 1.98 -13.66
N GLN A 59 -3.04 2.09 -13.94
CA GLN A 59 -4.06 1.21 -13.28
C GLN A 59 -3.99 1.29 -11.74
N GLY A 60 -3.39 2.34 -11.20
CA GLY A 60 -3.45 2.54 -9.71
C GLY A 60 -2.55 1.53 -8.99
N SER A 61 -1.59 0.97 -9.68
CA SER A 61 -0.73 -0.08 -9.05
C SER A 61 0.33 0.57 -8.14
N VAL A 62 0.67 -0.09 -7.06
CA VAL A 62 1.77 0.41 -6.19
C VAL A 62 2.64 -0.78 -5.74
N ILE A 63 3.93 -0.57 -5.57
CA ILE A 63 4.84 -1.72 -5.26
C ILE A 63 5.34 -1.63 -3.82
N ILE A 64 5.09 -2.65 -3.03
CA ILE A 64 5.66 -2.72 -1.64
C ILE A 64 7.13 -3.15 -1.71
N PRO A 65 7.97 -2.59 -0.87
CA PRO A 65 9.42 -2.95 -0.87
C PRO A 65 9.60 -4.41 -0.44
N LYS A 66 10.38 -5.17 -1.19
CA LYS A 66 10.61 -6.61 -0.84
C LYS A 66 11.13 -6.75 0.59
N ALA A 67 11.90 -5.78 1.05
CA ALA A 67 12.48 -5.86 2.43
C ALA A 67 11.36 -5.96 3.46
N LEU A 68 10.27 -5.26 3.25
CA LEU A 68 9.12 -5.34 4.18
C LEU A 68 8.34 -6.64 3.95
N ARG A 69 8.28 -7.12 2.72
CA ARG A 69 7.55 -8.40 2.46
C ARG A 69 8.15 -9.52 3.31
N ASP A 70 9.46 -9.60 3.34
CA ASP A 70 10.14 -10.73 4.05
C ASP A 70 9.97 -10.57 5.56
N VAL A 71 10.23 -9.39 6.08
CA VAL A 71 10.12 -9.18 7.55
C VAL A 71 8.69 -9.46 8.03
N ILE A 72 7.72 -9.09 7.24
CA ILE A 72 6.29 -9.25 7.65
C ILE A 72 5.80 -10.69 7.38
N GLY A 73 6.49 -11.43 6.54
CA GLY A 73 6.09 -12.86 6.32
C GLY A 73 4.86 -12.92 5.40
N ILE A 74 4.78 -12.02 4.45
CA ILE A 74 3.53 -11.93 3.60
C ILE A 74 3.66 -12.84 2.37
N LYS A 75 2.57 -13.45 1.96
CA LYS A 75 2.61 -14.39 0.80
C LYS A 75 1.52 -14.03 -0.22
N PRO A 76 1.71 -14.46 -1.47
CA PRO A 76 0.69 -14.20 -2.52
C PRO A 76 -0.69 -14.74 -2.11
N GLY A 77 -1.72 -13.95 -2.30
CA GLY A 77 -3.10 -14.43 -2.00
C GLY A 77 -3.53 -14.09 -0.56
N GLU A 78 -2.68 -13.45 0.21
CA GLU A 78 -3.06 -13.08 1.61
C GLU A 78 -3.55 -11.64 1.67
N VAL A 79 -4.67 -11.42 2.31
CA VAL A 79 -5.29 -10.06 2.32
C VAL A 79 -4.78 -9.23 3.50
N ILE A 80 -4.34 -8.03 3.23
CA ILE A 80 -3.89 -7.11 4.31
C ILE A 80 -4.79 -5.87 4.33
N GLU A 81 -4.82 -5.17 5.43
CA GLU A 81 -5.55 -3.87 5.48
C GLU A 81 -4.55 -2.74 5.30
N VAL A 82 -4.84 -1.82 4.42
CA VAL A 82 -3.85 -0.77 4.05
C VAL A 82 -4.34 0.61 4.49
N LEU A 83 -3.51 1.32 5.19
CA LEU A 83 -3.88 2.68 5.67
C LEU A 83 -2.97 3.72 5.00
N LEU A 84 -3.55 4.76 4.43
CA LEU A 84 -2.70 5.87 3.88
C LEU A 84 -2.27 6.80 5.02
N LEU A 85 -1.06 7.28 4.96
CA LEU A 85 -0.55 8.15 6.07
C LEU A 85 -0.36 9.60 5.57
N GLY A 86 -0.01 9.77 4.32
CA GLY A 86 0.23 11.16 3.80
C GLY A 86 0.37 11.17 2.27
N HIS A 87 0.69 12.31 1.70
CA HIS A 87 0.82 12.41 0.22
C HIS A 87 1.93 13.41 -0.17
N TYR A 88 2.53 13.25 -1.32
CA TYR A 88 3.55 14.22 -1.80
C TYR A 88 3.32 14.56 -3.27
N LYS A 89 3.50 15.80 -3.64
CA LYS A 89 3.31 16.21 -5.07
C LYS A 89 4.67 16.49 -5.74
N PRO A 90 4.69 16.46 -7.06
CA PRO A 90 5.97 16.72 -7.81
C PRO A 90 6.58 18.06 -7.40
N ARG A 91 7.89 18.14 -7.34
CA ARG A 91 8.56 19.41 -6.94
C ARG A 91 9.54 19.86 -8.04
N ASN A 92 9.71 21.15 -8.19
CA ASN A 92 10.65 21.67 -9.23
C ASN A 92 12.08 21.18 -8.95
N MET A 1 -2.26 8.12 14.81
CA MET A 1 -2.01 9.09 13.69
C MET A 1 -3.26 9.24 12.83
N ASP A 2 -3.16 10.01 11.77
CA ASP A 2 -4.32 10.19 10.85
C ASP A 2 -4.14 9.35 9.59
N VAL A 3 -5.22 8.87 9.02
CA VAL A 3 -5.12 8.11 7.75
C VAL A 3 -5.96 8.80 6.68
N LEU A 4 -5.46 8.90 5.49
CA LEU A 4 -6.19 9.62 4.40
C LEU A 4 -7.19 8.69 3.71
N ALA A 5 -7.03 7.38 3.86
CA ALA A 5 -8.01 6.42 3.28
C ALA A 5 -7.70 5.00 3.77
N LYS A 6 -8.68 4.13 3.78
CA LYS A 6 -8.44 2.74 4.25
C LYS A 6 -9.06 1.74 3.25
N PHE A 7 -8.28 0.79 2.78
CA PHE A 7 -8.83 -0.22 1.84
C PHE A 7 -8.10 -1.57 1.99
N HIS A 8 -8.69 -2.63 1.50
CA HIS A 8 -8.07 -3.98 1.68
C HIS A 8 -7.62 -4.55 0.33
N THR A 9 -6.47 -5.17 0.30
CA THR A 9 -5.96 -5.80 -0.95
C THR A 9 -5.07 -7.01 -0.61
N THR A 10 -4.83 -7.89 -1.56
CA THR A 10 -3.91 -9.04 -1.27
C THR A 10 -2.60 -8.87 -2.06
N VAL A 11 -1.56 -9.53 -1.64
CA VAL A 11 -0.24 -9.36 -2.31
C VAL A 11 -0.18 -10.19 -3.60
N HIS A 12 0.33 -9.61 -4.65
CA HIS A 12 0.55 -10.37 -5.91
C HIS A 12 2.04 -10.44 -6.20
N ARG A 13 2.41 -11.22 -7.19
CA ARG A 13 3.87 -11.43 -7.51
C ARG A 13 4.68 -10.11 -7.52
N ILE A 14 5.94 -10.18 -7.22
CA ILE A 14 6.82 -8.95 -7.08
C ILE A 14 6.36 -8.02 -5.94
N GLY A 15 5.41 -8.43 -5.13
CA GLY A 15 4.96 -7.55 -3.99
C GLY A 15 4.04 -6.45 -4.51
N ARG A 16 3.51 -6.58 -5.71
CA ARG A 16 2.66 -5.49 -6.29
C ARG A 16 1.21 -5.65 -5.82
N ILE A 17 0.54 -4.56 -5.57
CA ILE A 17 -0.92 -4.61 -5.24
C ILE A 17 -1.67 -3.57 -6.07
N ILE A 18 -2.96 -3.74 -6.25
CA ILE A 18 -3.76 -2.71 -6.98
C ILE A 18 -4.81 -2.12 -6.04
N ILE A 19 -4.88 -0.82 -5.96
CA ILE A 19 -5.97 -0.18 -5.15
C ILE A 19 -7.27 -0.19 -5.94
N PRO A 20 -8.40 -0.34 -5.26
CA PRO A 20 -9.71 -0.22 -5.94
C PRO A 20 -9.89 1.17 -6.51
N ALA A 21 -10.49 1.29 -7.65
CA ALA A 21 -10.69 2.63 -8.28
C ALA A 21 -11.46 3.56 -7.33
N GLY A 22 -12.27 3.00 -6.47
CA GLY A 22 -13.08 3.83 -5.53
C GLY A 22 -12.15 4.59 -4.59
N THR A 23 -11.16 3.92 -4.04
CA THR A 23 -10.22 4.60 -3.10
C THR A 23 -9.35 5.61 -3.85
N ARG A 24 -8.95 5.28 -5.07
CA ARG A 24 -8.13 6.26 -5.88
C ARG A 24 -8.87 7.59 -6.00
N LYS A 25 -10.16 7.51 -6.25
CA LYS A 25 -10.95 8.76 -6.47
C LYS A 25 -11.03 9.58 -5.17
N PHE A 26 -11.38 8.93 -4.09
CA PHE A 26 -11.50 9.66 -2.78
C PHE A 26 -10.17 10.32 -2.42
N TYR A 27 -9.08 9.68 -2.71
CA TYR A 27 -7.73 10.21 -2.33
C TYR A 27 -7.18 11.17 -3.39
N GLY A 28 -7.76 11.18 -4.58
CA GLY A 28 -7.28 12.13 -5.64
C GLY A 28 -5.96 11.63 -6.22
N ILE A 29 -5.84 10.35 -6.47
CA ILE A 29 -4.54 9.79 -6.97
C ILE A 29 -4.49 9.82 -8.49
N GLU A 30 -3.43 10.34 -9.04
CA GLU A 30 -3.19 10.26 -10.50
C GLU A 30 -1.79 9.71 -10.76
N GLN A 31 -1.53 9.18 -11.93
CA GLN A 31 -0.18 8.62 -12.23
C GLN A 31 0.90 9.69 -12.04
N GLY A 32 2.01 9.32 -11.46
CA GLY A 32 3.12 10.31 -11.25
C GLY A 32 3.04 10.93 -9.85
N ASP A 33 1.92 10.81 -9.16
CA ASP A 33 1.83 11.37 -7.77
C ASP A 33 2.54 10.44 -6.79
N PHE A 34 2.96 10.95 -5.66
CA PHE A 34 3.55 10.08 -4.61
C PHE A 34 2.62 10.00 -3.41
N VAL A 35 2.46 8.83 -2.84
CA VAL A 35 1.65 8.70 -1.60
C VAL A 35 2.45 7.91 -0.55
N GLU A 36 2.17 8.10 0.71
CA GLU A 36 2.92 7.38 1.77
C GLU A 36 1.95 6.50 2.53
N ILE A 37 2.22 5.22 2.58
CA ILE A 37 1.18 4.27 3.05
C ILE A 37 1.78 3.19 3.96
N LYS A 38 0.97 2.57 4.78
CA LYS A 38 1.46 1.48 5.66
C LYS A 38 0.51 0.28 5.59
N ILE A 39 1.05 -0.92 5.69
CA ILE A 39 0.18 -2.14 5.66
C ILE A 39 0.24 -2.87 7.00
N VAL A 40 -0.82 -3.55 7.34
CA VAL A 40 -0.83 -4.38 8.60
C VAL A 40 -1.50 -5.72 8.33
N LYS A 41 -0.83 -6.80 8.66
CA LYS A 41 -1.45 -8.15 8.53
C LYS A 41 -1.09 -8.99 9.74
N TYR A 42 -1.99 -9.86 10.14
CA TYR A 42 -1.74 -10.68 11.36
C TYR A 42 -1.30 -12.10 10.98
N GLU A 43 -0.23 -12.58 11.57
CA GLU A 43 0.22 -13.98 11.29
C GLU A 43 0.58 -14.69 12.59
N GLY A 44 0.15 -15.92 12.75
CA GLY A 44 0.42 -16.67 14.01
C GLY A 44 -0.21 -15.93 15.19
N GLU A 45 0.56 -15.67 16.22
CA GLU A 45 0.04 -14.92 17.41
C GLU A 45 0.57 -13.47 17.44
N GLU A 46 1.22 -13.02 16.39
CA GLU A 46 1.78 -11.61 16.41
C GLU A 46 1.40 -10.86 15.12
N PRO A 47 0.97 -9.62 15.25
CA PRO A 47 0.74 -8.77 14.06
C PRO A 47 2.08 -8.29 13.47
N LYS A 48 2.16 -8.17 12.18
CA LYS A 48 3.37 -7.55 11.55
C LYS A 48 2.95 -6.36 10.69
N GLU A 49 3.80 -5.36 10.59
CA GLU A 49 3.44 -4.13 9.83
C GLU A 49 4.60 -3.67 8.95
N GLY A 50 4.34 -2.75 8.05
CA GLY A 50 5.42 -2.20 7.19
C GLY A 50 5.00 -0.84 6.64
N THR A 51 5.89 0.13 6.66
CA THR A 51 5.56 1.47 6.09
C THR A 51 6.55 1.84 5.00
N PHE A 52 6.07 2.41 3.92
CA PHE A 52 7.01 2.88 2.85
C PHE A 52 6.37 3.99 2.00
N THR A 53 7.14 4.59 1.12
CA THR A 53 6.57 5.59 0.17
C THR A 53 6.52 4.96 -1.24
N ALA A 54 5.47 5.24 -1.97
CA ALA A 54 5.31 4.59 -3.31
C ALA A 54 4.73 5.58 -4.32
N ARG A 55 5.14 5.47 -5.56
CA ARG A 55 4.56 6.31 -6.64
C ARG A 55 3.40 5.57 -7.30
N VAL A 56 2.38 6.30 -7.71
CA VAL A 56 1.22 5.65 -8.38
C VAL A 56 1.55 5.35 -9.83
N GLY A 57 1.40 4.12 -10.23
CA GLY A 57 1.67 3.72 -11.63
C GLY A 57 0.35 3.53 -12.39
N GLU A 58 0.42 2.93 -13.54
CA GLU A 58 -0.81 2.71 -14.36
C GLU A 58 -1.80 1.81 -13.58
N GLN A 59 -3.08 1.94 -13.88
CA GLN A 59 -4.11 1.13 -13.18
C GLN A 59 -4.01 1.23 -11.64
N GLY A 60 -3.38 2.28 -11.13
CA GLY A 60 -3.43 2.51 -9.65
C GLY A 60 -2.52 1.52 -8.92
N SER A 61 -1.57 0.93 -9.59
CA SER A 61 -0.72 -0.12 -8.95
C SER A 61 0.34 0.53 -8.06
N VAL A 62 0.66 -0.11 -6.95
CA VAL A 62 1.75 0.38 -6.07
C VAL A 62 2.61 -0.81 -5.59
N ILE A 63 3.89 -0.60 -5.40
CA ILE A 63 4.80 -1.75 -5.05
C ILE A 63 5.31 -1.62 -3.62
N ILE A 64 5.06 -2.61 -2.80
CA ILE A 64 5.67 -2.64 -1.42
C ILE A 64 7.13 -3.11 -1.52
N PRO A 65 7.99 -2.56 -0.68
CA PRO A 65 9.44 -2.96 -0.71
C PRO A 65 9.60 -4.43 -0.31
N LYS A 66 10.39 -5.17 -1.05
CA LYS A 66 10.62 -6.62 -0.73
C LYS A 66 11.11 -6.79 0.70
N ALA A 67 11.90 -5.84 1.18
CA ALA A 67 12.45 -5.95 2.57
C ALA A 67 11.31 -6.04 3.59
N LEU A 68 10.24 -5.33 3.35
CA LEU A 68 9.07 -5.39 4.29
C LEU A 68 8.27 -6.68 4.06
N ARG A 69 8.21 -7.16 2.83
CA ARG A 69 7.47 -8.44 2.56
C ARG A 69 8.05 -9.57 3.41
N ASP A 70 9.35 -9.67 3.44
CA ASP A 70 10.01 -10.80 4.16
C ASP A 70 9.84 -10.65 5.67
N VAL A 71 10.08 -9.47 6.19
CA VAL A 71 9.96 -9.25 7.67
C VAL A 71 8.52 -9.55 8.12
N ILE A 72 7.56 -9.17 7.33
CA ILE A 72 6.13 -9.36 7.74
C ILE A 72 5.65 -10.79 7.43
N GLY A 73 6.36 -11.53 6.60
CA GLY A 73 5.97 -12.95 6.33
C GLY A 73 4.76 -12.98 5.39
N ILE A 74 4.68 -12.06 4.46
CA ILE A 74 3.47 -11.97 3.59
C ILE A 74 3.65 -12.82 2.32
N LYS A 75 2.59 -13.45 1.89
CA LYS A 75 2.68 -14.36 0.69
C LYS A 75 1.59 -14.00 -0.34
N PRO A 76 1.81 -14.40 -1.59
CA PRO A 76 0.79 -14.14 -2.64
C PRO A 76 -0.59 -14.70 -2.24
N GLY A 77 -1.64 -13.92 -2.43
CA GLY A 77 -3.02 -14.42 -2.16
C GLY A 77 -3.45 -14.10 -0.71
N GLU A 78 -2.60 -13.46 0.08
CA GLU A 78 -3.00 -13.12 1.49
C GLU A 78 -3.48 -11.67 1.56
N VAL A 79 -4.58 -11.45 2.23
CA VAL A 79 -5.18 -10.08 2.25
C VAL A 79 -4.68 -9.28 3.45
N ILE A 80 -4.25 -8.08 3.21
CA ILE A 80 -3.83 -7.16 4.31
C ILE A 80 -4.72 -5.91 4.31
N GLU A 81 -4.77 -5.23 5.42
CA GLU A 81 -5.50 -3.93 5.47
C GLU A 81 -4.51 -2.79 5.29
N VAL A 82 -4.81 -1.87 4.42
CA VAL A 82 -3.81 -0.82 4.04
C VAL A 82 -4.30 0.56 4.47
N LEU A 83 -3.46 1.29 5.15
CA LEU A 83 -3.81 2.66 5.62
C LEU A 83 -2.92 3.69 4.92
N LEU A 84 -3.48 4.72 4.34
CA LEU A 84 -2.64 5.82 3.79
C LEU A 84 -2.18 6.75 4.91
N LEU A 85 -0.94 7.19 4.86
CA LEU A 85 -0.40 8.05 5.95
C LEU A 85 -0.27 9.51 5.49
N GLY A 86 0.08 9.72 4.24
CA GLY A 86 0.31 11.13 3.75
C GLY A 86 0.44 11.17 2.22
N HIS A 87 0.73 12.33 1.68
CA HIS A 87 0.84 12.46 0.19
C HIS A 87 1.96 13.46 -0.19
N TYR A 88 2.53 13.29 -1.36
CA TYR A 88 3.56 14.27 -1.83
C TYR A 88 3.28 14.67 -3.29
N LYS A 89 3.43 15.93 -3.60
CA LYS A 89 3.20 16.40 -5.00
C LYS A 89 4.45 17.09 -5.55
N PRO A 90 5.19 16.40 -6.42
CA PRO A 90 6.44 16.99 -7.00
C PRO A 90 6.15 18.36 -7.65
N ARG A 91 7.09 19.26 -7.57
CA ARG A 91 6.89 20.62 -8.17
C ARG A 91 7.98 20.92 -9.20
N ASN A 92 7.65 21.69 -10.21
CA ASN A 92 8.67 22.03 -11.26
C ASN A 92 8.88 23.54 -11.32
N MET A 1 -3.87 6.69 14.64
CA MET A 1 -3.22 7.74 13.81
C MET A 1 -4.16 8.26 12.73
N ASP A 2 -3.77 9.28 12.02
CA ASP A 2 -4.62 9.83 10.92
C ASP A 2 -4.46 9.00 9.66
N VAL A 3 -5.54 8.72 8.97
CA VAL A 3 -5.45 7.96 7.69
C VAL A 3 -6.20 8.72 6.59
N LEU A 4 -5.60 8.84 5.44
CA LEU A 4 -6.27 9.58 4.31
C LEU A 4 -7.26 8.65 3.58
N ALA A 5 -7.11 7.36 3.73
CA ALA A 5 -8.08 6.39 3.12
C ALA A 5 -7.77 4.98 3.61
N LYS A 6 -8.75 4.12 3.65
CA LYS A 6 -8.53 2.75 4.19
C LYS A 6 -9.15 1.70 3.25
N PHE A 7 -8.37 0.74 2.82
CA PHE A 7 -8.90 -0.30 1.89
C PHE A 7 -8.15 -1.63 2.06
N HIS A 8 -8.72 -2.71 1.59
CA HIS A 8 -8.09 -4.05 1.79
C HIS A 8 -7.64 -4.63 0.44
N THR A 9 -6.48 -5.24 0.42
CA THR A 9 -5.98 -5.87 -0.84
C THR A 9 -5.07 -7.06 -0.49
N THR A 10 -4.82 -7.95 -1.44
CA THR A 10 -3.89 -9.09 -1.15
C THR A 10 -2.60 -8.92 -1.97
N VAL A 11 -1.54 -9.56 -1.55
CA VAL A 11 -0.23 -9.39 -2.25
C VAL A 11 -0.19 -10.24 -3.52
N HIS A 12 0.27 -9.67 -4.59
CA HIS A 12 0.47 -10.45 -5.85
C HIS A 12 1.95 -10.53 -6.18
N ARG A 13 2.30 -11.31 -7.16
CA ARG A 13 3.76 -11.55 -7.50
C ARG A 13 4.55 -10.22 -7.56
N ILE A 14 5.83 -10.29 -7.30
CA ILE A 14 6.70 -9.05 -7.21
C ILE A 14 6.28 -8.12 -6.06
N GLY A 15 5.36 -8.51 -5.21
CA GLY A 15 4.95 -7.61 -4.07
C GLY A 15 4.01 -6.51 -4.58
N ARG A 16 3.45 -6.66 -5.77
CA ARG A 16 2.61 -5.58 -6.35
C ARG A 16 1.16 -5.70 -5.85
N ILE A 17 0.51 -4.59 -5.62
CA ILE A 17 -0.95 -4.62 -5.29
C ILE A 17 -1.68 -3.56 -6.12
N ILE A 18 -2.96 -3.75 -6.35
CA ILE A 18 -3.75 -2.70 -7.09
C ILE A 18 -4.83 -2.13 -6.17
N ILE A 19 -4.90 -0.82 -6.08
CA ILE A 19 -6.01 -0.19 -5.29
C ILE A 19 -7.29 -0.18 -6.12
N PRO A 20 -8.43 -0.34 -5.48
CA PRO A 20 -9.72 -0.23 -6.20
C PRO A 20 -9.89 1.20 -6.72
N ALA A 21 -10.47 1.34 -7.88
CA ALA A 21 -10.65 2.70 -8.48
C ALA A 21 -11.44 3.61 -7.52
N GLY A 22 -12.26 3.02 -6.68
CA GLY A 22 -13.07 3.84 -5.73
C GLY A 22 -12.15 4.56 -4.75
N THR A 23 -11.19 3.88 -4.21
CA THR A 23 -10.26 4.53 -3.23
C THR A 23 -9.37 5.55 -3.94
N ARG A 24 -8.95 5.26 -5.16
CA ARG A 24 -8.10 6.24 -5.93
C ARG A 24 -8.84 7.58 -6.04
N LYS A 25 -10.13 7.53 -6.30
CA LYS A 25 -10.91 8.79 -6.48
C LYS A 25 -10.97 9.57 -5.17
N PHE A 26 -11.35 8.90 -4.11
CA PHE A 26 -11.48 9.58 -2.77
C PHE A 26 -10.16 10.24 -2.38
N TYR A 27 -9.05 9.60 -2.68
CA TYR A 27 -7.72 10.15 -2.27
C TYR A 27 -7.17 11.13 -3.32
N GLY A 28 -7.74 11.15 -4.51
CA GLY A 28 -7.27 12.11 -5.55
C GLY A 28 -5.94 11.62 -6.14
N ILE A 29 -5.83 10.34 -6.42
CA ILE A 29 -4.54 9.78 -6.94
C ILE A 29 -4.50 9.86 -8.47
N GLU A 30 -3.44 10.41 -8.99
CA GLU A 30 -3.20 10.35 -10.46
C GLU A 30 -1.80 9.80 -10.72
N GLN A 31 -1.54 9.27 -11.90
CA GLN A 31 -0.19 8.69 -12.18
C GLN A 31 0.90 9.76 -11.98
N GLY A 32 2.01 9.35 -11.41
CA GLY A 32 3.14 10.31 -11.19
C GLY A 32 3.06 10.91 -9.77
N ASP A 33 1.94 10.81 -9.09
CA ASP A 33 1.84 11.37 -7.71
C ASP A 33 2.55 10.44 -6.72
N PHE A 34 2.95 10.95 -5.58
CA PHE A 34 3.53 10.07 -4.52
C PHE A 34 2.57 9.98 -3.34
N VAL A 35 2.42 8.82 -2.77
CA VAL A 35 1.59 8.69 -1.53
C VAL A 35 2.38 7.90 -0.49
N GLU A 36 2.11 8.12 0.77
CA GLU A 36 2.84 7.40 1.85
C GLU A 36 1.87 6.52 2.59
N ILE A 37 2.14 5.24 2.66
CA ILE A 37 1.10 4.28 3.12
C ILE A 37 1.71 3.21 4.03
N LYS A 38 0.90 2.58 4.84
CA LYS A 38 1.40 1.47 5.70
C LYS A 38 0.46 0.27 5.63
N ILE A 39 1.00 -0.92 5.73
CA ILE A 39 0.14 -2.15 5.70
C ILE A 39 0.22 -2.89 7.04
N VAL A 40 -0.83 -3.58 7.40
CA VAL A 40 -0.81 -4.40 8.65
C VAL A 40 -1.50 -5.74 8.41
N LYS A 41 -0.82 -6.82 8.68
CA LYS A 41 -1.45 -8.18 8.59
C LYS A 41 -1.15 -8.97 9.85
N TYR A 42 -2.08 -9.77 10.29
CA TYR A 42 -1.86 -10.56 11.54
C TYR A 42 -1.57 -12.02 11.21
N GLU A 43 -0.51 -12.58 11.76
CA GLU A 43 -0.20 -14.01 11.53
C GLU A 43 0.14 -14.70 12.86
N GLY A 44 -0.48 -15.82 13.14
CA GLY A 44 -0.24 -16.52 14.44
C GLY A 44 -0.61 -15.60 15.60
N GLU A 45 0.29 -15.43 16.55
CA GLU A 45 0.01 -14.51 17.70
C GLU A 45 0.77 -13.19 17.58
N GLU A 46 1.31 -12.88 16.41
CA GLU A 46 2.12 -11.62 16.25
C GLU A 46 1.66 -10.83 15.01
N PRO A 47 1.29 -9.57 15.20
CA PRO A 47 0.97 -8.71 14.03
C PRO A 47 2.25 -8.28 13.32
N LYS A 48 2.26 -8.32 12.00
CA LYS A 48 3.42 -7.77 11.23
C LYS A 48 3.00 -6.50 10.49
N GLU A 49 3.84 -5.50 10.49
CA GLU A 49 3.46 -4.20 9.84
C GLU A 49 4.62 -3.68 8.98
N GLY A 50 4.34 -2.75 8.11
CA GLY A 50 5.40 -2.16 7.25
C GLY A 50 4.95 -0.80 6.73
N THR A 51 5.82 0.18 6.77
CA THR A 51 5.46 1.53 6.21
C THR A 51 6.47 1.92 5.13
N PHE A 52 6.00 2.47 4.03
CA PHE A 52 6.96 2.93 2.97
C PHE A 52 6.31 4.03 2.10
N THR A 53 7.09 4.64 1.23
CA THR A 53 6.53 5.62 0.26
C THR A 53 6.48 4.98 -1.13
N ALA A 54 5.42 5.23 -1.88
CA ALA A 54 5.27 4.58 -3.21
C ALA A 54 4.69 5.58 -4.22
N ARG A 55 5.12 5.48 -5.46
CA ARG A 55 4.54 6.36 -6.52
C ARG A 55 3.40 5.62 -7.22
N VAL A 56 2.38 6.33 -7.62
CA VAL A 56 1.23 5.68 -8.30
C VAL A 56 1.58 5.41 -9.77
N GLY A 57 1.42 4.18 -10.18
CA GLY A 57 1.72 3.82 -11.59
C GLY A 57 0.41 3.67 -12.37
N GLU A 58 0.50 3.11 -13.55
CA GLU A 58 -0.73 2.91 -14.38
C GLU A 58 -1.72 1.99 -13.66
N GLN A 59 -2.98 2.13 -13.96
CA GLN A 59 -4.04 1.29 -13.30
C GLN A 59 -3.95 1.34 -11.77
N GLY A 60 -3.33 2.37 -11.21
CA GLY A 60 -3.41 2.57 -9.72
C GLY A 60 -2.51 1.54 -9.00
N SER A 61 -1.55 0.96 -9.68
CA SER A 61 -0.71 -0.09 -9.04
C SER A 61 0.34 0.55 -8.13
N VAL A 62 0.66 -0.10 -7.04
CA VAL A 62 1.75 0.39 -6.15
C VAL A 62 2.60 -0.80 -5.67
N ILE A 63 3.88 -0.59 -5.50
CA ILE A 63 4.79 -1.74 -5.16
C ILE A 63 5.31 -1.63 -3.73
N ILE A 64 5.06 -2.64 -2.92
CA ILE A 64 5.66 -2.67 -1.55
C ILE A 64 7.13 -3.13 -1.64
N PRO A 65 7.99 -2.56 -0.81
CA PRO A 65 9.44 -2.94 -0.85
C PRO A 65 9.63 -4.42 -0.47
N LYS A 66 10.42 -5.14 -1.22
CA LYS A 66 10.67 -6.59 -0.91
C LYS A 66 11.19 -6.75 0.52
N ALA A 67 11.96 -5.80 0.99
CA ALA A 67 12.54 -5.90 2.37
C ALA A 67 11.42 -6.02 3.41
N LEU A 68 10.34 -5.31 3.20
CA LEU A 68 9.19 -5.39 4.15
C LEU A 68 8.40 -6.68 3.92
N ARG A 69 8.33 -7.15 2.68
CA ARG A 69 7.59 -8.43 2.42
C ARG A 69 8.19 -9.57 3.27
N ASP A 70 9.49 -9.66 3.28
CA ASP A 70 10.17 -10.78 3.98
C ASP A 70 10.02 -10.64 5.49
N VAL A 71 10.28 -9.46 6.02
CA VAL A 71 10.19 -9.26 7.50
C VAL A 71 8.76 -9.56 7.98
N ILE A 72 7.78 -9.17 7.20
CA ILE A 72 6.36 -9.35 7.62
C ILE A 72 5.86 -10.77 7.33
N GLY A 73 6.55 -11.51 6.47
CA GLY A 73 6.17 -12.94 6.24
C GLY A 73 4.94 -13.00 5.31
N ILE A 74 4.85 -12.09 4.37
CA ILE A 74 3.63 -12.02 3.51
C ILE A 74 3.79 -12.88 2.26
N LYS A 75 2.71 -13.49 1.82
CA LYS A 75 2.78 -14.40 0.63
C LYS A 75 1.67 -14.06 -0.38
N PRO A 76 1.80 -14.54 -1.61
CA PRO A 76 0.77 -14.24 -2.64
C PRO A 76 -0.60 -14.79 -2.21
N GLY A 77 -1.63 -13.99 -2.37
CA GLY A 77 -3.02 -14.46 -2.05
C GLY A 77 -3.40 -14.14 -0.59
N GLU A 78 -2.52 -13.51 0.17
CA GLU A 78 -2.87 -13.16 1.58
C GLU A 78 -3.36 -11.72 1.68
N VAL A 79 -4.46 -11.51 2.36
CA VAL A 79 -5.07 -10.15 2.39
C VAL A 79 -4.59 -9.33 3.58
N ILE A 80 -4.30 -8.08 3.35
CA ILE A 80 -3.86 -7.17 4.44
C ILE A 80 -4.75 -5.91 4.44
N GLU A 81 -4.79 -5.21 5.54
CA GLU A 81 -5.53 -3.92 5.58
C GLU A 81 -4.55 -2.77 5.39
N VAL A 82 -4.85 -1.87 4.49
CA VAL A 82 -3.86 -0.83 4.10
C VAL A 82 -4.36 0.56 4.51
N LEU A 83 -3.52 1.30 5.17
CA LEU A 83 -3.90 2.68 5.62
C LEU A 83 -3.00 3.70 4.93
N LEU A 84 -3.56 4.72 4.32
CA LEU A 84 -2.71 5.82 3.79
C LEU A 84 -2.31 6.77 4.93
N LEU A 85 -1.09 7.24 4.91
CA LEU A 85 -0.59 8.09 6.02
C LEU A 85 -0.39 9.54 5.56
N GLY A 86 -0.02 9.74 4.32
CA GLY A 86 0.25 11.14 3.84
C GLY A 86 0.40 11.18 2.32
N HIS A 87 0.72 12.33 1.77
CA HIS A 87 0.84 12.47 0.28
C HIS A 87 1.98 13.43 -0.09
N TYR A 88 2.55 13.27 -1.26
CA TYR A 88 3.61 14.22 -1.72
C TYR A 88 3.41 14.56 -3.19
N LYS A 89 3.66 15.79 -3.58
CA LYS A 89 3.51 16.20 -5.01
C LYS A 89 4.85 16.75 -5.54
N PRO A 90 5.01 16.76 -6.85
CA PRO A 90 6.27 17.28 -7.46
C PRO A 90 6.54 18.72 -7.00
N ARG A 91 7.80 19.05 -6.81
CA ARG A 91 8.15 20.45 -6.37
C ARG A 91 9.23 21.03 -7.28
N ASN A 92 9.13 22.29 -7.60
CA ASN A 92 10.14 22.93 -8.49
C ASN A 92 10.75 24.16 -7.80
N MET A 1 -2.67 6.51 14.05
CA MET A 1 -2.49 7.92 13.59
C MET A 1 -3.59 8.30 12.59
N ASP A 2 -3.44 9.44 11.95
CA ASP A 2 -4.45 9.87 10.94
C ASP A 2 -4.30 9.03 9.67
N VAL A 3 -5.40 8.78 9.00
CA VAL A 3 -5.34 8.00 7.73
C VAL A 3 -6.08 8.76 6.62
N LEU A 4 -5.51 8.81 5.44
CA LEU A 4 -6.17 9.54 4.32
C LEU A 4 -7.20 8.63 3.63
N ALA A 5 -7.06 7.34 3.78
CA ALA A 5 -8.06 6.39 3.19
C ALA A 5 -7.76 4.97 3.68
N LYS A 6 -8.75 4.11 3.71
CA LYS A 6 -8.53 2.73 4.23
C LYS A 6 -9.14 1.69 3.28
N PHE A 7 -8.36 0.74 2.83
CA PHE A 7 -8.91 -0.30 1.89
C PHE A 7 -8.17 -1.62 2.04
N HIS A 8 -8.74 -2.70 1.56
CA HIS A 8 -8.12 -4.05 1.74
C HIS A 8 -7.66 -4.61 0.39
N THR A 9 -6.50 -5.22 0.37
CA THR A 9 -5.99 -5.84 -0.90
C THR A 9 -5.09 -7.04 -0.57
N THR A 10 -4.84 -7.91 -1.51
CA THR A 10 -3.91 -9.06 -1.24
C THR A 10 -2.62 -8.88 -2.04
N VAL A 11 -1.56 -9.53 -1.61
CA VAL A 11 -0.24 -9.36 -2.30
C VAL A 11 -0.19 -10.19 -3.58
N HIS A 12 0.30 -9.62 -4.64
CA HIS A 12 0.50 -10.38 -5.91
C HIS A 12 1.99 -10.47 -6.22
N ARG A 13 2.34 -11.24 -7.21
CA ARG A 13 3.80 -11.47 -7.56
C ARG A 13 4.59 -10.14 -7.61
N ILE A 14 5.88 -10.21 -7.35
CA ILE A 14 6.74 -8.98 -7.26
C ILE A 14 6.32 -8.05 -6.10
N GLY A 15 5.39 -8.45 -5.25
CA GLY A 15 4.98 -7.57 -4.11
C GLY A 15 4.04 -6.47 -4.60
N ARG A 16 3.47 -6.60 -5.78
CA ARG A 16 2.60 -5.53 -6.33
C ARG A 16 1.17 -5.66 -5.79
N ILE A 17 0.53 -4.55 -5.52
CA ILE A 17 -0.93 -4.59 -5.18
C ILE A 17 -1.67 -3.53 -6.01
N ILE A 18 -2.94 -3.73 -6.24
CA ILE A 18 -3.74 -2.70 -6.99
C ILE A 18 -4.83 -2.12 -6.09
N ILE A 19 -4.91 -0.82 -6.00
CA ILE A 19 -6.01 -0.19 -5.21
C ILE A 19 -7.29 -0.18 -6.05
N PRO A 20 -8.43 -0.35 -5.39
CA PRO A 20 -9.73 -0.24 -6.12
C PRO A 20 -9.89 1.18 -6.65
N ALA A 21 -10.48 1.32 -7.81
CA ALA A 21 -10.66 2.68 -8.42
C ALA A 21 -11.44 3.59 -7.47
N GLY A 22 -12.27 3.01 -6.61
CA GLY A 22 -13.07 3.83 -5.67
C GLY A 22 -12.14 4.57 -4.69
N THR A 23 -11.17 3.88 -4.16
CA THR A 23 -10.24 4.52 -3.19
C THR A 23 -9.35 5.54 -3.91
N ARG A 24 -8.94 5.24 -5.12
CA ARG A 24 -8.09 6.22 -5.90
C ARG A 24 -8.82 7.56 -6.01
N LYS A 25 -10.11 7.51 -6.26
CA LYS A 25 -10.89 8.78 -6.44
C LYS A 25 -10.94 9.56 -5.12
N PHE A 26 -11.30 8.90 -4.06
CA PHE A 26 -11.41 9.58 -2.73
C PHE A 26 -10.09 10.24 -2.34
N TYR A 27 -9.00 9.59 -2.64
CA TYR A 27 -7.65 10.14 -2.25
C TYR A 27 -7.11 11.12 -3.31
N GLY A 28 -7.69 11.13 -4.49
CA GLY A 28 -7.21 12.09 -5.55
C GLY A 28 -5.88 11.59 -6.14
N ILE A 29 -5.79 10.30 -6.40
CA ILE A 29 -4.50 9.74 -6.93
C ILE A 29 -4.47 9.81 -8.45
N GLU A 30 -3.41 10.39 -8.98
CA GLU A 30 -3.18 10.36 -10.46
C GLU A 30 -1.78 9.81 -10.72
N GLN A 31 -1.55 9.22 -11.88
CA GLN A 31 -0.21 8.62 -12.17
C GLN A 31 0.91 9.66 -11.98
N GLY A 32 2.01 9.25 -11.41
CA GLY A 32 3.15 10.19 -11.20
C GLY A 32 3.09 10.82 -9.80
N ASP A 33 1.96 10.76 -9.11
CA ASP A 33 1.88 11.33 -7.73
C ASP A 33 2.57 10.41 -6.74
N PHE A 34 2.99 10.92 -5.60
CA PHE A 34 3.57 10.05 -4.55
C PHE A 34 2.63 9.98 -3.35
N VAL A 35 2.47 8.82 -2.78
CA VAL A 35 1.64 8.70 -1.54
C VAL A 35 2.44 7.90 -0.50
N GLU A 36 2.15 8.10 0.76
CA GLU A 36 2.87 7.36 1.83
C GLU A 36 1.88 6.47 2.56
N ILE A 37 2.14 5.19 2.60
CA ILE A 37 1.10 4.24 3.06
C ILE A 37 1.71 3.15 3.94
N LYS A 38 0.90 2.50 4.74
CA LYS A 38 1.38 1.39 5.60
C LYS A 38 0.45 0.19 5.50
N ILE A 39 0.98 -1.01 5.59
CA ILE A 39 0.12 -2.23 5.57
C ILE A 39 0.21 -2.96 6.90
N VAL A 40 -0.85 -3.64 7.27
CA VAL A 40 -0.84 -4.42 8.55
C VAL A 40 -1.58 -5.75 8.35
N LYS A 41 -0.92 -6.84 8.64
CA LYS A 41 -1.58 -8.17 8.57
C LYS A 41 -1.27 -8.95 9.85
N TYR A 42 -2.17 -9.82 10.26
CA TYR A 42 -1.93 -10.60 11.52
C TYR A 42 -1.44 -12.01 11.19
N GLU A 43 -0.36 -12.43 11.79
CA GLU A 43 0.16 -13.81 11.55
C GLU A 43 0.49 -14.49 12.88
N GLY A 44 0.03 -15.71 13.06
CA GLY A 44 0.30 -16.43 14.34
C GLY A 44 -0.27 -15.65 15.52
N GLU A 45 0.53 -15.40 16.52
CA GLU A 45 0.06 -14.60 17.69
C GLU A 45 0.64 -13.16 17.67
N GLU A 46 1.28 -12.76 16.59
CA GLU A 46 1.90 -11.40 16.54
C GLU A 46 1.49 -10.65 15.24
N PRO A 47 1.20 -9.37 15.35
CA PRO A 47 0.89 -8.58 14.14
C PRO A 47 2.17 -8.25 13.37
N LYS A 48 2.12 -8.32 12.06
CA LYS A 48 3.26 -7.84 11.23
C LYS A 48 2.84 -6.61 10.43
N GLU A 49 3.69 -5.61 10.37
CA GLU A 49 3.32 -4.35 9.64
C GLU A 49 4.51 -3.83 8.82
N GLY A 50 4.26 -2.88 7.95
CA GLY A 50 5.35 -2.27 7.15
C GLY A 50 4.91 -0.91 6.63
N THR A 51 5.75 0.09 6.71
CA THR A 51 5.39 1.44 6.18
C THR A 51 6.42 1.88 5.13
N PHE A 52 5.97 2.45 4.04
CA PHE A 52 6.95 2.93 3.01
C PHE A 52 6.31 4.04 2.15
N THR A 53 7.10 4.65 1.28
CA THR A 53 6.54 5.63 0.31
C THR A 53 6.52 5.01 -1.09
N ALA A 54 5.49 5.25 -1.85
CA ALA A 54 5.35 4.60 -3.18
C ALA A 54 4.76 5.58 -4.20
N ARG A 55 5.17 5.48 -5.44
CA ARG A 55 4.57 6.33 -6.50
C ARG A 55 3.44 5.58 -7.19
N VAL A 56 2.41 6.28 -7.59
CA VAL A 56 1.26 5.63 -8.27
C VAL A 56 1.60 5.34 -9.74
N GLY A 57 1.45 4.12 -10.15
CA GLY A 57 1.71 3.75 -11.57
C GLY A 57 0.39 3.61 -12.32
N GLU A 58 0.44 3.11 -13.53
CA GLU A 58 -0.80 2.93 -14.33
C GLU A 58 -1.75 1.95 -13.61
N GLN A 59 -3.02 2.04 -13.90
CA GLN A 59 -4.04 1.16 -13.22
C GLN A 59 -3.96 1.26 -11.69
N GLY A 60 -3.36 2.31 -11.16
CA GLY A 60 -3.43 2.52 -9.67
C GLY A 60 -2.53 1.52 -8.94
N SER A 61 -1.58 0.92 -9.63
CA SER A 61 -0.74 -0.13 -8.97
C SER A 61 0.33 0.52 -8.09
N VAL A 62 0.68 -0.12 -7.00
CA VAL A 62 1.79 0.38 -6.14
C VAL A 62 2.65 -0.81 -5.68
N ILE A 63 3.94 -0.60 -5.51
CA ILE A 63 4.85 -1.75 -5.17
C ILE A 63 5.34 -1.64 -3.73
N ILE A 64 5.08 -2.64 -2.93
CA ILE A 64 5.69 -2.69 -1.56
C ILE A 64 7.15 -3.16 -1.65
N PRO A 65 8.03 -2.59 -0.84
CA PRO A 65 9.46 -2.99 -0.89
C PRO A 65 9.65 -4.44 -0.48
N LYS A 66 10.44 -5.18 -1.22
CA LYS A 66 10.69 -6.63 -0.88
C LYS A 66 11.19 -6.78 0.56
N ALA A 67 11.96 -5.83 1.02
CA ALA A 67 12.51 -5.90 2.41
C ALA A 67 11.37 -6.00 3.44
N LEU A 68 10.30 -5.29 3.19
CA LEU A 68 9.13 -5.37 4.12
C LEU A 68 8.34 -6.66 3.90
N ARG A 69 8.29 -7.15 2.68
CA ARG A 69 7.55 -8.43 2.41
C ARG A 69 8.13 -9.56 3.28
N ASP A 70 9.44 -9.65 3.32
CA ASP A 70 10.10 -10.76 4.05
C ASP A 70 9.93 -10.59 5.57
N VAL A 71 10.18 -9.40 6.06
CA VAL A 71 10.06 -9.17 7.54
C VAL A 71 8.63 -9.44 8.01
N ILE A 72 7.67 -9.08 7.21
CA ILE A 72 6.23 -9.25 7.61
C ILE A 72 5.75 -10.69 7.34
N GLY A 73 6.44 -11.44 6.52
CA GLY A 73 6.04 -12.87 6.28
C GLY A 73 4.82 -12.91 5.36
N ILE A 74 4.74 -12.01 4.41
CA ILE A 74 3.52 -11.92 3.55
C ILE A 74 3.70 -12.77 2.27
N LYS A 75 2.66 -13.40 1.83
CA LYS A 75 2.75 -14.29 0.63
C LYS A 75 1.64 -13.98 -0.39
N PRO A 76 1.80 -14.43 -1.62
CA PRO A 76 0.79 -14.15 -2.67
C PRO A 76 -0.59 -14.71 -2.27
N GLY A 77 -1.63 -13.93 -2.44
CA GLY A 77 -3.01 -14.43 -2.16
C GLY A 77 -3.42 -14.11 -0.71
N GLU A 78 -2.57 -13.48 0.06
CA GLU A 78 -2.93 -13.15 1.48
C GLU A 78 -3.43 -11.71 1.59
N VAL A 79 -4.53 -11.51 2.26
CA VAL A 79 -5.15 -10.15 2.31
C VAL A 79 -4.65 -9.34 3.51
N ILE A 80 -4.27 -8.11 3.28
CA ILE A 80 -3.85 -7.21 4.38
C ILE A 80 -4.72 -5.95 4.36
N GLU A 81 -4.77 -5.24 5.47
CA GLU A 81 -5.52 -3.96 5.51
C GLU A 81 -4.54 -2.80 5.34
N VAL A 82 -4.86 -1.89 4.46
CA VAL A 82 -3.86 -0.85 4.07
C VAL A 82 -4.36 0.54 4.50
N LEU A 83 -3.52 1.28 5.16
CA LEU A 83 -3.89 2.66 5.61
C LEU A 83 -2.99 3.67 4.91
N LEU A 84 -3.55 4.71 4.33
CA LEU A 84 -2.70 5.81 3.78
C LEU A 84 -2.27 6.74 4.92
N LEU A 85 -1.06 7.22 4.89
CA LEU A 85 -0.53 8.05 6.01
C LEU A 85 -0.28 9.50 5.55
N GLY A 86 0.07 9.69 4.31
CA GLY A 86 0.40 11.08 3.83
C GLY A 86 0.50 11.13 2.31
N HIS A 87 0.82 12.29 1.77
CA HIS A 87 0.91 12.44 0.28
C HIS A 87 2.03 13.41 -0.11
N TYR A 88 2.58 13.26 -1.29
CA TYR A 88 3.63 14.23 -1.76
C TYR A 88 3.37 14.62 -3.22
N LYS A 89 3.53 15.88 -3.54
CA LYS A 89 3.30 16.34 -4.94
C LYS A 89 4.61 16.90 -5.54
N PRO A 90 5.18 16.20 -6.50
CA PRO A 90 6.46 16.67 -7.14
C PRO A 90 6.32 18.11 -7.66
N ARG A 91 7.38 18.86 -7.62
CA ARG A 91 7.31 20.29 -8.09
C ARG A 91 8.29 20.51 -9.25
N ASN A 92 7.93 21.33 -10.20
CA ASN A 92 8.82 21.61 -11.36
C ASN A 92 9.92 22.60 -10.95
N MET A 1 -3.28 8.06 15.05
CA MET A 1 -2.87 7.63 13.69
C MET A 1 -3.88 8.12 12.65
N ASP A 2 -3.59 9.23 12.00
CA ASP A 2 -4.50 9.76 10.95
C ASP A 2 -4.34 8.96 9.65
N VAL A 3 -5.43 8.68 8.97
CA VAL A 3 -5.34 7.95 7.68
C VAL A 3 -6.10 8.72 6.60
N LEU A 4 -5.53 8.84 5.43
CA LEU A 4 -6.22 9.57 4.33
C LEU A 4 -7.20 8.63 3.60
N ALA A 5 -7.04 7.34 3.74
CA ALA A 5 -7.99 6.37 3.13
C ALA A 5 -7.68 4.95 3.63
N LYS A 6 -8.66 4.09 3.67
CA LYS A 6 -8.43 2.71 4.21
C LYS A 6 -9.06 1.68 3.28
N PHE A 7 -8.29 0.71 2.83
CA PHE A 7 -8.84 -0.32 1.90
C PHE A 7 -8.11 -1.66 2.06
N HIS A 8 -8.69 -2.73 1.59
CA HIS A 8 -8.09 -4.08 1.78
C HIS A 8 -7.64 -4.66 0.42
N THR A 9 -6.49 -5.27 0.38
CA THR A 9 -6.01 -5.90 -0.89
C THR A 9 -5.09 -7.09 -0.56
N THR A 10 -4.86 -7.98 -1.50
CA THR A 10 -3.92 -9.11 -1.23
C THR A 10 -2.63 -8.93 -2.05
N VAL A 11 -1.56 -9.55 -1.64
CA VAL A 11 -0.26 -9.37 -2.33
C VAL A 11 -0.20 -10.22 -3.59
N HIS A 12 0.29 -9.66 -4.67
CA HIS A 12 0.51 -10.44 -5.91
C HIS A 12 2.00 -10.54 -6.20
N ARG A 13 2.38 -11.35 -7.17
CA ARG A 13 3.83 -11.59 -7.46
C ARG A 13 4.63 -10.27 -7.52
N ILE A 14 5.91 -10.34 -7.20
CA ILE A 14 6.79 -9.11 -7.11
C ILE A 14 6.33 -8.14 -6.00
N GLY A 15 5.38 -8.52 -5.17
CA GLY A 15 4.93 -7.59 -4.08
C GLY A 15 4.01 -6.51 -4.64
N ARG A 16 3.48 -6.69 -5.83
CA ARG A 16 2.64 -5.61 -6.47
C ARG A 16 1.20 -5.71 -5.96
N ILE A 17 0.56 -4.59 -5.72
CA ILE A 17 -0.88 -4.60 -5.37
C ILE A 17 -1.63 -3.54 -6.17
N ILE A 18 -2.92 -3.71 -6.37
CA ILE A 18 -3.72 -2.66 -7.08
C ILE A 18 -4.80 -2.11 -6.16
N ILE A 19 -4.89 -0.82 -6.04
CA ILE A 19 -5.99 -0.21 -5.22
C ILE A 19 -7.28 -0.19 -6.05
N PRO A 20 -8.41 -0.37 -5.39
CA PRO A 20 -9.72 -0.25 -6.10
C PRO A 20 -9.88 1.17 -6.63
N ALA A 21 -10.46 1.31 -7.78
CA ALA A 21 -10.64 2.68 -8.38
C ALA A 21 -11.44 3.58 -7.42
N GLY A 22 -12.25 2.99 -6.59
CA GLY A 22 -13.09 3.81 -5.64
C GLY A 22 -12.17 4.55 -4.67
N THR A 23 -11.19 3.86 -4.12
CA THR A 23 -10.28 4.52 -3.13
C THR A 23 -9.38 5.54 -3.85
N ARG A 24 -8.97 5.24 -5.07
CA ARG A 24 -8.12 6.23 -5.83
C ARG A 24 -8.86 7.57 -5.94
N LYS A 25 -10.14 7.51 -6.21
CA LYS A 25 -10.93 8.77 -6.40
C LYS A 25 -10.99 9.55 -5.09
N PHE A 26 -11.35 8.89 -4.03
CA PHE A 26 -11.47 9.57 -2.70
C PHE A 26 -10.14 10.24 -2.32
N TYR A 27 -9.05 9.60 -2.64
CA TYR A 27 -7.70 10.15 -2.24
C TYR A 27 -7.15 11.12 -3.31
N GLY A 28 -7.73 11.14 -4.50
CA GLY A 28 -7.25 12.10 -5.54
C GLY A 28 -5.93 11.58 -6.13
N ILE A 29 -5.84 10.30 -6.40
CA ILE A 29 -4.56 9.72 -6.92
C ILE A 29 -4.51 9.82 -8.46
N GLU A 30 -3.46 10.39 -8.97
CA GLU A 30 -3.21 10.36 -10.45
C GLU A 30 -1.80 9.84 -10.72
N GLN A 31 -1.56 9.29 -11.88
CA GLN A 31 -0.20 8.71 -12.18
C GLN A 31 0.90 9.75 -11.96
N GLY A 32 1.99 9.36 -11.36
CA GLY A 32 3.11 10.31 -11.13
C GLY A 32 3.03 10.95 -9.73
N ASP A 33 1.90 10.86 -9.07
CA ASP A 33 1.79 11.42 -7.68
C ASP A 33 2.49 10.49 -6.70
N PHE A 34 2.90 10.99 -5.55
CA PHE A 34 3.50 10.12 -4.51
C PHE A 34 2.57 10.02 -3.32
N VAL A 35 2.40 8.85 -2.77
CA VAL A 35 1.60 8.70 -1.53
C VAL A 35 2.40 7.91 -0.50
N GLU A 36 2.16 8.13 0.77
CA GLU A 36 2.91 7.40 1.84
C GLU A 36 1.92 6.52 2.57
N ILE A 37 2.20 5.24 2.61
CA ILE A 37 1.17 4.28 3.07
C ILE A 37 1.78 3.19 3.97
N LYS A 38 0.97 2.57 4.79
CA LYS A 38 1.47 1.46 5.66
C LYS A 38 0.54 0.26 5.60
N ILE A 39 1.08 -0.93 5.69
CA ILE A 39 0.22 -2.16 5.67
C ILE A 39 0.31 -2.89 7.01
N VAL A 40 -0.74 -3.58 7.37
CA VAL A 40 -0.73 -4.39 8.62
C VAL A 40 -1.40 -5.75 8.37
N LYS A 41 -0.74 -6.82 8.70
CA LYS A 41 -1.35 -8.17 8.59
C LYS A 41 -1.08 -8.96 9.85
N TYR A 42 -2.02 -9.77 10.27
CA TYR A 42 -1.83 -10.57 11.53
C TYR A 42 -1.56 -12.03 11.22
N GLU A 43 -0.52 -12.58 11.78
CA GLU A 43 -0.22 -14.04 11.57
C GLU A 43 0.09 -14.71 12.91
N GLY A 44 -0.53 -15.84 13.17
CA GLY A 44 -0.34 -16.53 14.47
C GLY A 44 -0.76 -15.61 15.63
N GLU A 45 0.09 -15.43 16.60
CA GLU A 45 -0.24 -14.52 17.74
C GLU A 45 0.52 -13.19 17.64
N GLU A 46 1.11 -12.88 16.51
CA GLU A 46 1.90 -11.61 16.39
C GLU A 46 1.50 -10.82 15.12
N PRO A 47 1.08 -9.58 15.28
CA PRO A 47 0.83 -8.71 14.11
C PRO A 47 2.16 -8.23 13.51
N LYS A 48 2.24 -8.14 12.20
CA LYS A 48 3.44 -7.51 11.57
C LYS A 48 3.01 -6.31 10.72
N GLU A 49 3.85 -5.33 10.60
CA GLU A 49 3.49 -4.09 9.84
C GLU A 49 4.66 -3.64 8.95
N GLY A 50 4.39 -2.73 8.05
CA GLY A 50 5.47 -2.18 7.18
C GLY A 50 5.04 -0.83 6.63
N THR A 51 5.92 0.14 6.64
CA THR A 51 5.58 1.49 6.09
C THR A 51 6.57 1.87 4.99
N PHE A 52 6.09 2.43 3.91
CA PHE A 52 7.03 2.91 2.84
C PHE A 52 6.38 4.02 1.99
N THR A 53 7.14 4.63 1.12
CA THR A 53 6.57 5.63 0.17
C THR A 53 6.52 5.03 -1.23
N ALA A 54 5.46 5.29 -1.97
CA ALA A 54 5.32 4.66 -3.32
C ALA A 54 4.72 5.67 -4.31
N ARG A 55 5.13 5.62 -5.55
CA ARG A 55 4.52 6.48 -6.59
C ARG A 55 3.40 5.72 -7.30
N VAL A 56 2.36 6.40 -7.70
CA VAL A 56 1.21 5.73 -8.36
C VAL A 56 1.55 5.44 -9.83
N GLY A 57 1.41 4.21 -10.23
CA GLY A 57 1.69 3.83 -11.64
C GLY A 57 0.38 3.64 -12.41
N GLU A 58 0.46 3.04 -13.57
CA GLU A 58 -0.76 2.83 -14.39
C GLU A 58 -1.75 1.93 -13.65
N GLN A 59 -3.02 2.08 -13.94
CA GLN A 59 -4.08 1.25 -13.26
C GLN A 59 -3.98 1.35 -11.72
N GLY A 60 -3.35 2.38 -11.20
CA GLY A 60 -3.40 2.60 -9.72
C GLY A 60 -2.53 1.57 -8.99
N SER A 61 -1.58 0.97 -9.67
CA SER A 61 -0.75 -0.09 -9.02
C SER A 61 0.34 0.55 -8.16
N VAL A 62 0.71 -0.12 -7.09
CA VAL A 62 1.84 0.36 -6.24
C VAL A 62 2.69 -0.84 -5.79
N ILE A 63 3.98 -0.65 -5.64
CA ILE A 63 4.89 -1.80 -5.30
C ILE A 63 5.37 -1.68 -3.85
N ILE A 64 5.10 -2.69 -3.05
CA ILE A 64 5.67 -2.72 -1.65
C ILE A 64 7.13 -3.19 -1.71
N PRO A 65 7.98 -2.62 -0.87
CA PRO A 65 9.42 -3.01 -0.87
C PRO A 65 9.60 -4.47 -0.45
N LYS A 66 10.36 -5.22 -1.21
CA LYS A 66 10.58 -6.67 -0.88
C LYS A 66 11.12 -6.83 0.55
N ALA A 67 11.91 -5.88 1.00
CA ALA A 67 12.50 -5.97 2.38
C ALA A 67 11.39 -6.06 3.42
N LEU A 68 10.32 -5.34 3.21
CA LEU A 68 9.17 -5.40 4.17
C LEU A 68 8.36 -6.68 3.95
N ARG A 69 8.28 -7.17 2.74
CA ARG A 69 7.52 -8.45 2.48
C ARG A 69 8.11 -9.57 3.33
N ASP A 70 9.42 -9.66 3.34
CA ASP A 70 10.09 -10.80 4.04
C ASP A 70 9.94 -10.66 5.55
N VAL A 71 10.19 -9.48 6.08
CA VAL A 71 10.09 -9.28 7.56
C VAL A 71 8.65 -9.58 8.03
N ILE A 72 7.69 -9.18 7.26
CA ILE A 72 6.26 -9.36 7.67
C ILE A 72 5.76 -10.78 7.37
N GLY A 73 6.45 -11.53 6.54
CA GLY A 73 6.03 -12.94 6.26
C GLY A 73 4.83 -12.95 5.30
N ILE A 74 4.79 -12.03 4.37
CA ILE A 74 3.60 -11.92 3.47
C ILE A 74 3.77 -12.80 2.22
N LYS A 75 2.70 -13.42 1.79
CA LYS A 75 2.78 -14.33 0.60
C LYS A 75 1.68 -14.01 -0.41
N PRO A 76 1.86 -14.42 -1.65
CA PRO A 76 0.82 -14.20 -2.70
C PRO A 76 -0.55 -14.76 -2.26
N GLY A 77 -1.59 -13.99 -2.43
CA GLY A 77 -2.97 -14.49 -2.12
C GLY A 77 -3.37 -14.17 -0.67
N GLU A 78 -2.52 -13.51 0.09
CA GLU A 78 -2.88 -13.16 1.50
C GLU A 78 -3.37 -11.73 1.60
N VAL A 79 -4.46 -11.52 2.30
CA VAL A 79 -5.08 -10.16 2.34
C VAL A 79 -4.55 -9.34 3.53
N ILE A 80 -4.18 -8.12 3.27
CA ILE A 80 -3.74 -7.20 4.37
C ILE A 80 -4.63 -5.94 4.36
N GLU A 81 -4.68 -5.25 5.45
CA GLU A 81 -5.44 -3.96 5.50
C GLU A 81 -4.45 -2.80 5.33
N VAL A 82 -4.76 -1.88 4.46
CA VAL A 82 -3.78 -0.84 4.07
C VAL A 82 -4.28 0.55 4.50
N LEU A 83 -3.44 1.29 5.16
CA LEU A 83 -3.81 2.67 5.60
C LEU A 83 -2.91 3.69 4.89
N LEU A 84 -3.47 4.72 4.31
CA LEU A 84 -2.62 5.82 3.77
C LEU A 84 -2.21 6.76 4.91
N LEU A 85 -0.98 7.22 4.89
CA LEU A 85 -0.48 8.07 6.00
C LEU A 85 -0.30 9.52 5.55
N GLY A 86 0.03 9.73 4.29
CA GLY A 86 0.27 11.13 3.80
C GLY A 86 0.33 11.18 2.29
N HIS A 87 0.53 12.36 1.73
CA HIS A 87 0.61 12.51 0.24
C HIS A 87 1.70 13.53 -0.14
N TYR A 88 2.38 13.33 -1.24
CA TYR A 88 3.45 14.28 -1.66
C TYR A 88 3.27 14.67 -3.12
N LYS A 89 3.45 15.93 -3.44
CA LYS A 89 3.34 16.37 -4.87
C LYS A 89 4.66 16.12 -5.62
N PRO A 90 4.58 16.01 -6.93
CA PRO A 90 5.81 15.77 -7.75
C PRO A 90 6.87 16.86 -7.48
N ARG A 91 8.11 16.49 -7.46
CA ARG A 91 9.20 17.49 -7.19
C ARG A 91 10.27 17.41 -8.27
N ASN A 92 10.80 18.54 -8.67
CA ASN A 92 11.86 18.54 -9.72
C ASN A 92 13.24 18.37 -9.09
N MET A 1 -1.73 10.15 13.97
CA MET A 1 -2.50 8.89 13.77
C MET A 1 -3.67 9.14 12.81
N ASP A 2 -3.44 9.96 11.83
CA ASP A 2 -4.50 10.27 10.82
C ASP A 2 -4.28 9.45 9.55
N VAL A 3 -5.36 9.06 8.90
CA VAL A 3 -5.22 8.28 7.63
C VAL A 3 -6.04 8.96 6.53
N LEU A 4 -5.53 8.99 5.32
CA LEU A 4 -6.24 9.67 4.21
C LEU A 4 -7.24 8.72 3.53
N ALA A 5 -7.09 7.43 3.73
CA ALA A 5 -8.07 6.45 3.16
C ALA A 5 -7.78 5.05 3.70
N LYS A 6 -8.75 4.19 3.71
CA LYS A 6 -8.54 2.79 4.21
C LYS A 6 -9.16 1.78 3.24
N PHE A 7 -8.39 0.82 2.81
CA PHE A 7 -8.93 -0.22 1.86
C PHE A 7 -8.23 -1.56 2.05
N HIS A 8 -8.82 -2.63 1.58
CA HIS A 8 -8.24 -3.99 1.78
C HIS A 8 -7.76 -4.56 0.45
N THR A 9 -6.60 -5.19 0.44
CA THR A 9 -6.08 -5.82 -0.80
C THR A 9 -5.19 -7.01 -0.45
N THR A 10 -4.93 -7.90 -1.38
CA THR A 10 -3.99 -9.03 -1.10
C THR A 10 -2.71 -8.87 -1.93
N VAL A 11 -1.64 -9.50 -1.51
CA VAL A 11 -0.34 -9.33 -2.23
C VAL A 11 -0.33 -10.16 -3.52
N HIS A 12 0.19 -9.60 -4.57
CA HIS A 12 0.34 -10.36 -5.84
C HIS A 12 1.82 -10.48 -6.20
N ARG A 13 2.13 -11.26 -7.19
CA ARG A 13 3.57 -11.52 -7.56
C ARG A 13 4.40 -10.23 -7.62
N ILE A 14 5.69 -10.35 -7.38
CA ILE A 14 6.60 -9.14 -7.29
C ILE A 14 6.24 -8.20 -6.12
N GLY A 15 5.31 -8.57 -5.26
CA GLY A 15 4.96 -7.69 -4.11
C GLY A 15 4.05 -6.54 -4.58
N ARG A 16 3.46 -6.66 -5.76
CA ARG A 16 2.61 -5.55 -6.30
C ARG A 16 1.19 -5.67 -5.77
N ILE A 17 0.53 -4.56 -5.54
CA ILE A 17 -0.92 -4.58 -5.19
C ILE A 17 -1.66 -3.52 -6.03
N ILE A 18 -2.93 -3.72 -6.27
CA ILE A 18 -3.72 -2.68 -7.00
C ILE A 18 -4.82 -2.11 -6.10
N ILE A 19 -4.89 -0.81 -6.00
CA ILE A 19 -5.99 -0.19 -5.21
C ILE A 19 -7.28 -0.15 -6.06
N PRO A 20 -8.42 -0.32 -5.42
CA PRO A 20 -9.70 -0.18 -6.16
C PRO A 20 -9.85 1.24 -6.67
N ALA A 21 -10.41 1.39 -7.85
CA ALA A 21 -10.55 2.77 -8.44
C ALA A 21 -11.36 3.67 -7.50
N GLY A 22 -12.22 3.09 -6.68
CA GLY A 22 -13.04 3.92 -5.75
C GLY A 22 -12.12 4.62 -4.73
N THR A 23 -11.17 3.91 -4.19
CA THR A 23 -10.25 4.54 -3.18
C THR A 23 -9.33 5.56 -3.87
N ARG A 24 -8.88 5.26 -5.07
CA ARG A 24 -8.04 6.26 -5.82
C ARG A 24 -8.81 7.58 -5.96
N LYS A 25 -10.08 7.48 -6.23
CA LYS A 25 -10.91 8.71 -6.46
C LYS A 25 -11.01 9.52 -5.17
N PHE A 26 -11.35 8.87 -4.09
CA PHE A 26 -11.45 9.59 -2.77
C PHE A 26 -10.12 10.27 -2.41
N TYR A 27 -9.03 9.62 -2.73
CA TYR A 27 -7.68 10.17 -2.33
C TYR A 27 -7.14 11.12 -3.42
N GLY A 28 -7.71 11.11 -4.61
CA GLY A 28 -7.24 12.05 -5.68
C GLY A 28 -5.92 11.55 -6.26
N ILE A 29 -5.81 10.26 -6.48
CA ILE A 29 -4.50 9.69 -6.99
C ILE A 29 -4.45 9.72 -8.51
N GLU A 30 -3.37 10.26 -9.04
CA GLU A 30 -3.13 10.16 -10.51
C GLU A 30 -1.71 9.63 -10.74
N GLN A 31 -1.44 9.09 -11.91
CA GLN A 31 -0.07 8.53 -12.17
C GLN A 31 0.99 9.61 -11.97
N GLY A 32 2.11 9.24 -11.40
CA GLY A 32 3.21 10.22 -11.18
C GLY A 32 3.12 10.85 -9.78
N ASP A 33 1.98 10.74 -9.11
CA ASP A 33 1.88 11.30 -7.73
C ASP A 33 2.58 10.39 -6.72
N PHE A 34 2.97 10.92 -5.59
CA PHE A 34 3.56 10.06 -4.52
C PHE A 34 2.60 9.98 -3.34
N VAL A 35 2.45 8.81 -2.77
CA VAL A 35 1.63 8.69 -1.52
C VAL A 35 2.42 7.90 -0.48
N GLU A 36 2.13 8.12 0.78
CA GLU A 36 2.86 7.39 1.86
C GLU A 36 1.87 6.52 2.61
N ILE A 37 2.15 5.24 2.68
CA ILE A 37 1.09 4.30 3.15
C ILE A 37 1.68 3.21 4.05
N LYS A 38 0.86 2.61 4.87
CA LYS A 38 1.34 1.51 5.76
C LYS A 38 0.39 0.31 5.69
N ILE A 39 0.92 -0.88 5.80
CA ILE A 39 0.05 -2.11 5.78
C ILE A 39 0.10 -2.83 7.13
N VAL A 40 -0.96 -3.50 7.48
CA VAL A 40 -0.96 -4.30 8.73
C VAL A 40 -1.65 -5.65 8.49
N LYS A 41 -0.97 -6.73 8.79
CA LYS A 41 -1.60 -8.08 8.67
C LYS A 41 -1.27 -8.89 9.92
N TYR A 42 -2.18 -9.75 10.32
CA TYR A 42 -1.92 -10.59 11.54
C TYR A 42 -1.51 -12.00 11.14
N GLU A 43 -0.41 -12.48 11.66
CA GLU A 43 0.03 -13.88 11.33
C GLU A 43 0.50 -14.59 12.60
N GLY A 44 0.14 -15.84 12.76
CA GLY A 44 0.53 -16.60 13.99
C GLY A 44 -0.03 -15.90 15.24
N GLU A 45 0.81 -15.64 16.20
CA GLU A 45 0.35 -14.91 17.43
C GLU A 45 0.83 -13.44 17.44
N GLU A 46 1.42 -12.96 16.37
CA GLU A 46 1.94 -11.56 16.36
C GLU A 46 1.49 -10.80 15.10
N PRO A 47 1.16 -9.52 15.25
CA PRO A 47 0.87 -8.69 14.06
C PRO A 47 2.16 -8.33 13.33
N LYS A 48 2.14 -8.36 12.02
CA LYS A 48 3.31 -7.86 11.23
C LYS A 48 2.91 -6.58 10.49
N GLU A 49 3.78 -5.60 10.47
CA GLU A 49 3.42 -4.29 9.83
C GLU A 49 4.56 -3.77 8.96
N GLY A 50 4.27 -2.82 8.11
CA GLY A 50 5.33 -2.23 7.24
C GLY A 50 4.88 -0.85 6.75
N THR A 51 5.78 0.11 6.78
CA THR A 51 5.43 1.46 6.23
C THR A 51 6.45 1.86 5.16
N PHE A 52 5.98 2.43 4.06
CA PHE A 52 6.94 2.91 3.01
C PHE A 52 6.30 4.01 2.15
N THR A 53 7.08 4.62 1.29
CA THR A 53 6.52 5.60 0.32
C THR A 53 6.50 4.99 -1.07
N ALA A 54 5.46 5.24 -1.83
CA ALA A 54 5.32 4.58 -3.17
C ALA A 54 4.75 5.56 -4.20
N ARG A 55 5.18 5.44 -5.43
CA ARG A 55 4.60 6.28 -6.51
C ARG A 55 3.46 5.55 -7.19
N VAL A 56 2.45 6.26 -7.61
CA VAL A 56 1.29 5.60 -8.29
C VAL A 56 1.64 5.30 -9.75
N GLY A 57 1.49 4.06 -10.14
CA GLY A 57 1.80 3.66 -11.54
C GLY A 57 0.50 3.52 -12.33
N GLU A 58 0.60 2.92 -13.49
CA GLU A 58 -0.63 2.72 -14.34
C GLU A 58 -1.65 1.86 -13.60
N GLN A 59 -2.91 2.04 -13.91
CA GLN A 59 -4.00 1.24 -13.24
C GLN A 59 -3.91 1.31 -11.71
N GLY A 60 -3.26 2.33 -11.17
CA GLY A 60 -3.32 2.54 -9.69
C GLY A 60 -2.47 1.50 -8.94
N SER A 61 -1.53 0.88 -9.63
CA SER A 61 -0.70 -0.18 -8.96
C SER A 61 0.38 0.46 -8.09
N VAL A 62 0.72 -0.18 -7.01
CA VAL A 62 1.84 0.32 -6.15
C VAL A 62 2.68 -0.87 -5.67
N ILE A 63 3.98 -0.68 -5.52
CA ILE A 63 4.87 -1.83 -5.15
C ILE A 63 5.39 -1.68 -3.72
N ILE A 64 5.15 -2.67 -2.90
CA ILE A 64 5.75 -2.68 -1.52
C ILE A 64 7.22 -3.12 -1.62
N PRO A 65 8.08 -2.55 -0.79
CA PRO A 65 9.53 -2.92 -0.84
C PRO A 65 9.74 -4.38 -0.44
N LYS A 66 10.55 -5.09 -1.17
CA LYS A 66 10.81 -6.55 -0.86
C LYS A 66 11.28 -6.71 0.59
N ALA A 67 12.03 -5.75 1.08
CA ALA A 67 12.56 -5.84 2.48
C ALA A 67 11.40 -5.97 3.48
N LEU A 68 10.32 -5.25 3.24
CA LEU A 68 9.15 -5.34 4.15
C LEU A 68 8.37 -6.62 3.91
N ARG A 69 8.32 -7.11 2.69
CA ARG A 69 7.59 -8.40 2.40
C ARG A 69 8.18 -9.52 3.26
N ASP A 70 9.48 -9.60 3.30
CA ASP A 70 10.16 -10.73 4.02
C ASP A 70 9.98 -10.58 5.53
N VAL A 71 10.21 -9.40 6.05
CA VAL A 71 10.09 -9.20 7.52
C VAL A 71 8.65 -9.52 7.98
N ILE A 72 7.69 -9.15 7.19
CA ILE A 72 6.26 -9.34 7.58
C ILE A 72 5.79 -10.78 7.27
N GLY A 73 6.51 -11.51 6.43
CA GLY A 73 6.16 -12.94 6.17
C GLY A 73 4.95 -13.01 5.24
N ILE A 74 4.86 -12.10 4.31
CA ILE A 74 3.63 -12.01 3.44
C ILE A 74 3.82 -12.83 2.16
N LYS A 75 2.78 -13.47 1.70
CA LYS A 75 2.86 -14.27 0.43
C LYS A 75 1.67 -13.96 -0.50
N PRO A 76 1.80 -14.31 -1.77
CA PRO A 76 0.68 -14.08 -2.73
C PRO A 76 -0.66 -14.65 -2.22
N GLY A 77 -1.72 -13.90 -2.35
CA GLY A 77 -3.07 -14.43 -1.98
C GLY A 77 -3.44 -14.08 -0.53
N GLU A 78 -2.56 -13.43 0.21
CA GLU A 78 -2.87 -13.08 1.63
C GLU A 78 -3.40 -11.65 1.73
N VAL A 79 -4.51 -11.47 2.41
CA VAL A 79 -5.16 -10.13 2.44
C VAL A 79 -4.69 -9.30 3.63
N ILE A 80 -4.37 -8.05 3.39
CA ILE A 80 -3.96 -7.12 4.47
C ILE A 80 -4.85 -5.87 4.45
N GLU A 81 -4.91 -5.17 5.55
CA GLU A 81 -5.62 -3.86 5.57
C GLU A 81 -4.62 -2.73 5.39
N VAL A 82 -4.92 -1.81 4.51
CA VAL A 82 -3.91 -0.77 4.13
C VAL A 82 -4.41 0.62 4.53
N LEU A 83 -3.57 1.36 5.21
CA LEU A 83 -3.94 2.75 5.63
C LEU A 83 -3.03 3.75 4.93
N LEU A 84 -3.58 4.77 4.32
CA LEU A 84 -2.72 5.86 3.76
C LEU A 84 -2.30 6.82 4.88
N LEU A 85 -1.07 7.24 4.87
CA LEU A 85 -0.54 8.11 5.97
C LEU A 85 -0.40 9.55 5.51
N GLY A 86 -0.03 9.77 4.26
CA GLY A 86 0.20 11.17 3.78
C GLY A 86 0.36 11.20 2.26
N HIS A 87 0.64 12.36 1.71
CA HIS A 87 0.77 12.49 0.22
C HIS A 87 1.89 13.48 -0.15
N TYR A 88 2.49 13.31 -1.31
CA TYR A 88 3.52 14.27 -1.79
C TYR A 88 3.28 14.61 -3.26
N LYS A 89 3.44 15.86 -3.62
CA LYS A 89 3.21 16.28 -5.04
C LYS A 89 4.57 16.45 -5.77
N PRO A 90 4.67 15.92 -6.98
CA PRO A 90 5.94 16.07 -7.76
C PRO A 90 6.33 17.55 -7.92
N ARG A 91 7.61 17.81 -8.02
CA ARG A 91 8.06 19.23 -8.19
C ARG A 91 8.84 19.38 -9.51
N ASN A 92 8.65 20.49 -10.18
CA ASN A 92 9.36 20.72 -11.48
C ASN A 92 9.54 22.21 -11.73
N MET A 1 -3.18 6.35 14.05
CA MET A 1 -2.87 7.74 13.63
C MET A 1 -3.90 8.22 12.60
N ASP A 2 -3.65 9.36 11.99
CA ASP A 2 -4.58 9.88 10.95
C ASP A 2 -4.44 9.07 9.66
N VAL A 3 -5.53 8.83 8.98
CA VAL A 3 -5.47 8.09 7.69
C VAL A 3 -6.19 8.88 6.60
N LEU A 4 -5.63 8.97 5.43
CA LEU A 4 -6.29 9.69 4.31
C LEU A 4 -7.27 8.75 3.58
N ALA A 5 -7.12 7.46 3.74
CA ALA A 5 -8.08 6.47 3.14
C ALA A 5 -7.73 5.07 3.61
N LYS A 6 -8.71 4.20 3.69
CA LYS A 6 -8.43 2.81 4.20
C LYS A 6 -9.12 1.78 3.30
N PHE A 7 -8.37 0.81 2.83
CA PHE A 7 -8.95 -0.22 1.91
C PHE A 7 -8.23 -1.57 2.06
N HIS A 8 -8.83 -2.63 1.58
CA HIS A 8 -8.23 -3.98 1.77
C HIS A 8 -7.78 -4.54 0.41
N THR A 9 -6.62 -5.16 0.38
CA THR A 9 -6.12 -5.80 -0.88
C THR A 9 -5.22 -6.98 -0.53
N THR A 10 -4.98 -7.87 -1.47
CA THR A 10 -4.05 -9.02 -1.18
C THR A 10 -2.74 -8.86 -1.97
N VAL A 11 -1.70 -9.51 -1.54
CA VAL A 11 -0.37 -9.35 -2.21
C VAL A 11 -0.33 -10.19 -3.49
N HIS A 12 0.19 -9.62 -4.54
CA HIS A 12 0.38 -10.38 -5.82
C HIS A 12 1.86 -10.49 -6.13
N ARG A 13 2.20 -11.27 -7.13
CA ARG A 13 3.64 -11.52 -7.47
C ARG A 13 4.47 -10.22 -7.50
N ILE A 14 5.75 -10.32 -7.24
CA ILE A 14 6.65 -9.10 -7.14
C ILE A 14 6.25 -8.17 -5.98
N GLY A 15 5.32 -8.55 -5.14
CA GLY A 15 4.93 -7.66 -3.99
C GLY A 15 4.02 -6.52 -4.49
N ARG A 16 3.46 -6.64 -5.67
CA ARG A 16 2.62 -5.55 -6.23
C ARG A 16 1.18 -5.66 -5.72
N ILE A 17 0.53 -4.56 -5.48
CA ILE A 17 -0.92 -4.58 -5.14
C ILE A 17 -1.66 -3.53 -5.97
N ILE A 18 -2.94 -3.72 -6.20
CA ILE A 18 -3.73 -2.69 -6.94
C ILE A 18 -4.82 -2.11 -6.04
N ILE A 19 -4.90 -0.81 -5.96
CA ILE A 19 -6.00 -0.18 -5.16
C ILE A 19 -7.29 -0.18 -6.00
N PRO A 20 -8.43 -0.33 -5.35
CA PRO A 20 -9.72 -0.23 -6.07
C PRO A 20 -9.89 1.18 -6.63
N ALA A 21 -10.46 1.30 -7.80
CA ALA A 21 -10.63 2.65 -8.42
C ALA A 21 -11.42 3.58 -7.49
N GLY A 22 -12.25 3.02 -6.63
CA GLY A 22 -13.07 3.85 -5.71
C GLY A 22 -12.16 4.61 -4.75
N THR A 23 -11.18 3.92 -4.18
CA THR A 23 -10.26 4.60 -3.22
C THR A 23 -9.37 5.60 -3.95
N ARG A 24 -8.95 5.28 -5.16
CA ARG A 24 -8.10 6.24 -5.95
C ARG A 24 -8.83 7.58 -6.09
N LYS A 25 -10.11 7.52 -6.36
CA LYS A 25 -10.89 8.78 -6.58
C LYS A 25 -10.97 9.59 -5.29
N PHE A 26 -11.36 8.95 -4.22
CA PHE A 26 -11.49 9.68 -2.90
C PHE A 26 -10.16 10.33 -2.52
N TYR A 27 -9.06 9.67 -2.79
CA TYR A 27 -7.72 10.20 -2.38
C TYR A 27 -7.15 11.14 -3.46
N GLY A 28 -7.70 11.14 -4.66
CA GLY A 28 -7.20 12.08 -5.71
C GLY A 28 -5.87 11.56 -6.27
N ILE A 29 -5.76 10.27 -6.50
CA ILE A 29 -4.46 9.69 -6.97
C ILE A 29 -4.40 9.70 -8.50
N GLU A 30 -3.33 10.25 -9.04
CA GLU A 30 -3.09 10.15 -10.51
C GLU A 30 -1.67 9.62 -10.74
N GLN A 31 -1.40 9.08 -11.90
CA GLN A 31 -0.04 8.50 -12.16
C GLN A 31 1.05 9.57 -11.95
N GLY A 32 2.14 9.18 -11.36
CA GLY A 32 3.27 10.13 -11.13
C GLY A 32 3.17 10.79 -9.74
N ASP A 33 2.03 10.72 -9.09
CA ASP A 33 1.90 11.31 -7.72
C ASP A 33 2.59 10.40 -6.69
N PHE A 34 2.96 10.93 -5.55
CA PHE A 34 3.54 10.08 -4.48
C PHE A 34 2.57 10.00 -3.31
N VAL A 35 2.41 8.84 -2.74
CA VAL A 35 1.59 8.70 -1.50
C VAL A 35 2.38 7.93 -0.45
N GLU A 36 2.11 8.14 0.81
CA GLU A 36 2.84 7.43 1.89
C GLU A 36 1.85 6.55 2.62
N ILE A 37 2.12 5.26 2.67
CA ILE A 37 1.08 4.31 3.13
C ILE A 37 1.68 3.22 4.02
N LYS A 38 0.86 2.59 4.83
CA LYS A 38 1.36 1.47 5.69
C LYS A 38 0.42 0.27 5.59
N ILE A 39 0.96 -0.93 5.66
CA ILE A 39 0.09 -2.14 5.64
C ILE A 39 0.18 -2.88 6.97
N VAL A 40 -0.87 -3.56 7.34
CA VAL A 40 -0.85 -4.36 8.60
C VAL A 40 -1.57 -5.70 8.38
N LYS A 41 -0.89 -6.79 8.65
CA LYS A 41 -1.52 -8.13 8.53
C LYS A 41 -1.14 -8.98 9.74
N TYR A 42 -2.02 -9.85 10.15
CA TYR A 42 -1.75 -10.68 11.37
C TYR A 42 -1.30 -12.09 10.97
N GLU A 43 -0.20 -12.54 11.51
CA GLU A 43 0.28 -13.93 11.20
C GLU A 43 0.72 -14.63 12.49
N GLY A 44 0.35 -15.88 12.64
CA GLY A 44 0.71 -16.64 13.88
C GLY A 44 0.10 -15.93 15.10
N GLU A 45 0.92 -15.67 16.10
CA GLU A 45 0.41 -14.95 17.32
C GLU A 45 0.87 -13.48 17.35
N GLU A 46 1.48 -12.98 16.28
CA GLU A 46 1.98 -11.57 16.30
C GLU A 46 1.53 -10.81 15.03
N PRO A 47 1.19 -9.54 15.19
CA PRO A 47 0.88 -8.70 14.00
C PRO A 47 2.17 -8.32 13.28
N LYS A 48 2.18 -8.37 11.97
CA LYS A 48 3.33 -7.87 11.18
C LYS A 48 2.94 -6.60 10.43
N GLU A 49 3.80 -5.61 10.41
CA GLU A 49 3.44 -4.30 9.77
C GLU A 49 4.58 -3.79 8.90
N GLY A 50 4.30 -2.84 8.03
CA GLY A 50 5.36 -2.24 7.19
C GLY A 50 4.89 -0.87 6.69
N THR A 51 5.75 0.12 6.74
CA THR A 51 5.37 1.47 6.22
C THR A 51 6.41 1.92 5.18
N PHE A 52 5.95 2.49 4.07
CA PHE A 52 6.91 2.98 3.04
C PHE A 52 6.28 4.08 2.18
N THR A 53 7.06 4.69 1.32
CA THR A 53 6.50 5.67 0.34
C THR A 53 6.50 5.06 -1.06
N ALA A 54 5.47 5.31 -1.83
CA ALA A 54 5.36 4.66 -3.17
C ALA A 54 4.77 5.64 -4.19
N ARG A 55 5.21 5.54 -5.43
CA ARG A 55 4.62 6.40 -6.50
C ARG A 55 3.50 5.62 -7.21
N VAL A 56 2.48 6.31 -7.64
CA VAL A 56 1.32 5.63 -8.30
C VAL A 56 1.69 5.29 -9.75
N GLY A 57 1.52 4.05 -10.12
CA GLY A 57 1.82 3.63 -11.52
C GLY A 57 0.53 3.47 -12.31
N GLU A 58 0.61 2.87 -13.46
CA GLU A 58 -0.61 2.67 -14.31
C GLU A 58 -1.62 1.79 -13.58
N GLN A 59 -2.88 1.95 -13.90
CA GLN A 59 -3.96 1.14 -13.24
C GLN A 59 -3.90 1.24 -11.70
N GLY A 60 -3.27 2.27 -11.17
CA GLY A 60 -3.35 2.50 -9.69
C GLY A 60 -2.49 1.48 -8.93
N SER A 61 -1.54 0.85 -9.58
CA SER A 61 -0.71 -0.19 -8.91
C SER A 61 0.35 0.47 -8.02
N VAL A 62 0.70 -0.15 -6.93
CA VAL A 62 1.81 0.35 -6.07
C VAL A 62 2.65 -0.83 -5.58
N ILE A 63 3.95 -0.63 -5.43
CA ILE A 63 4.85 -1.78 -5.07
C ILE A 63 5.37 -1.64 -3.64
N ILE A 64 5.14 -2.64 -2.82
CA ILE A 64 5.75 -2.66 -1.45
C ILE A 64 7.22 -3.09 -1.56
N PRO A 65 8.08 -2.51 -0.72
CA PRO A 65 9.53 -2.87 -0.77
C PRO A 65 9.74 -4.34 -0.41
N LYS A 66 10.56 -5.04 -1.16
CA LYS A 66 10.83 -6.49 -0.87
C LYS A 66 11.29 -6.68 0.58
N ALA A 67 12.05 -5.74 1.09
CA ALA A 67 12.58 -5.86 2.49
C ALA A 67 11.43 -6.00 3.48
N LEU A 68 10.35 -5.29 3.25
CA LEU A 68 9.17 -5.38 4.18
C LEU A 68 8.38 -6.66 3.92
N ARG A 69 8.33 -7.13 2.68
CA ARG A 69 7.58 -8.41 2.40
C ARG A 69 8.17 -9.55 3.23
N ASP A 70 9.47 -9.65 3.26
CA ASP A 70 10.13 -10.79 3.97
C ASP A 70 9.98 -10.63 5.48
N VAL A 71 10.24 -9.46 6.00
CA VAL A 71 10.15 -9.24 7.49
C VAL A 71 8.71 -9.52 7.96
N ILE A 72 7.74 -9.12 7.17
CA ILE A 72 6.32 -9.28 7.60
C ILE A 72 5.82 -10.71 7.32
N GLY A 73 6.49 -11.46 6.48
CA GLY A 73 6.09 -12.88 6.25
C GLY A 73 4.85 -12.94 5.35
N ILE A 74 4.76 -12.04 4.40
CA ILE A 74 3.51 -11.94 3.57
C ILE A 74 3.62 -12.83 2.33
N LYS A 75 2.53 -13.46 1.95
CA LYS A 75 2.54 -14.39 0.78
C LYS A 75 1.44 -14.01 -0.23
N PRO A 76 1.62 -14.40 -1.48
CA PRO A 76 0.59 -14.12 -2.52
C PRO A 76 -0.77 -14.68 -2.11
N GLY A 77 -1.83 -13.92 -2.29
CA GLY A 77 -3.20 -14.41 -2.00
C GLY A 77 -3.62 -14.07 -0.55
N GLU A 78 -2.76 -13.44 0.22
CA GLU A 78 -3.14 -13.08 1.62
C GLU A 78 -3.63 -11.63 1.68
N VAL A 79 -4.75 -11.40 2.33
CA VAL A 79 -5.35 -10.04 2.33
C VAL A 79 -4.86 -9.22 3.53
N ILE A 80 -4.42 -8.02 3.28
CA ILE A 80 -3.95 -7.12 4.36
C ILE A 80 -4.82 -5.85 4.39
N GLU A 81 -4.83 -5.16 5.48
CA GLU A 81 -5.55 -3.85 5.56
C GLU A 81 -4.56 -2.72 5.35
N VAL A 82 -4.87 -1.81 4.46
CA VAL A 82 -3.88 -0.77 4.06
C VAL A 82 -4.37 0.61 4.48
N LEU A 83 -3.53 1.34 5.18
CA LEU A 83 -3.90 2.71 5.63
C LEU A 83 -3.00 3.74 4.95
N LEU A 84 -3.57 4.76 4.36
CA LEU A 84 -2.71 5.87 3.82
C LEU A 84 -2.31 6.81 4.95
N LEU A 85 -1.09 7.28 4.93
CA LEU A 85 -0.59 8.14 6.05
C LEU A 85 -0.38 9.58 5.58
N GLY A 86 -0.02 9.77 4.33
CA GLY A 86 0.25 11.17 3.84
C GLY A 86 0.36 11.20 2.31
N HIS A 87 0.67 12.36 1.76
CA HIS A 87 0.76 12.49 0.27
C HIS A 87 1.86 13.49 -0.13
N TYR A 88 2.44 13.33 -1.29
CA TYR A 88 3.45 14.31 -1.78
C TYR A 88 3.21 14.63 -3.26
N LYS A 89 3.37 15.86 -3.65
CA LYS A 89 3.16 16.24 -5.08
C LYS A 89 4.51 16.62 -5.74
N PRO A 90 4.61 16.41 -7.04
CA PRO A 90 5.87 16.74 -7.77
C PRO A 90 6.24 18.22 -7.57
N ARG A 91 7.51 18.50 -7.47
CA ARG A 91 7.96 19.91 -7.29
C ARG A 91 8.97 20.30 -8.38
N ASN A 92 8.97 21.55 -8.78
CA ASN A 92 9.92 22.00 -9.85
C ASN A 92 10.20 23.50 -9.71
N MET A 1 -3.86 6.52 14.40
CA MET A 1 -3.31 7.76 13.78
C MET A 1 -4.24 8.26 12.67
N ASP A 2 -3.83 9.30 11.98
CA ASP A 2 -4.67 9.84 10.87
C ASP A 2 -4.48 9.02 9.60
N VAL A 3 -5.54 8.74 8.89
CA VAL A 3 -5.43 7.98 7.62
C VAL A 3 -6.15 8.74 6.49
N LEU A 4 -5.54 8.86 5.35
CA LEU A 4 -6.18 9.58 4.22
C LEU A 4 -7.18 8.67 3.49
N ALA A 5 -7.03 7.37 3.63
CA ALA A 5 -8.01 6.41 3.03
C ALA A 5 -7.71 5.00 3.54
N LYS A 6 -8.70 4.14 3.55
CA LYS A 6 -8.51 2.76 4.10
C LYS A 6 -9.13 1.72 3.16
N PHE A 7 -8.35 0.75 2.74
CA PHE A 7 -8.90 -0.31 1.82
C PHE A 7 -8.17 -1.64 2.02
N HIS A 8 -8.75 -2.71 1.55
CA HIS A 8 -8.13 -4.07 1.75
C HIS A 8 -7.68 -4.65 0.40
N THR A 9 -6.54 -5.27 0.37
CA THR A 9 -6.04 -5.91 -0.89
C THR A 9 -5.14 -7.09 -0.54
N THR A 10 -4.90 -7.99 -1.49
CA THR A 10 -3.97 -9.13 -1.22
C THR A 10 -2.67 -8.95 -2.02
N VAL A 11 -1.61 -9.58 -1.58
CA VAL A 11 -0.29 -9.41 -2.27
C VAL A 11 -0.23 -10.26 -3.53
N HIS A 12 0.26 -9.69 -4.60
CA HIS A 12 0.48 -10.47 -5.86
C HIS A 12 1.98 -10.57 -6.14
N ARG A 13 2.34 -11.37 -7.12
CA ARG A 13 3.79 -11.60 -7.43
C ARG A 13 4.60 -10.28 -7.48
N ILE A 14 5.87 -10.36 -7.19
CA ILE A 14 6.76 -9.13 -7.10
C ILE A 14 6.31 -8.15 -5.99
N GLY A 15 5.36 -8.52 -5.15
CA GLY A 15 4.93 -7.60 -4.05
C GLY A 15 4.01 -6.51 -4.61
N ARG A 16 3.47 -6.70 -5.79
CA ARG A 16 2.62 -5.64 -6.42
C ARG A 16 1.18 -5.74 -5.91
N ILE A 17 0.54 -4.62 -5.68
CA ILE A 17 -0.92 -4.62 -5.34
C ILE A 17 -1.64 -3.56 -6.18
N ILE A 18 -2.91 -3.74 -6.41
CA ILE A 18 -3.70 -2.69 -7.15
C ILE A 18 -4.81 -2.14 -6.25
N ILE A 19 -4.88 -0.84 -6.13
CA ILE A 19 -5.99 -0.23 -5.33
C ILE A 19 -7.26 -0.18 -6.18
N PRO A 20 -8.41 -0.39 -5.56
CA PRO A 20 -9.69 -0.24 -6.31
C PRO A 20 -9.85 1.20 -6.77
N ALA A 21 -10.40 1.40 -7.94
CA ALA A 21 -10.57 2.79 -8.48
C ALA A 21 -11.37 3.66 -7.51
N GLY A 22 -12.22 3.05 -6.71
CA GLY A 22 -13.05 3.83 -5.74
C GLY A 22 -12.13 4.50 -4.71
N THR A 23 -11.17 3.78 -4.19
CA THR A 23 -10.25 4.38 -3.16
C THR A 23 -9.35 5.42 -3.81
N ARG A 24 -8.89 5.17 -5.03
CA ARG A 24 -8.04 6.20 -5.75
C ARG A 24 -8.83 7.52 -5.83
N LYS A 25 -10.10 7.42 -6.10
CA LYS A 25 -10.94 8.64 -6.26
C LYS A 25 -11.02 9.41 -4.94
N PHE A 26 -11.33 8.73 -3.86
CA PHE A 26 -11.43 9.38 -2.52
C PHE A 26 -10.11 10.09 -2.17
N TYR A 27 -9.01 9.49 -2.50
CA TYR A 27 -7.68 10.07 -2.12
C TYR A 27 -7.17 11.05 -3.20
N GLY A 28 -7.77 11.04 -4.39
CA GLY A 28 -7.33 12.00 -5.45
C GLY A 28 -6.01 11.53 -6.05
N ILE A 29 -5.88 10.24 -6.31
CA ILE A 29 -4.59 9.70 -6.85
C ILE A 29 -4.55 9.80 -8.38
N GLU A 30 -3.49 10.35 -8.90
CA GLU A 30 -3.26 10.31 -10.37
C GLU A 30 -1.85 9.79 -10.65
N GLN A 31 -1.60 9.29 -11.84
CA GLN A 31 -0.23 8.74 -12.14
C GLN A 31 0.84 9.81 -11.94
N GLY A 32 1.96 9.44 -11.35
CA GLY A 32 3.06 10.41 -11.13
C GLY A 32 2.99 11.01 -9.72
N ASP A 33 1.87 10.88 -9.03
CA ASP A 33 1.78 11.40 -7.64
C ASP A 33 2.50 10.46 -6.67
N PHE A 34 2.95 10.97 -5.54
CA PHE A 34 3.55 10.08 -4.51
C PHE A 34 2.62 10.01 -3.30
N VAL A 35 2.46 8.85 -2.74
CA VAL A 35 1.66 8.72 -1.49
C VAL A 35 2.44 7.92 -0.46
N GLU A 36 2.18 8.13 0.81
CA GLU A 36 2.90 7.38 1.87
C GLU A 36 1.91 6.50 2.60
N ILE A 37 2.16 5.21 2.63
CA ILE A 37 1.10 4.27 3.07
C ILE A 37 1.70 3.16 3.95
N LYS A 38 0.88 2.53 4.75
CA LYS A 38 1.37 1.42 5.62
C LYS A 38 0.45 0.22 5.52
N ILE A 39 1.00 -0.97 5.62
CA ILE A 39 0.15 -2.21 5.59
C ILE A 39 0.22 -2.92 6.93
N VAL A 40 -0.84 -3.59 7.31
CA VAL A 40 -0.86 -4.35 8.58
C VAL A 40 -1.58 -5.69 8.39
N LYS A 41 -0.93 -6.77 8.70
CA LYS A 41 -1.57 -8.11 8.62
C LYS A 41 -1.28 -8.88 9.91
N TYR A 42 -2.19 -9.72 10.33
CA TYR A 42 -1.95 -10.51 11.59
C TYR A 42 -1.55 -11.94 11.24
N GLU A 43 -0.46 -12.41 11.82
CA GLU A 43 -0.02 -13.82 11.56
C GLU A 43 0.35 -14.50 12.86
N GLY A 44 -0.12 -15.71 13.07
CA GLY A 44 0.16 -16.44 14.34
C GLY A 44 -0.39 -15.64 15.52
N GLU A 45 0.43 -15.39 16.52
CA GLU A 45 -0.01 -14.58 17.69
C GLU A 45 0.58 -13.16 17.66
N GLU A 46 1.23 -12.77 16.57
CA GLU A 46 1.84 -11.40 16.51
C GLU A 46 1.46 -10.69 15.20
N PRO A 47 1.15 -9.40 15.28
CA PRO A 47 0.87 -8.62 14.04
C PRO A 47 2.17 -8.32 13.30
N LYS A 48 2.13 -8.36 11.98
CA LYS A 48 3.30 -7.92 11.17
C LYS A 48 2.96 -6.62 10.42
N GLU A 49 3.87 -5.69 10.42
CA GLU A 49 3.56 -4.33 9.91
C GLU A 49 4.67 -3.85 8.95
N GLY A 50 4.35 -2.93 8.07
CA GLY A 50 5.38 -2.33 7.18
C GLY A 50 4.91 -0.97 6.68
N THR A 51 5.78 0.00 6.68
CA THR A 51 5.41 1.35 6.15
C THR A 51 6.42 1.80 5.10
N PHE A 52 5.97 2.38 4.01
CA PHE A 52 6.92 2.86 2.97
C PHE A 52 6.30 3.99 2.12
N THR A 53 7.08 4.58 1.25
CA THR A 53 6.52 5.57 0.28
C THR A 53 6.47 4.96 -1.12
N ALA A 54 5.44 5.23 -1.87
CA ALA A 54 5.30 4.60 -3.21
C ALA A 54 4.70 5.58 -4.21
N ARG A 55 5.12 5.49 -5.46
CA ARG A 55 4.53 6.36 -6.51
C ARG A 55 3.38 5.62 -7.21
N VAL A 56 2.36 6.34 -7.60
CA VAL A 56 1.20 5.70 -8.29
C VAL A 56 1.55 5.45 -9.76
N GLY A 57 1.41 4.23 -10.19
CA GLY A 57 1.67 3.89 -11.62
C GLY A 57 0.36 3.71 -12.38
N GLU A 58 0.44 3.14 -13.55
CA GLU A 58 -0.79 2.93 -14.37
C GLU A 58 -1.77 2.02 -13.63
N GLN A 59 -3.04 2.15 -13.92
CA GLN A 59 -4.08 1.31 -13.25
C GLN A 59 -3.98 1.38 -11.71
N GLY A 60 -3.36 2.42 -11.17
CA GLY A 60 -3.39 2.61 -9.68
C GLY A 60 -2.50 1.59 -8.98
N SER A 61 -1.56 1.01 -9.68
CA SER A 61 -0.70 -0.06 -9.06
C SER A 61 0.38 0.56 -8.17
N VAL A 62 0.73 -0.12 -7.11
CA VAL A 62 1.85 0.35 -6.25
C VAL A 62 2.69 -0.87 -5.81
N ILE A 63 3.99 -0.70 -5.67
CA ILE A 63 4.87 -1.87 -5.33
C ILE A 63 5.43 -1.71 -3.91
N ILE A 64 5.19 -2.68 -3.07
CA ILE A 64 5.79 -2.66 -1.70
C ILE A 64 7.27 -3.12 -1.78
N PRO A 65 8.12 -2.53 -0.95
CA PRO A 65 9.57 -2.92 -0.98
C PRO A 65 9.75 -4.39 -0.55
N LYS A 66 10.55 -5.13 -1.27
CA LYS A 66 10.78 -6.57 -0.95
C LYS A 66 11.25 -6.72 0.52
N ALA A 67 12.03 -5.78 0.99
CA ALA A 67 12.56 -5.86 2.38
C ALA A 67 11.41 -5.96 3.39
N LEU A 68 10.35 -5.23 3.15
CA LEU A 68 9.19 -5.27 4.09
C LEU A 68 8.37 -6.54 3.87
N ARG A 69 8.30 -7.04 2.66
CA ARG A 69 7.52 -8.31 2.41
C ARG A 69 8.09 -9.44 3.28
N ASP A 70 9.40 -9.56 3.29
CA ASP A 70 10.05 -10.69 4.01
C ASP A 70 9.91 -10.51 5.53
N VAL A 71 10.18 -9.33 6.02
CA VAL A 71 10.08 -9.09 7.50
C VAL A 71 8.65 -9.36 7.98
N ILE A 72 7.68 -8.99 7.19
CA ILE A 72 6.26 -9.16 7.61
C ILE A 72 5.77 -10.60 7.35
N GLY A 73 6.46 -11.35 6.50
CA GLY A 73 6.06 -12.77 6.28
C GLY A 73 4.83 -12.84 5.38
N ILE A 74 4.73 -11.93 4.44
CA ILE A 74 3.48 -11.86 3.60
C ILE A 74 3.64 -12.71 2.33
N LYS A 75 2.58 -13.40 1.93
CA LYS A 75 2.68 -14.32 0.76
C LYS A 75 1.60 -13.98 -0.29
N PRO A 76 1.79 -14.46 -1.50
CA PRO A 76 0.80 -14.19 -2.58
C PRO A 76 -0.58 -14.75 -2.20
N GLY A 77 -1.62 -13.98 -2.40
CA GLY A 77 -3.00 -14.48 -2.14
C GLY A 77 -3.44 -14.17 -0.69
N GLU A 78 -2.60 -13.52 0.10
CA GLU A 78 -2.98 -13.21 1.51
C GLU A 78 -3.45 -11.76 1.64
N VAL A 79 -4.53 -11.55 2.35
CA VAL A 79 -5.15 -10.19 2.39
C VAL A 79 -4.61 -9.37 3.58
N ILE A 80 -4.27 -8.14 3.31
CA ILE A 80 -3.83 -7.21 4.39
C ILE A 80 -4.70 -5.94 4.35
N GLU A 81 -4.75 -5.23 5.44
CA GLU A 81 -5.49 -3.94 5.47
C GLU A 81 -4.51 -2.78 5.27
N VAL A 82 -4.83 -1.88 4.39
CA VAL A 82 -3.84 -0.82 4.01
C VAL A 82 -4.34 0.56 4.43
N LEU A 83 -3.51 1.30 5.10
CA LEU A 83 -3.90 2.68 5.54
C LEU A 83 -2.98 3.70 4.85
N LEU A 84 -3.54 4.71 4.23
CA LEU A 84 -2.69 5.82 3.71
C LEU A 84 -2.32 6.78 4.85
N LEU A 85 -1.09 7.23 4.86
CA LEU A 85 -0.62 8.07 6.00
C LEU A 85 -0.38 9.52 5.56
N GLY A 86 0.01 9.72 4.32
CA GLY A 86 0.32 11.12 3.86
C GLY A 86 0.47 11.18 2.33
N HIS A 87 0.82 12.32 1.80
CA HIS A 87 0.92 12.49 0.32
C HIS A 87 2.09 13.43 -0.04
N TYR A 88 2.64 13.29 -1.23
CA TYR A 88 3.71 14.23 -1.69
C TYR A 88 3.53 14.53 -3.18
N LYS A 89 3.87 15.74 -3.58
CA LYS A 89 3.73 16.12 -5.03
C LYS A 89 5.10 16.55 -5.61
N PRO A 90 5.25 16.43 -6.91
CA PRO A 90 6.53 16.84 -7.57
C PRO A 90 6.89 18.29 -7.24
N ARG A 91 8.15 18.61 -7.21
CA ARG A 91 8.58 20.01 -6.91
C ARG A 91 9.38 20.58 -8.08
N ASN A 92 9.19 21.85 -8.38
CA ASN A 92 9.93 22.48 -9.51
C ASN A 92 11.00 23.43 -8.98
#